data_3EJE
#
_entry.id   3EJE
#
_cell.length_a   61.200
_cell.length_b   92.000
_cell.length_c   108.000
_cell.angle_alpha   109.30
_cell.angle_beta   90.80
_cell.angle_gamma   90.10
#
_symmetry.space_group_name_H-M   'P 1'
#
loop_
_entity.id
_entity.type
_entity.pdbx_description
1 polymer 'Acyl carrier protein'
2 polymer 'Biotin biosynthesis cytochrome P450-like enzyme'
3 non-polymer 'S-[2-({N-[(2S)-2-hydroxy-3,3-dimethyl-4-(phosphonooxy)butanoyl]-beta-alanyl}amino)ethyl] (9Z)-octadec-9-enethioate'
4 non-polymer 'heptyl 1-thio-beta-D-glucopyranoside'
5 non-polymer 'PROTOPORPHYRIN IX CONTAINING FE'
6 water water
#
loop_
_entity_poly.entity_id
_entity_poly.type
_entity_poly.pdbx_seq_one_letter_code
_entity_poly.pdbx_strand_id
1 'polypeptide(L)'
;GSSHHHHHHSSGLVPRGSHMSTIEERVKKIIGEQLGVKQEEVTNNASFVEDLGADSLDTVELVMALEEEFDTEIPDEEAE
KITTVQAAIDYINGHQA
;
A,C,E,G
2 'polypeptide(L)'
;TIASSTASSEFLKNPYSFYDTLRAVHPIYKGSFLKYPGWYVTGYEETAAILKDARFKVRTPLPESSTKYQDLSHVQNQMM
LFQNQPDHRRLRTLASGAFTPRTTESYQPYIIETVHHLLDQVQGKKKMEVISDFAFPLASFVIANIIGVPEEDREQLKEW
AASLIQTIDFTRSRKALTEGNIMAVQAMAYFKELIQKRKRHPQQDMISMLLKGREKDKLTEEEAASTCILLAIAGHETTV
NLISNSVLCLLQHPEQLLKLRENPDLIGTAVEECLRYESPTQMTARVASEDIDICGVTIRQGEQVYLLLGAANRDPSIFT
NPDVFDITRSPNPHLSFGHGHHVCLGSSLARLEAQIAINTLLQRMPSLNLADFEWRYRPLFGFRALEELPVTFEASWSHP
QFEK
;
B,D,F,H
#
# COMPACT_ATOMS: atom_id res chain seq x y z
N SER A 18 63.98 -6.60 19.27
CA SER A 18 62.90 -5.58 19.23
C SER A 18 62.92 -4.79 17.93
N HIS A 19 61.75 -4.26 17.55
CA HIS A 19 61.61 -3.54 16.28
C HIS A 19 60.38 -2.62 16.30
N MET A 20 60.36 -1.65 15.39
CA MET A 20 59.20 -0.79 15.19
C MET A 20 58.02 -1.62 14.68
N SER A 21 56.80 -1.16 15.00
CA SER A 21 55.59 -1.86 14.57
C SER A 21 55.46 -1.89 13.05
N THR A 22 55.33 -3.10 12.50
CA THR A 22 55.07 -3.26 11.07
C THR A 22 53.59 -3.00 10.76
N ILE A 23 53.28 -2.89 9.48
CA ILE A 23 51.88 -2.76 9.02
C ILE A 23 51.01 -3.89 9.57
N GLU A 24 51.51 -5.12 9.45
CA GLU A 24 50.80 -6.30 9.91
C GLU A 24 50.55 -6.28 11.42
N GLU A 25 51.56 -5.89 12.18
CA GLU A 25 51.45 -5.82 13.64
C GLU A 25 50.46 -4.75 14.09
N ARG A 26 50.45 -3.63 13.37
CA ARG A 26 49.54 -2.53 13.66
C ARG A 26 48.08 -2.91 13.39
N VAL A 27 47.85 -3.61 12.28
CA VAL A 27 46.51 -4.08 11.93
C VAL A 27 46.00 -5.07 12.96
N LYS A 28 46.85 -6.01 13.36
CA LYS A 28 46.46 -7.09 14.26
C LYS A 28 46.22 -6.59 15.68
N LYS A 29 46.97 -5.58 16.10
CA LYS A 29 46.77 -4.95 17.41
C LYS A 29 45.39 -4.30 17.49
N ILE A 30 45.01 -3.60 16.43
CA ILE A 30 43.70 -2.96 16.34
C ILE A 30 42.57 -3.99 16.44
N ILE A 31 42.67 -5.04 15.63
CA ILE A 31 41.68 -6.13 15.64
C ILE A 31 41.60 -6.78 17.02
N GLY A 32 42.76 -7.03 17.63
CA GLY A 32 42.83 -7.64 18.96
C GLY A 32 42.15 -6.81 20.03
N GLU A 33 42.43 -5.52 20.05
CA GLU A 33 41.85 -4.60 21.03
C GLU A 33 40.35 -4.42 20.84
N GLN A 34 39.92 -4.46 19.58
CA GLN A 34 38.51 -4.27 19.24
C GLN A 34 37.66 -5.49 19.63
N LEU A 35 38.20 -6.68 19.36
CA LEU A 35 37.42 -7.91 19.49
C LEU A 35 37.75 -8.72 20.74
N GLY A 36 38.68 -8.20 21.54
CA GLY A 36 39.03 -8.82 22.82
C GLY A 36 39.80 -10.13 22.66
N VAL A 37 40.55 -10.25 21.57
CA VAL A 37 41.39 -11.41 21.34
C VAL A 37 42.87 -11.05 21.39
N LYS A 38 43.72 -12.04 21.63
CA LYS A 38 45.16 -11.83 21.67
C LYS A 38 45.71 -11.56 20.28
N GLN A 39 46.74 -10.72 20.19
CA GLN A 39 47.29 -10.27 18.92
C GLN A 39 47.96 -11.43 18.17
N GLU A 40 48.46 -12.39 18.93
CA GLU A 40 48.88 -13.68 18.39
C GLU A 40 47.71 -14.44 17.76
N GLU A 41 46.57 -14.48 18.47
CA GLU A 41 45.44 -15.31 18.07
C GLU A 41 44.81 -14.90 16.74
N VAL A 42 45.10 -13.68 16.29
CA VAL A 42 44.59 -13.21 15.01
C VAL A 42 45.47 -13.66 13.84
N THR A 43 44.93 -14.58 13.04
CA THR A 43 45.62 -15.09 11.86
C THR A 43 45.23 -14.32 10.61
N ASN A 44 46.10 -14.35 9.61
CA ASN A 44 45.93 -13.54 8.40
C ASN A 44 44.73 -13.95 7.55
N ASN A 45 44.42 -15.24 7.56
CA ASN A 45 43.32 -15.78 6.77
C ASN A 45 41.98 -15.77 7.49
N ALA A 46 41.98 -15.32 8.75
CA ALA A 46 40.78 -15.33 9.58
C ALA A 46 39.75 -14.30 9.10
N SER A 47 38.49 -14.76 9.00
CA SER A 47 37.38 -13.88 8.64
C SER A 47 36.89 -13.12 9.87
N PHE A 48 36.61 -11.84 9.68
CA PHE A 48 36.20 -10.98 10.78
C PHE A 48 34.89 -11.43 11.42
N VAL A 49 33.89 -11.71 10.59
CA VAL A 49 32.56 -12.06 11.07
C VAL A 49 32.48 -13.52 11.53
N GLU A 50 32.93 -14.44 10.69
CA GLU A 50 32.79 -15.87 10.96
C GLU A 50 33.75 -16.37 12.03
N ASP A 51 35.04 -16.08 11.85
CA ASP A 51 36.08 -16.62 12.74
C ASP A 51 36.26 -15.78 14.00
N LEU A 52 36.34 -14.46 13.83
CA LEU A 52 36.66 -13.57 14.94
C LEU A 52 35.42 -13.06 15.67
N GLY A 53 34.25 -13.26 15.06
CA GLY A 53 32.97 -13.01 15.72
C GLY A 53 32.59 -11.54 15.81
N ALA A 54 32.94 -10.77 14.79
CA ALA A 54 32.63 -9.34 14.75
C ALA A 54 31.17 -9.10 14.40
N ASP A 55 30.49 -8.28 15.21
CA ASP A 55 29.09 -7.93 14.94
C ASP A 55 28.97 -6.69 14.05
N SER A 56 27.74 -6.19 13.91
CA SER A 56 27.46 -5.09 12.98
C SER A 56 27.91 -3.71 13.49
N LEU A 57 28.43 -3.67 14.72
CA LEU A 57 29.12 -2.48 15.22
C LEU A 57 30.64 -2.67 15.15
N ASP A 58 31.10 -3.86 15.51
CA ASP A 58 32.53 -4.19 15.52
C ASP A 58 33.19 -3.86 14.19
N THR A 59 32.56 -4.24 13.09
CA THR A 59 33.13 -4.06 11.76
C THR A 59 33.22 -2.58 11.36
N VAL A 60 32.24 -1.80 11.79
CA VAL A 60 32.25 -0.35 11.55
C VAL A 60 33.35 0.31 12.37
N GLU A 61 33.47 -0.07 13.64
CA GLU A 61 34.49 0.48 14.52
C GLU A 61 35.90 0.04 14.13
N LEU A 62 35.99 -1.13 13.50
CA LEU A 62 37.26 -1.63 13.00
C LEU A 62 37.77 -0.77 11.84
N VAL A 63 36.89 -0.45 10.90
CA VAL A 63 37.23 0.41 9.77
C VAL A 63 37.63 1.81 10.24
N MET A 64 36.89 2.35 11.20
CA MET A 64 37.20 3.65 11.80
C MET A 64 38.60 3.64 12.43
N ALA A 65 38.90 2.57 13.15
CA ALA A 65 40.19 2.44 13.85
C ALA A 65 41.35 2.33 12.86
N LEU A 66 41.14 1.60 11.78
CA LEU A 66 42.14 1.44 10.73
C LEU A 66 42.35 2.74 9.94
N GLU A 67 41.25 3.44 9.65
CA GLU A 67 41.31 4.75 9.01
C GLU A 67 42.13 5.74 9.85
N GLU A 68 41.94 5.69 11.16
CA GLU A 68 42.64 6.57 12.08
C GLU A 68 44.12 6.20 12.19
N GLU A 69 44.40 4.91 12.33
CA GLU A 69 45.77 4.43 12.53
C GLU A 69 46.67 4.70 11.32
N PHE A 70 46.14 4.49 10.12
CA PHE A 70 46.94 4.60 8.91
C PHE A 70 46.64 5.88 8.13
N ASP A 71 45.91 6.80 8.77
CA ASP A 71 45.58 8.10 8.18
C ASP A 71 45.08 7.96 6.74
N THR A 72 44.06 7.13 6.55
CA THR A 72 43.52 6.86 5.23
C THR A 72 41.99 6.94 5.24
N GLU A 73 41.39 7.01 4.05
CA GLU A 73 39.94 7.04 3.91
C GLU A 73 39.48 5.90 2.99
N ILE A 74 38.79 4.92 3.58
CA ILE A 74 38.27 3.79 2.82
C ILE A 74 36.83 4.06 2.39
N PRO A 75 36.57 4.08 1.07
CA PRO A 75 35.20 4.14 0.57
C PRO A 75 34.39 2.91 0.99
N ASP A 76 33.08 3.08 1.15
CA ASP A 76 32.20 1.99 1.55
C ASP A 76 32.30 0.79 0.60
N GLU A 77 32.54 1.09 -0.68
CA GLU A 77 32.72 0.06 -1.71
C GLU A 77 33.88 -0.87 -1.40
N GLU A 78 35.01 -0.28 -0.98
CA GLU A 78 36.24 -1.03 -0.72
C GLU A 78 36.17 -1.78 0.60
N ALA A 79 35.51 -1.19 1.59
CA ALA A 79 35.36 -1.80 2.91
C ALA A 79 34.50 -3.07 2.84
N GLU A 80 33.51 -3.05 1.95
CA GLU A 80 32.64 -4.21 1.74
C GLU A 80 33.42 -5.42 1.21
N LYS A 81 34.46 -5.14 0.43
CA LYS A 81 35.32 -6.19 -0.14
C LYS A 81 36.16 -6.87 0.93
N ILE A 82 36.62 -6.09 1.90
CA ILE A 82 37.52 -6.59 2.95
C ILE A 82 36.74 -7.40 3.98
N THR A 83 37.00 -8.70 4.04
CA THR A 83 36.29 -9.61 4.94
C THR A 83 37.25 -10.45 5.76
N THR A 84 38.52 -10.46 5.37
CA THR A 84 39.54 -11.22 6.07
C THR A 84 40.73 -10.35 6.46
N VAL A 85 41.49 -10.81 7.45
CA VAL A 85 42.61 -10.04 8.00
C VAL A 85 43.66 -9.72 6.92
N GLN A 86 43.93 -10.70 6.06
CA GLN A 86 44.91 -10.53 4.98
C GLN A 86 44.46 -9.45 3.99
N ALA A 87 43.15 -9.40 3.71
CA ALA A 87 42.59 -8.40 2.81
C ALA A 87 42.76 -6.99 3.37
N ALA A 88 42.65 -6.86 4.69
CA ALA A 88 42.87 -5.58 5.36
C ALA A 88 44.35 -5.17 5.24
N ILE A 89 45.24 -6.10 5.56
CA ILE A 89 46.68 -5.88 5.41
C ILE A 89 47.06 -5.56 3.96
N ASP A 90 46.50 -6.32 3.02
CA ASP A 90 46.76 -6.11 1.58
C ASP A 90 46.33 -4.72 1.11
N TYR A 91 45.19 -4.25 1.62
CA TYR A 91 44.66 -2.95 1.23
C TYR A 91 45.53 -1.80 1.74
N ILE A 92 46.04 -1.95 2.96
CA ILE A 92 46.85 -0.90 3.59
C ILE A 92 48.24 -0.80 2.97
N ASN A 93 48.77 -1.95 2.51
CA ASN A 93 50.06 -1.97 1.81
C ASN A 93 50.02 -1.27 0.45
N GLY A 94 48.86 -1.32 -0.20
CA GLY A 94 48.52 -0.35 -1.23
C GLY A 94 47.98 0.91 -0.55
N HIS A 95 47.55 1.88 -1.35
CA HIS A 95 46.75 3.00 -0.83
C HIS A 95 47.49 3.78 0.25
N SER B 9 31.03 18.83 4.95
CA SER B 9 30.73 20.27 5.20
C SER B 9 29.72 20.82 4.21
N GLU B 10 29.86 20.41 2.95
CA GLU B 10 28.95 20.84 1.89
C GLU B 10 27.58 20.19 2.03
N PHE B 11 27.56 18.98 2.57
CA PHE B 11 26.32 18.27 2.86
C PHE B 11 25.53 18.98 3.95
N LEU B 12 26.24 19.44 4.99
CA LEU B 12 25.60 20.11 6.12
C LEU B 12 24.99 21.46 5.72
N LYS B 13 25.65 22.15 4.81
CA LYS B 13 25.16 23.44 4.32
C LYS B 13 23.89 23.28 3.49
N ASN B 14 23.86 22.23 2.67
CA ASN B 14 22.69 21.94 1.84
C ASN B 14 22.55 20.44 1.57
N PRO B 15 21.84 19.72 2.46
CA PRO B 15 21.61 18.30 2.29
C PRO B 15 20.53 17.99 1.25
N TYR B 16 19.73 19.01 0.92
CA TYR B 16 18.56 18.81 0.07
C TYR B 16 18.91 18.57 -1.39
N SER B 17 20.02 19.15 -1.83
CA SER B 17 20.56 18.84 -3.15
C SER B 17 21.02 17.38 -3.23
N PHE B 18 21.61 16.89 -2.14
CA PHE B 18 22.00 15.49 -2.02
C PHE B 18 20.78 14.57 -2.04
N TYR B 19 19.73 14.96 -1.31
CA TYR B 19 18.48 14.19 -1.28
C TYR B 19 17.83 14.13 -2.67
N ASP B 20 17.90 15.23 -3.41
CA ASP B 20 17.30 15.32 -4.73
C ASP B 20 17.92 14.33 -5.72
N THR B 21 19.24 14.19 -5.65
CA THR B 21 19.96 13.27 -6.53
C THR B 21 19.56 11.82 -6.30
N LEU B 22 19.35 11.46 -5.04
CA LEU B 22 18.90 10.13 -4.66
C LEU B 22 17.48 9.87 -5.14
N ARG B 23 16.62 10.89 -5.00
CA ARG B 23 15.21 10.76 -5.37
C ARG B 23 15.04 10.59 -6.88
N ALA B 24 15.92 11.22 -7.65
CA ALA B 24 15.88 11.14 -9.11
C ALA B 24 16.20 9.74 -9.62
N VAL B 25 17.11 9.07 -8.91
CA VAL B 25 17.42 7.66 -9.20
C VAL B 25 16.24 6.77 -8.81
N HIS B 26 15.95 6.72 -7.53
CA HIS B 26 14.81 5.97 -7.00
C HIS B 26 14.47 6.46 -5.60
N PRO B 27 13.17 6.68 -5.32
CA PRO B 27 12.71 7.12 -4.00
C PRO B 27 13.03 6.13 -2.88
N ILE B 28 13.32 4.89 -3.24
CA ILE B 28 13.95 3.94 -2.32
C ILE B 28 15.29 3.49 -2.89
N TYR B 29 16.37 4.06 -2.35
CA TYR B 29 17.69 3.98 -2.94
C TYR B 29 18.56 2.98 -2.17
N LYS B 30 19.06 1.96 -2.88
CA LYS B 30 20.00 1.02 -2.29
C LYS B 30 21.41 1.59 -2.35
N GLY B 31 22.03 1.74 -1.19
CA GLY B 31 23.36 2.32 -1.10
C GLY B 31 23.99 2.16 0.26
N SER B 32 25.09 2.88 0.49
CA SER B 32 25.81 2.83 1.74
C SER B 32 26.45 4.18 2.04
N PHE B 33 26.13 4.74 3.20
CA PHE B 33 26.69 6.02 3.61
C PHE B 33 27.23 5.96 5.04
N LEU B 34 28.43 6.51 5.21
CA LEU B 34 29.17 6.40 6.47
C LEU B 34 29.28 4.95 6.96
N LYS B 35 29.49 4.04 6.02
CA LYS B 35 29.72 2.62 6.31
C LYS B 35 28.47 1.85 6.72
N TYR B 36 27.30 2.47 6.54
CA TYR B 36 26.04 1.82 6.87
C TYR B 36 25.21 1.52 5.61
N PRO B 37 25.14 0.23 5.24
CA PRO B 37 24.41 -0.22 4.06
C PRO B 37 22.91 -0.37 4.34
N GLY B 38 22.09 -0.06 3.34
CA GLY B 38 20.65 -0.24 3.45
C GLY B 38 19.86 0.51 2.40
N TRP B 39 18.57 0.67 2.67
CA TRP B 39 17.69 1.41 1.76
C TRP B 39 17.41 2.81 2.28
N TYR B 40 17.81 3.81 1.49
CA TYR B 40 17.65 5.20 1.87
C TYR B 40 16.47 5.84 1.16
N VAL B 41 15.44 6.18 1.94
CA VAL B 41 14.14 6.56 1.39
C VAL B 41 13.95 8.08 1.38
N THR B 42 13.75 8.62 0.19
CA THR B 42 13.60 10.07 -0.01
C THR B 42 12.18 10.41 -0.45
N GLY B 43 11.41 9.40 -0.84
CA GLY B 43 10.05 9.60 -1.31
C GLY B 43 9.04 9.69 -0.17
N TYR B 44 8.08 10.61 -0.32
CA TYR B 44 7.07 10.85 0.70
C TYR B 44 6.14 9.65 0.89
N GLU B 45 5.55 9.19 -0.20
CA GLU B 45 4.61 8.08 -0.17
C GLU B 45 5.26 6.81 0.37
N GLU B 46 6.50 6.59 -0.04
CA GLU B 46 7.28 5.44 0.38
C GLU B 46 7.60 5.52 1.88
N THR B 47 8.01 6.72 2.33
CA THR B 47 8.31 6.95 3.73
C THR B 47 7.08 6.68 4.61
N ALA B 48 5.95 7.28 4.24
CA ALA B 48 4.71 7.11 4.99
C ALA B 48 4.26 5.65 5.05
N ALA B 49 4.39 4.96 3.93
CA ALA B 49 4.00 3.55 3.85
C ALA B 49 4.85 2.66 4.75
N ILE B 50 6.15 2.93 4.80
CA ILE B 50 7.08 2.16 5.62
C ILE B 50 6.85 2.39 7.12
N LEU B 51 6.62 3.65 7.48
CA LEU B 51 6.36 4.01 8.88
C LEU B 51 5.02 3.47 9.38
N LYS B 52 4.08 3.30 8.44
CA LYS B 52 2.76 2.76 8.75
C LYS B 52 2.80 1.25 8.92
N ASP B 53 3.78 0.61 8.28
CA ASP B 53 3.84 -0.85 8.17
C ASP B 53 4.56 -1.48 9.37
N ALA B 54 3.82 -2.25 10.17
CA ALA B 54 4.36 -2.86 11.39
C ALA B 54 5.38 -3.96 11.11
N ARG B 55 5.44 -4.42 9.86
CA ARG B 55 6.45 -5.39 9.43
C ARG B 55 7.85 -4.76 9.42
N PHE B 56 7.90 -3.46 9.17
CA PHE B 56 9.11 -2.68 9.39
C PHE B 56 9.20 -2.31 10.88
N LYS B 57 10.07 -3.00 11.60
CA LYS B 57 10.15 -2.84 13.05
C LYS B 57 11.23 -1.83 13.42
N VAL B 58 11.03 -1.16 14.56
CA VAL B 58 12.11 -0.41 15.18
C VAL B 58 13.13 -1.37 15.79
N ARG B 59 14.35 -0.88 15.98
CA ARG B 59 15.43 -1.71 16.50
C ARG B 59 16.40 -0.88 17.32
N THR B 60 17.17 -1.55 18.16
CA THR B 60 18.21 -0.91 18.96
C THR B 60 19.29 -0.34 18.04
N PRO B 61 19.73 0.91 18.31
CA PRO B 61 20.71 1.61 17.47
C PRO B 61 22.13 1.06 17.63
N LEU B 62 22.30 0.17 18.60
CA LEU B 62 23.50 -0.67 18.68
C LEU B 62 23.07 -2.14 18.64
N PRO B 63 23.99 -3.04 18.21
CA PRO B 63 23.63 -4.45 18.09
C PRO B 63 22.96 -4.99 19.36
N GLU B 64 21.90 -5.78 19.18
CA GLU B 64 21.06 -6.25 20.28
C GLU B 64 21.86 -6.89 21.42
N SER B 65 22.81 -7.75 21.05
CA SER B 65 23.51 -8.58 22.02
C SER B 65 24.89 -8.02 22.38
N SER B 66 25.15 -6.79 21.96
CA SER B 66 26.43 -6.13 22.24
C SER B 66 26.54 -5.68 23.69
N THR B 67 27.64 -6.01 24.34
CA THR B 67 27.92 -5.55 25.69
C THR B 67 29.20 -4.72 25.77
N LYS B 68 29.65 -4.22 24.62
CA LYS B 68 30.80 -3.33 24.56
C LYS B 68 30.50 -2.03 25.30
N TYR B 69 29.29 -1.52 25.10
CA TYR B 69 28.81 -0.37 25.85
C TYR B 69 27.57 -0.80 26.63
N GLN B 70 27.79 -1.61 27.66
CA GLN B 70 26.75 -2.37 28.35
C GLN B 70 25.67 -1.49 28.95
N ASP B 71 26.08 -0.40 29.59
CA ASP B 71 25.16 0.50 30.26
C ASP B 71 24.39 1.36 29.27
N LEU B 72 25.07 1.81 28.22
CA LEU B 72 24.44 2.56 27.13
C LEU B 72 23.38 1.69 26.42
N SER B 73 23.75 0.45 26.10
CA SER B 73 22.85 -0.47 25.45
C SER B 73 21.60 -0.74 26.28
N HIS B 74 21.79 -0.96 27.58
CA HIS B 74 20.68 -1.25 28.48
C HIS B 74 19.68 -0.09 28.57
N VAL B 75 20.19 1.13 28.65
CA VAL B 75 19.35 2.33 28.68
C VAL B 75 18.55 2.47 27.38
N GLN B 76 19.24 2.35 26.25
CA GLN B 76 18.62 2.46 24.93
C GLN B 76 17.53 1.41 24.72
N ASN B 77 17.85 0.16 25.06
CA ASN B 77 16.97 -0.97 24.77
C ASN B 77 15.66 -0.96 25.54
N GLN B 78 15.61 -0.19 26.61
CA GLN B 78 14.40 -0.09 27.44
C GLN B 78 13.48 1.06 27.02
N MET B 79 13.93 1.88 26.08
CA MET B 79 13.15 3.02 25.60
C MET B 79 12.08 2.60 24.59
N MET B 80 10.90 3.20 24.73
CA MET B 80 9.75 2.87 23.87
C MET B 80 10.05 3.10 22.39
N LEU B 81 10.99 4.01 22.11
CA LEU B 81 11.36 4.37 20.75
C LEU B 81 11.97 3.19 20.00
N PHE B 82 12.60 2.28 20.74
CA PHE B 82 13.29 1.14 20.15
C PHE B 82 12.64 -0.18 20.53
N GLN B 83 11.41 -0.12 21.02
CA GLN B 83 10.65 -1.31 21.43
C GLN B 83 9.50 -1.58 20.47
N ASN B 84 9.25 -2.85 20.21
CA ASN B 84 8.09 -3.28 19.42
C ASN B 84 7.00 -3.89 20.29
N GLN B 85 6.02 -4.53 19.65
CA GLN B 85 4.91 -5.17 20.36
C GLN B 85 5.39 -6.31 21.26
N PRO B 86 4.75 -6.48 22.43
CA PRO B 86 3.70 -5.63 22.97
C PRO B 86 4.23 -4.59 23.97
N ASP B 87 5.54 -4.52 24.14
CA ASP B 87 6.15 -3.62 25.12
C ASP B 87 5.99 -2.16 24.76
N HIS B 88 5.92 -1.86 23.47
CA HIS B 88 5.80 -0.48 23.00
C HIS B 88 4.52 0.18 23.49
N ARG B 89 3.38 -0.46 23.25
CA ARG B 89 2.08 0.09 23.64
C ARG B 89 2.00 0.32 25.14
N ARG B 90 2.52 -0.64 25.92
CA ARG B 90 2.56 -0.51 27.38
C ARG B 90 3.33 0.74 27.81
N LEU B 91 4.55 0.89 27.30
CA LEU B 91 5.42 2.01 27.67
C LEU B 91 4.85 3.35 27.20
N ARG B 92 4.32 3.37 25.97
CA ARG B 92 3.79 4.61 25.40
C ARG B 92 2.56 5.10 26.14
N THR B 93 1.61 4.19 26.37
CA THR B 93 0.37 4.51 27.07
C THR B 93 0.63 5.09 28.47
N LEU B 94 1.61 4.53 29.17
CA LEU B 94 1.94 4.97 30.52
C LEU B 94 2.53 6.38 30.57
N ALA B 95 3.23 6.76 29.50
CA ALA B 95 3.87 8.08 29.43
C ALA B 95 2.99 9.14 28.78
N SER B 96 1.93 8.68 28.11
CA SER B 96 1.09 9.54 27.27
C SER B 96 0.31 10.59 28.07
N GLY B 97 0.09 10.33 29.35
CA GLY B 97 -0.76 11.16 30.19
C GLY B 97 -0.25 12.59 30.36
N ALA B 98 1.06 12.77 30.22
CA ALA B 98 1.68 14.08 30.38
C ALA B 98 1.68 14.90 29.09
N PHE B 99 1.19 14.30 28.01
CA PHE B 99 1.29 14.92 26.68
C PHE B 99 -0.03 14.98 25.92
N THR B 100 -1.13 14.71 26.64
CA THR B 100 -2.47 14.90 26.09
C THR B 100 -2.70 16.37 25.74
N PRO B 101 -3.59 16.63 24.76
CA PRO B 101 -3.96 18.00 24.39
C PRO B 101 -4.31 18.86 25.61
N ARG B 102 -5.09 18.30 26.53
CA ARG B 102 -5.52 19.03 27.73
C ARG B 102 -4.37 19.36 28.67
N THR B 103 -3.51 18.38 28.92
CA THR B 103 -2.36 18.58 29.80
C THR B 103 -1.34 19.52 29.17
N THR B 104 -1.12 19.38 27.87
CA THR B 104 -0.21 20.25 27.13
C THR B 104 -0.64 21.72 27.22
N GLU B 105 -1.94 21.95 27.05
CA GLU B 105 -2.51 23.29 27.13
C GLU B 105 -2.31 23.91 28.51
N SER B 106 -2.22 23.07 29.53
CA SER B 106 -2.03 23.52 30.90
C SER B 106 -0.60 23.99 31.18
N TYR B 107 0.30 23.73 30.24
CA TYR B 107 1.70 24.17 30.36
C TYR B 107 1.88 25.60 29.86
N GLN B 108 0.89 26.11 29.14
CA GLN B 108 0.99 27.39 28.44
C GLN B 108 1.40 28.56 29.34
N PRO B 109 0.76 28.71 30.51
CA PRO B 109 1.14 29.77 31.45
C PRO B 109 2.63 29.76 31.79
N TYR B 110 3.17 28.60 32.13
CA TYR B 110 4.57 28.47 32.52
C TYR B 110 5.52 28.77 31.36
N ILE B 111 5.11 28.42 30.15
CA ILE B 111 5.92 28.67 28.96
C ILE B 111 5.98 30.16 28.61
N ILE B 112 4.81 30.82 28.64
CA ILE B 112 4.73 32.25 28.41
C ILE B 112 5.58 33.04 29.42
N GLU B 113 5.49 32.65 30.69
CA GLU B 113 6.23 33.35 31.75
C GLU B 113 7.74 33.12 31.65
N THR B 114 8.14 31.92 31.24
CA THR B 114 9.56 31.59 31.04
C THR B 114 10.14 32.34 29.84
N VAL B 115 9.36 32.43 28.76
CA VAL B 115 9.78 33.16 27.56
C VAL B 115 10.06 34.63 27.87
N HIS B 116 9.10 35.28 28.54
CA HIS B 116 9.24 36.69 28.93
C HIS B 116 10.43 36.90 29.87
N HIS B 117 10.60 35.98 30.81
CA HIS B 117 11.71 36.04 31.76
C HIS B 117 13.07 35.99 31.05
N LEU B 118 13.18 35.12 30.05
CA LEU B 118 14.44 34.94 29.32
C LEU B 118 14.74 36.12 28.41
N LEU B 119 13.71 36.72 27.84
CA LEU B 119 13.86 37.87 26.95
C LEU B 119 14.14 39.15 27.74
N ASP B 120 13.71 39.17 29.01
CA ASP B 120 14.02 40.27 29.92
C ASP B 120 15.53 40.40 30.15
N GLN B 121 16.22 39.26 30.21
CA GLN B 121 17.64 39.20 30.53
C GLN B 121 18.52 39.79 29.42
N VAL B 122 17.95 39.92 28.22
CA VAL B 122 18.71 40.33 27.05
C VAL B 122 18.12 41.56 26.36
N GLN B 123 16.96 42.01 26.85
CA GLN B 123 16.20 43.08 26.21
C GLN B 123 17.02 44.35 25.99
N GLY B 124 17.88 44.68 26.95
CA GLY B 124 18.67 45.90 26.90
C GLY B 124 20.00 45.76 26.19
N LYS B 125 20.33 44.54 25.78
CA LYS B 125 21.65 44.23 25.24
C LYS B 125 21.77 44.45 23.73
N LYS B 126 20.62 44.60 23.06
CA LYS B 126 20.56 44.82 21.62
C LYS B 126 21.14 43.66 20.79
N LYS B 127 21.50 42.58 21.48
CA LYS B 127 22.18 41.43 20.89
C LYS B 127 21.82 40.18 21.68
N MET B 128 21.73 39.03 21.00
CA MET B 128 21.57 37.75 21.69
C MET B 128 22.02 36.56 20.84
N GLU B 129 22.37 35.46 21.50
CA GLU B 129 22.54 34.19 20.82
C GLU B 129 21.30 33.33 21.05
N VAL B 130 20.52 33.13 19.99
CA VAL B 130 19.17 32.56 20.08
C VAL B 130 19.15 31.22 20.84
N ILE B 131 20.19 30.41 20.65
CA ILE B 131 20.24 29.08 21.27
C ILE B 131 20.60 29.14 22.75
N SER B 132 21.73 29.75 23.07
CA SER B 132 22.21 29.79 24.45
C SER B 132 21.38 30.69 25.37
N ASP B 133 20.83 31.76 24.81
CA ASP B 133 20.12 32.77 25.60
C ASP B 133 18.61 32.54 25.67
N PHE B 134 18.08 31.76 24.73
CA PHE B 134 16.63 31.70 24.54
C PHE B 134 16.11 30.28 24.32
N ALA B 135 16.47 29.68 23.18
CA ALA B 135 15.90 28.40 22.76
C ALA B 135 16.18 27.28 23.75
N PHE B 136 17.44 27.13 24.15
CA PHE B 136 17.84 26.05 25.04
C PHE B 136 17.28 26.19 26.46
N PRO B 137 17.46 27.37 27.10
CA PRO B 137 16.93 27.59 28.44
C PRO B 137 15.43 27.30 28.55
N LEU B 138 14.65 27.80 27.59
CA LEU B 138 13.21 27.56 27.57
C LEU B 138 12.89 26.07 27.54
N ALA B 139 13.42 25.37 26.54
CA ALA B 139 13.16 23.95 26.36
C ALA B 139 13.63 23.14 27.57
N SER B 140 14.78 23.52 28.13
CA SER B 140 15.32 22.86 29.31
C SER B 140 14.44 23.08 30.54
N PHE B 141 14.02 24.31 30.79
CA PHE B 141 13.15 24.63 31.91
C PHE B 141 11.82 23.88 31.83
N VAL B 142 11.22 23.87 30.65
CA VAL B 142 9.91 23.26 30.45
C VAL B 142 9.91 21.74 30.71
N ILE B 143 10.86 21.04 30.10
CA ILE B 143 10.91 19.58 30.21
C ILE B 143 11.34 19.10 31.60
N ALA B 144 12.23 19.85 32.23
CA ALA B 144 12.67 19.52 33.60
C ALA B 144 11.52 19.72 34.57
N ASN B 145 10.68 20.72 34.32
CA ASN B 145 9.50 20.99 35.11
C ASN B 145 8.44 19.89 34.97
N ILE B 146 8.27 19.39 33.75
CA ILE B 146 7.30 18.35 33.46
C ILE B 146 7.72 16.99 34.05
N ILE B 147 8.98 16.63 33.85
CA ILE B 147 9.52 15.39 34.38
C ILE B 147 9.56 15.43 35.91
N GLY B 148 10.00 16.55 36.46
CA GLY B 148 10.10 16.72 37.91
C GLY B 148 11.54 16.80 38.39
N VAL B 149 12.41 17.30 37.53
CA VAL B 149 13.82 17.46 37.87
C VAL B 149 14.03 18.81 38.56
N PRO B 150 14.60 18.79 39.78
CA PRO B 150 14.89 20.00 40.55
C PRO B 150 15.75 21.00 39.76
N GLU B 151 15.55 22.28 40.03
CA GLU B 151 16.26 23.34 39.31
C GLU B 151 17.77 23.25 39.48
N GLU B 152 18.22 22.65 40.59
CA GLU B 152 19.64 22.52 40.89
C GLU B 152 20.32 21.47 40.01
N ASP B 153 19.54 20.52 39.51
CA ASP B 153 20.08 19.41 38.72
C ASP B 153 19.83 19.59 37.21
N ARG B 154 19.42 20.80 36.83
CA ARG B 154 19.04 21.08 35.44
C ARG B 154 20.24 21.12 34.50
N GLU B 155 21.37 21.62 35.01
CA GLU B 155 22.59 21.77 34.23
C GLU B 155 23.21 20.41 33.90
N GLN B 156 23.05 19.47 34.82
CA GLN B 156 23.55 18.11 34.64
C GLN B 156 22.78 17.37 33.55
N LEU B 157 21.49 17.67 33.45
CA LEU B 157 20.62 17.10 32.40
C LEU B 157 21.07 17.52 31.01
N LYS B 158 21.49 18.77 30.88
CA LYS B 158 21.95 19.32 29.61
C LYS B 158 23.12 18.53 29.05
N GLU B 159 24.08 18.20 29.92
CA GLU B 159 25.28 17.47 29.55
C GLU B 159 24.95 16.04 29.09
N TRP B 160 24.07 15.38 29.83
CA TRP B 160 23.64 14.03 29.49
C TRP B 160 22.95 13.99 28.13
N ALA B 161 22.04 14.92 27.90
CA ALA B 161 21.27 14.98 26.66
C ALA B 161 22.15 15.16 25.43
N ALA B 162 23.08 16.12 25.50
CA ALA B 162 23.96 16.43 24.38
C ALA B 162 24.91 15.28 24.06
N SER B 163 25.26 14.51 25.07
CA SER B 163 26.16 13.37 24.91
C SER B 163 25.44 12.13 24.38
N LEU B 164 24.22 11.91 24.86
CA LEU B 164 23.47 10.70 24.52
C LEU B 164 22.82 10.78 23.14
N ILE B 165 22.50 11.99 22.69
CA ILE B 165 21.92 12.18 21.36
C ILE B 165 22.89 11.76 20.26
N GLN B 166 24.18 11.91 20.52
CA GLN B 166 25.21 11.56 19.54
C GLN B 166 25.35 10.05 19.33
N THR B 167 24.94 9.27 20.34
CA THR B 167 25.14 7.83 20.33
C THR B 167 24.25 7.09 19.32
N ILE B 168 23.28 7.81 18.77
CA ILE B 168 22.33 7.23 17.80
C ILE B 168 22.64 7.70 16.37
N ASP B 169 23.47 8.72 16.25
CA ASP B 169 23.72 9.36 14.97
C ASP B 169 24.78 8.63 14.15
N PHE B 170 24.67 8.72 12.82
CA PHE B 170 25.65 8.15 11.90
C PHE B 170 27.07 8.65 12.18
N THR B 171 27.18 9.88 12.68
CA THR B 171 28.47 10.53 12.89
C THR B 171 29.16 10.10 14.19
N ARG B 172 28.56 9.15 14.90
CA ARG B 172 29.10 8.69 16.17
C ARG B 172 30.48 8.03 16.01
N SER B 173 31.31 8.18 17.03
CA SER B 173 32.64 7.58 17.04
C SER B 173 32.79 6.66 18.26
N ARG B 174 33.89 5.93 18.31
CA ARG B 174 34.24 5.13 19.49
C ARG B 174 34.30 6.01 20.75
N LYS B 175 34.83 7.22 20.60
CA LYS B 175 34.94 8.16 21.71
C LYS B 175 33.56 8.63 22.19
N ALA B 176 32.66 8.88 21.25
CA ALA B 176 31.31 9.33 21.58
C ALA B 176 30.52 8.26 22.33
N LEU B 177 30.73 7.00 21.95
CA LEU B 177 30.03 5.89 22.56
C LEU B 177 30.57 5.54 23.94
N THR B 178 31.87 5.74 24.13
CA THR B 178 32.50 5.58 25.44
C THR B 178 32.02 6.65 26.41
N GLU B 179 31.99 7.90 25.95
CA GLU B 179 31.42 9.00 26.71
C GLU B 179 29.93 8.76 26.98
N GLY B 180 29.22 8.24 26.00
CA GLY B 180 27.80 7.91 26.13
C GLY B 180 27.53 6.90 27.23
N ASN B 181 28.37 5.87 27.31
CA ASN B 181 28.22 4.85 28.34
C ASN B 181 28.38 5.40 29.76
N ILE B 182 29.31 6.35 29.91
CA ILE B 182 29.52 7.04 31.20
C ILE B 182 28.30 7.88 31.58
N MET B 183 27.75 8.60 30.61
CA MET B 183 26.59 9.45 30.85
C MET B 183 25.34 8.60 31.12
N ALA B 184 25.29 7.42 30.52
CA ALA B 184 24.20 6.47 30.75
C ALA B 184 24.20 5.98 32.19
N VAL B 185 25.39 5.67 32.72
CA VAL B 185 25.55 5.30 34.12
C VAL B 185 25.06 6.42 35.04
N GLN B 186 25.52 7.65 34.76
CA GLN B 186 25.19 8.81 35.58
C GLN B 186 23.70 9.12 35.58
N ALA B 187 23.10 9.17 34.38
CA ALA B 187 21.69 9.50 34.23
C ALA B 187 20.78 8.48 34.90
N MET B 188 21.10 7.19 34.70
CA MET B 188 20.32 6.11 35.27
C MET B 188 20.39 6.10 36.79
N ALA B 189 21.57 6.39 37.33
CA ALA B 189 21.76 6.45 38.78
C ALA B 189 21.00 7.63 39.39
N TYR B 190 20.98 8.75 38.68
CA TYR B 190 20.28 9.94 39.14
C TYR B 190 18.77 9.74 39.20
N PHE B 191 18.21 9.20 38.12
CA PHE B 191 16.76 9.03 38.03
C PHE B 191 16.24 7.92 38.94
N LYS B 192 17.07 6.91 39.19
CA LYS B 192 16.74 5.89 40.18
C LYS B 192 16.61 6.50 41.57
N GLU B 193 17.53 7.41 41.90
CA GLU B 193 17.49 8.12 43.18
C GLU B 193 16.26 9.03 43.27
N LEU B 194 15.98 9.75 42.19
CA LEU B 194 14.83 10.64 42.12
C LEU B 194 13.52 9.87 42.21
N ILE B 195 13.50 8.66 41.65
CA ILE B 195 12.34 7.78 41.74
C ILE B 195 12.09 7.31 43.17
N GLN B 196 13.17 7.04 43.91
CA GLN B 196 13.06 6.62 45.32
C GLN B 196 12.42 7.70 46.18
N LYS B 197 12.76 8.96 45.90
CA LYS B 197 12.20 10.10 46.62
C LYS B 197 10.72 10.29 46.30
N ARG B 198 10.36 10.10 45.03
CA ARG B 198 8.98 10.25 44.58
C ARG B 198 8.11 9.06 45.01
N LYS B 199 8.74 7.92 45.26
CA LYS B 199 8.06 6.75 45.80
C LYS B 199 7.58 7.03 47.23
N ARG B 200 8.45 7.67 48.01
CA ARG B 200 8.14 8.07 49.38
C ARG B 200 7.23 9.29 49.42
N HIS B 201 7.59 10.31 48.63
CA HIS B 201 6.83 11.56 48.57
C HIS B 201 6.48 11.92 47.14
N PRO B 202 5.32 11.45 46.65
CA PRO B 202 4.87 11.77 45.30
C PRO B 202 4.65 13.27 45.11
N GLN B 203 4.99 13.78 43.93
CA GLN B 203 4.79 15.18 43.61
C GLN B 203 3.92 15.34 42.35
N GLN B 204 3.71 16.59 41.94
CA GLN B 204 2.91 16.88 40.76
C GLN B 204 3.77 16.86 39.49
N ASP B 205 4.34 15.70 39.19
CA ASP B 205 5.21 15.56 38.02
C ASP B 205 5.05 14.19 37.35
N MET B 206 5.80 14.00 36.27
CA MET B 206 5.64 12.81 35.44
C MET B 206 6.18 11.55 36.09
N ILE B 207 7.30 11.68 36.82
CA ILE B 207 7.89 10.55 37.54
C ILE B 207 6.86 9.89 38.47
N SER B 208 6.17 10.72 39.23
CA SER B 208 5.12 10.25 40.14
C SER B 208 3.97 9.59 39.37
N MET B 209 3.60 10.19 38.25
CA MET B 209 2.55 9.65 37.38
C MET B 209 2.93 8.27 36.85
N LEU B 210 4.20 8.11 36.48
CA LEU B 210 4.73 6.83 36.03
C LEU B 210 4.69 5.78 37.12
N LEU B 211 4.99 6.19 38.35
CA LEU B 211 5.05 5.29 39.50
C LEU B 211 3.66 4.81 39.92
N LYS B 212 2.65 5.64 39.68
CA LYS B 212 1.26 5.25 39.90
C LYS B 212 0.82 4.16 38.93
N LYS B 218 1.78 -1.33 34.01
CA LYS B 218 2.83 -1.50 35.00
C LYS B 218 4.21 -1.32 34.38
N LEU B 219 5.16 -0.84 35.18
CA LEU B 219 6.45 -0.39 34.69
C LEU B 219 7.50 -0.61 35.79
N THR B 220 8.65 -1.17 35.43
CA THR B 220 9.77 -1.28 36.37
C THR B 220 10.40 0.08 36.63
N GLU B 221 11.14 0.19 37.73
CA GLU B 221 11.78 1.46 38.11
C GLU B 221 12.87 1.85 37.12
N GLU B 222 13.43 0.85 36.43
CA GLU B 222 14.42 1.10 35.39
C GLU B 222 13.78 1.57 34.08
N GLU B 223 12.60 1.02 33.77
CA GLU B 223 11.83 1.45 32.60
C GLU B 223 11.34 2.88 32.76
N ALA B 224 11.01 3.26 34.00
CA ALA B 224 10.62 4.62 34.31
C ALA B 224 11.78 5.59 34.17
N ALA B 225 12.97 5.14 34.59
CA ALA B 225 14.17 5.96 34.49
C ALA B 225 14.57 6.21 33.04
N SER B 226 14.53 5.14 32.23
CA SER B 226 14.87 5.26 30.81
C SER B 226 13.83 6.08 30.04
N THR B 227 12.57 6.00 30.47
CA THR B 227 11.51 6.86 29.94
C THR B 227 11.81 8.34 30.20
N CYS B 228 12.21 8.64 31.44
CA CYS B 228 12.58 10.01 31.81
C CYS B 228 13.78 10.51 31.01
N ILE B 229 14.78 9.65 30.83
CA ILE B 229 15.96 10.00 30.05
C ILE B 229 15.60 10.31 28.59
N LEU B 230 14.76 9.47 28.01
CA LEU B 230 14.30 9.66 26.62
C LEU B 230 13.61 11.01 26.45
N LEU B 231 12.66 11.30 27.34
CA LEU B 231 11.90 12.55 27.26
C LEU B 231 12.78 13.77 27.53
N ALA B 232 13.77 13.61 28.40
CA ALA B 232 14.73 14.67 28.69
C ALA B 232 15.58 15.03 27.47
N ILE B 233 16.04 14.00 26.74
CA ILE B 233 16.84 14.23 25.53
C ILE B 233 15.99 14.85 24.43
N ALA B 234 14.79 14.30 24.22
CA ALA B 234 13.87 14.82 23.21
C ALA B 234 13.47 16.26 23.51
N GLY B 235 13.21 16.56 24.79
CA GLY B 235 12.83 17.89 25.22
C GLY B 235 13.91 18.93 25.02
N HIS B 236 15.16 18.52 25.22
CA HIS B 236 16.29 19.39 24.98
C HIS B 236 16.57 19.52 23.48
N GLU B 237 17.13 18.47 22.89
CA GLU B 237 17.75 18.55 21.57
C GLU B 237 16.82 19.05 20.46
N THR B 238 15.73 18.32 20.22
CA THR B 238 14.89 18.55 19.04
C THR B 238 14.09 19.84 19.10
N THR B 239 13.55 20.15 20.29
CA THR B 239 12.73 21.36 20.46
C THR B 239 13.57 22.63 20.31
N VAL B 240 14.80 22.59 20.84
CA VAL B 240 15.75 23.68 20.66
C VAL B 240 16.01 23.94 19.17
N ASN B 241 16.20 22.86 18.41
CA ASN B 241 16.43 22.94 16.98
C ASN B 241 15.25 23.52 16.20
N LEU B 242 14.04 23.13 16.60
CA LEU B 242 12.83 23.66 15.97
C LEU B 242 12.75 25.18 16.11
N ILE B 243 12.96 25.67 17.33
CA ILE B 243 12.91 27.11 17.60
C ILE B 243 13.97 27.86 16.80
N SER B 244 15.23 27.41 16.89
CA SER B 244 16.35 28.09 16.25
C SER B 244 16.32 28.00 14.72
N ASN B 245 15.93 26.84 14.19
CA ASN B 245 15.74 26.67 12.75
C ASN B 245 14.65 27.57 12.21
N SER B 246 13.56 27.71 12.98
CA SER B 246 12.44 28.55 12.60
C SER B 246 12.83 30.03 12.54
N VAL B 247 13.58 30.48 13.54
CA VAL B 247 14.05 31.86 13.59
C VAL B 247 14.95 32.18 12.40
N LEU B 248 15.88 31.27 12.09
CA LEU B 248 16.76 31.43 10.94
C LEU B 248 15.97 31.46 9.64
N CYS B 249 15.03 30.52 9.50
CA CYS B 249 14.16 30.45 8.33
C CYS B 249 13.45 31.77 8.07
N LEU B 250 12.82 32.32 9.11
CA LEU B 250 12.04 33.54 8.99
C LEU B 250 12.92 34.76 8.66
N LEU B 251 14.11 34.80 9.24
CA LEU B 251 15.03 35.91 9.00
C LEU B 251 15.66 35.85 7.61
N GLN B 252 15.83 34.64 7.07
CA GLN B 252 16.31 34.46 5.71
C GLN B 252 15.22 34.76 4.68
N HIS B 253 13.97 34.81 5.15
CA HIS B 253 12.85 35.18 4.30
C HIS B 253 12.06 36.34 4.93
N PRO B 254 12.58 37.55 4.80
CA PRO B 254 12.04 38.70 5.53
C PRO B 254 10.60 39.01 5.13
N GLU B 255 10.13 38.39 4.08
CA GLU B 255 8.86 38.73 3.48
C GLU B 255 7.59 38.03 3.94
N GLN B 256 7.73 36.75 4.26
CA GLN B 256 6.94 36.13 5.33
C GLN B 256 7.75 36.06 6.63
N LEU B 257 8.29 37.19 7.05
CA LEU B 257 8.47 37.48 8.46
C LEU B 257 7.71 38.75 8.87
N LEU B 258 7.83 39.79 8.04
CA LEU B 258 6.88 40.90 8.08
C LEU B 258 5.44 40.40 8.18
N LYS B 259 5.12 39.37 7.41
CA LYS B 259 3.75 38.90 7.28
C LYS B 259 3.26 38.28 8.58
N LEU B 260 4.12 37.51 9.24
CA LEU B 260 3.78 36.89 10.50
C LEU B 260 3.83 37.89 11.65
N ARG B 261 4.70 38.89 11.51
CA ARG B 261 4.81 39.95 12.51
C ARG B 261 3.54 40.79 12.55
N GLU B 262 2.99 41.09 11.38
CA GLU B 262 1.77 41.89 11.29
C GLU B 262 0.52 41.08 11.66
N ASN B 263 0.63 39.75 11.60
CA ASN B 263 -0.47 38.88 12.01
C ASN B 263 0.00 37.64 12.76
N PRO B 264 -0.01 37.71 14.11
CA PRO B 264 0.49 36.65 14.98
C PRO B 264 -0.35 35.38 14.93
N ASP B 265 -1.55 35.47 14.35
CA ASP B 265 -2.43 34.31 14.22
C ASP B 265 -1.94 33.35 13.15
N LEU B 266 -0.96 33.79 12.36
CA LEU B 266 -0.36 32.94 11.33
C LEU B 266 0.73 32.03 11.90
N ILE B 267 0.93 32.11 13.21
CA ILE B 267 2.00 31.37 13.87
C ILE B 267 1.85 29.85 13.72
N GLY B 268 0.60 29.38 13.72
CA GLY B 268 0.31 27.96 13.59
C GLY B 268 0.78 27.38 12.27
N THR B 269 0.34 27.99 11.18
CA THR B 269 0.72 27.54 9.84
C THR B 269 2.18 27.85 9.51
N ALA B 270 2.75 28.85 10.17
CA ALA B 270 4.15 29.21 9.99
C ALA B 270 5.08 28.18 10.63
N VAL B 271 4.72 27.72 11.83
CA VAL B 271 5.51 26.71 12.53
C VAL B 271 5.49 25.37 11.78
N GLU B 272 4.36 25.04 11.16
CA GLU B 272 4.23 23.81 10.38
C GLU B 272 5.13 23.84 9.15
N GLU B 273 5.22 25.00 8.50
CA GLU B 273 6.09 25.15 7.33
C GLU B 273 7.56 25.19 7.70
N CYS B 274 7.86 25.68 8.91
CA CYS B 274 9.22 25.58 9.44
C CYS B 274 9.58 24.13 9.71
N LEU B 275 8.63 23.36 10.22
CA LEU B 275 8.81 21.92 10.44
C LEU B 275 9.06 21.18 9.13
N ARG B 276 8.33 21.54 8.08
CA ARG B 276 8.51 20.92 6.77
C ARG B 276 9.84 21.30 6.13
N TYR B 277 10.20 22.58 6.22
CA TYR B 277 11.31 23.15 5.45
C TYR B 277 12.68 22.84 6.04
N GLU B 278 12.79 22.95 7.37
CA GLU B 278 14.04 22.62 8.06
C GLU B 278 13.77 21.71 9.25
N SER B 279 13.49 20.44 8.95
CA SER B 279 13.06 19.46 9.95
C SER B 279 14.18 19.19 10.96
N PRO B 280 13.88 19.41 12.26
CA PRO B 280 14.82 19.12 13.34
C PRO B 280 15.36 17.68 13.28
N THR B 281 14.47 16.73 12.98
CA THR B 281 14.87 15.34 12.78
C THR B 281 14.94 15.03 11.29
N GLN B 282 16.12 14.63 10.84
CA GLN B 282 16.33 14.38 9.42
C GLN B 282 16.19 12.90 9.07
N MET B 283 16.37 12.03 10.07
CA MET B 283 16.39 10.59 9.83
C MET B 283 15.73 9.81 10.96
N THR B 284 14.96 8.79 10.60
CA THR B 284 14.73 7.66 11.48
C THR B 284 14.96 6.36 10.72
N ALA B 285 14.82 5.23 11.40
CA ALA B 285 15.24 3.96 10.82
C ALA B 285 14.33 2.79 11.20
N ARG B 286 14.27 1.81 10.31
CA ARG B 286 13.52 0.57 10.56
C ARG B 286 14.31 -0.64 10.06
N VAL B 287 13.99 -1.81 10.59
CA VAL B 287 14.50 -3.06 10.04
C VAL B 287 13.36 -3.96 9.56
N ALA B 288 13.55 -4.58 8.40
CA ALA B 288 12.55 -5.48 7.84
C ALA B 288 12.54 -6.82 8.57
N SER B 289 11.41 -7.17 9.17
CA SER B 289 11.27 -8.42 9.91
C SER B 289 10.94 -9.59 8.99
N GLU B 290 10.65 -9.27 7.73
CA GLU B 290 10.47 -10.28 6.68
C GLU B 290 10.69 -9.65 5.31
N ASP B 291 10.62 -10.47 4.27
CA ASP B 291 10.74 -9.96 2.90
C ASP B 291 9.51 -9.13 2.52
N ILE B 292 9.75 -7.90 2.09
CA ILE B 292 8.68 -6.95 1.82
C ILE B 292 8.84 -6.32 0.44
N ASP B 293 7.79 -6.39 -0.38
CA ASP B 293 7.77 -5.73 -1.68
C ASP B 293 7.09 -4.38 -1.59
N ILE B 294 7.81 -3.33 -2.00
CA ILE B 294 7.26 -1.98 -2.03
C ILE B 294 7.90 -1.16 -3.16
N CYS B 295 7.08 -0.34 -3.81
CA CYS B 295 7.55 0.61 -4.82
C CYS B 295 8.48 -0.02 -5.86
N GLY B 296 8.19 -1.27 -6.23
CA GLY B 296 8.92 -1.95 -7.29
C GLY B 296 10.29 -2.47 -6.87
N VAL B 297 10.53 -2.55 -5.58
CA VAL B 297 11.73 -3.20 -5.05
C VAL B 297 11.38 -4.20 -3.95
N THR B 298 12.33 -5.10 -3.65
CA THR B 298 12.16 -6.07 -2.58
C THR B 298 13.18 -5.82 -1.48
N ILE B 299 12.68 -5.51 -0.28
CA ILE B 299 13.54 -5.39 0.89
C ILE B 299 13.50 -6.70 1.69
N ARG B 300 14.66 -7.34 1.80
CA ARG B 300 14.74 -8.67 2.40
C ARG B 300 14.86 -8.59 3.92
N GLN B 301 14.47 -9.67 4.59
CA GLN B 301 14.53 -9.76 6.03
C GLN B 301 15.93 -9.40 6.56
N GLY B 302 15.97 -8.52 7.56
CA GLY B 302 17.21 -8.17 8.23
C GLY B 302 17.87 -6.92 7.69
N GLU B 303 17.45 -6.47 6.52
CA GLU B 303 18.04 -5.30 5.89
C GLU B 303 17.54 -4.00 6.53
N GLN B 304 18.42 -3.00 6.58
CA GLN B 304 18.14 -1.76 7.27
C GLN B 304 17.51 -0.73 6.33
N VAL B 305 16.52 0.00 6.84
CA VAL B 305 15.84 1.01 6.05
C VAL B 305 15.94 2.36 6.73
N TYR B 306 16.45 3.34 5.99
CA TYR B 306 16.70 4.66 6.55
C TYR B 306 15.78 5.73 5.92
N LEU B 307 14.91 6.28 6.75
CA LEU B 307 13.88 7.19 6.29
C LEU B 307 14.32 8.63 6.47
N LEU B 308 14.53 9.31 5.35
CA LEU B 308 15.02 10.68 5.36
C LEU B 308 13.84 11.65 5.33
N LEU B 309 13.42 12.07 6.53
CA LEU B 309 12.17 12.83 6.71
C LEU B 309 12.23 14.21 6.07
N GLY B 310 13.39 14.85 6.14
CA GLY B 310 13.61 16.13 5.48
C GLY B 310 13.50 16.02 3.98
N ALA B 311 13.97 14.89 3.44
CA ALA B 311 13.88 14.63 2.01
C ALA B 311 12.44 14.39 1.56
N ALA B 312 11.70 13.59 2.33
CA ALA B 312 10.29 13.33 2.06
C ALA B 312 9.46 14.62 2.10
N ASN B 313 9.84 15.53 3.00
CA ASN B 313 9.18 16.82 3.11
C ASN B 313 9.44 17.74 1.92
N ARG B 314 10.36 17.33 1.04
CA ARG B 314 10.68 18.09 -0.16
C ARG B 314 10.22 17.37 -1.44
N ASP B 315 9.34 16.39 -1.28
CA ASP B 315 8.84 15.59 -2.41
C ASP B 315 7.88 16.42 -3.26
N PRO B 316 8.26 16.72 -4.52
CA PRO B 316 7.49 17.61 -5.38
C PRO B 316 6.13 17.04 -5.81
N SER B 317 5.89 15.77 -5.53
CA SER B 317 4.62 15.13 -5.86
C SER B 317 3.58 15.35 -4.76
N ILE B 318 4.02 15.89 -3.63
CA ILE B 318 3.12 16.19 -2.52
C ILE B 318 3.09 17.70 -2.25
N PHE B 319 4.27 18.31 -2.27
CA PHE B 319 4.40 19.75 -2.01
C PHE B 319 4.86 20.45 -3.28
N THR B 320 3.97 21.24 -3.87
CA THR B 320 4.33 22.00 -5.07
C THR B 320 5.36 23.08 -4.74
N ASN B 321 6.34 23.23 -5.63
CA ASN B 321 7.50 24.07 -5.36
C ASN B 321 8.07 23.81 -3.97
N PRO B 322 8.60 22.59 -3.75
CA PRO B 322 8.93 22.10 -2.40
C PRO B 322 10.09 22.85 -1.76
N ASP B 323 10.92 23.50 -2.57
CA ASP B 323 12.06 24.25 -2.05
C ASP B 323 11.70 25.71 -1.76
N VAL B 324 10.43 26.05 -1.91
CA VAL B 324 9.93 27.37 -1.57
C VAL B 324 9.36 27.40 -0.16
N PHE B 325 9.85 28.33 0.65
CA PHE B 325 9.36 28.53 2.01
C PHE B 325 8.12 29.42 1.98
N ASP B 326 6.96 28.82 2.22
CA ASP B 326 5.68 29.53 2.16
C ASP B 326 4.84 29.24 3.40
N ILE B 327 4.77 30.21 4.30
CA ILE B 327 4.11 30.01 5.60
C ILE B 327 2.60 29.89 5.50
N THR B 328 2.04 30.15 4.32
CA THR B 328 0.59 30.04 4.11
C THR B 328 0.19 28.67 3.54
N ARG B 329 1.17 27.78 3.40
CA ARG B 329 0.94 26.42 2.90
C ARG B 329 -0.11 25.71 3.74
N SER B 330 -1.18 25.27 3.10
CA SER B 330 -2.28 24.58 3.78
C SER B 330 -3.00 23.58 2.88
N PRO B 331 -3.14 22.32 3.35
CA PRO B 331 -2.58 21.88 4.62
C PRO B 331 -1.11 21.50 4.46
N ASN B 332 -0.49 21.05 5.55
CA ASN B 332 0.93 20.74 5.53
C ASN B 332 1.21 19.38 6.18
N PRO B 333 0.98 18.29 5.42
CA PRO B 333 1.11 16.95 5.95
C PRO B 333 2.57 16.46 6.00
N HIS B 334 3.45 17.30 6.54
CA HIS B 334 4.87 16.96 6.67
C HIS B 334 5.07 15.74 7.59
N LEU B 335 6.22 15.10 7.47
CA LEU B 335 6.53 13.89 8.25
C LEU B 335 7.59 14.14 9.32
N SER B 336 7.73 15.40 9.73
CA SER B 336 8.77 15.79 10.67
C SER B 336 8.61 15.12 12.05
N PHE B 337 7.38 14.81 12.41
CA PHE B 337 7.08 14.12 13.66
C PHE B 337 6.91 12.61 13.46
N GLY B 338 7.22 12.13 12.27
CA GLY B 338 7.07 10.73 11.94
C GLY B 338 5.65 10.37 11.53
N HIS B 339 5.30 9.09 11.70
CA HIS B 339 4.05 8.55 11.18
C HIS B 339 3.83 7.15 11.76
N GLY B 340 2.58 6.81 12.03
CA GLY B 340 2.22 5.47 12.50
C GLY B 340 2.32 5.32 14.00
N HIS B 341 2.69 4.11 14.44
CA HIS B 341 2.64 3.76 15.86
C HIS B 341 3.62 4.55 16.74
N HIS B 342 4.75 4.92 16.16
CA HIS B 342 5.81 5.59 16.91
C HIS B 342 5.80 7.10 16.73
N VAL B 343 4.73 7.62 16.14
CA VAL B 343 4.60 9.06 15.88
C VAL B 343 4.86 9.87 17.16
N CYS B 344 5.54 10.99 16.99
CA CYS B 344 6.02 11.77 18.13
C CYS B 344 4.99 11.92 19.25
N LEU B 345 5.40 11.57 20.46
CA LEU B 345 4.54 11.65 21.63
C LEU B 345 4.37 13.08 22.12
N GLY B 346 5.41 13.89 21.96
CA GLY B 346 5.41 15.26 22.49
C GLY B 346 5.23 16.34 21.43
N SER B 347 4.56 16.01 20.33
CA SER B 347 4.43 16.93 19.20
C SER B 347 3.63 18.17 19.54
N SER B 348 2.62 18.02 20.41
CA SER B 348 1.79 19.15 20.84
C SER B 348 2.59 20.12 21.70
N LEU B 349 3.42 19.58 22.58
CA LEU B 349 4.27 20.39 23.44
C LEU B 349 5.32 21.14 22.63
N ALA B 350 5.96 20.45 21.70
CA ALA B 350 6.96 21.03 20.82
C ALA B 350 6.39 22.20 20.03
N ARG B 351 5.21 22.00 19.44
CA ARG B 351 4.51 23.04 18.68
C ARG B 351 4.21 24.25 19.55
N LEU B 352 3.73 23.99 20.77
CA LEU B 352 3.33 25.05 21.69
C LEU B 352 4.52 25.91 22.13
N GLU B 353 5.62 25.24 22.48
CA GLU B 353 6.86 25.92 22.85
C GLU B 353 7.35 26.82 21.73
N ALA B 354 7.34 26.30 20.51
CA ALA B 354 7.82 27.03 19.34
C ALA B 354 6.91 28.21 19.01
N GLN B 355 5.61 27.99 19.05
CA GLN B 355 4.62 29.03 18.74
C GLN B 355 4.74 30.23 19.68
N ILE B 356 4.80 29.94 20.98
CA ILE B 356 4.90 31.00 22.00
C ILE B 356 6.24 31.71 21.92
N ALA B 357 7.33 30.95 21.79
CA ALA B 357 8.67 31.50 21.72
C ALA B 357 8.86 32.45 20.54
N ILE B 358 8.40 32.03 19.36
CA ILE B 358 8.60 32.80 18.13
C ILE B 358 7.72 34.05 18.07
N ASN B 359 6.44 33.89 18.38
CA ASN B 359 5.51 35.02 18.41
C ASN B 359 5.91 36.11 19.41
N THR B 360 6.33 35.69 20.60
CA THR B 360 6.77 36.63 21.62
C THR B 360 8.06 37.34 21.24
N LEU B 361 9.01 36.58 20.68
CA LEU B 361 10.27 37.15 20.19
C LEU B 361 10.04 38.25 19.16
N LEU B 362 9.16 37.98 18.20
CA LEU B 362 8.86 38.94 17.15
C LEU B 362 8.10 40.16 17.67
N GLN B 363 7.32 39.95 18.73
CA GLN B 363 6.59 41.04 19.37
C GLN B 363 7.52 41.95 20.16
N ARG B 364 8.50 41.35 20.84
CA ARG B 364 9.36 42.09 21.76
C ARG B 364 10.62 42.62 21.11
N MET B 365 11.00 42.05 19.96
CA MET B 365 12.15 42.55 19.19
C MET B 365 11.72 42.98 17.79
N PRO B 366 11.18 44.21 17.67
CA PRO B 366 10.56 44.70 16.43
C PRO B 366 11.53 44.85 15.26
N SER B 367 12.82 44.97 15.56
CA SER B 367 13.83 45.18 14.52
C SER B 367 14.86 44.05 14.49
N LEU B 368 14.38 42.81 14.62
CA LEU B 368 15.25 41.64 14.69
C LEU B 368 15.97 41.39 13.38
N ASN B 369 17.29 41.26 13.45
CA ASN B 369 18.12 41.02 12.28
C ASN B 369 19.19 39.95 12.53
N LEU B 370 19.66 39.32 11.47
CA LEU B 370 20.75 38.36 11.54
C LEU B 370 22.09 39.07 11.67
N ALA B 371 22.96 38.53 12.54
CA ALA B 371 24.35 38.94 12.58
C ALA B 371 25.15 38.19 11.51
N TRP B 375 26.56 30.78 9.12
CA TRP B 375 26.09 29.90 10.17
C TRP B 375 26.68 28.49 10.06
N ARG B 376 26.78 27.82 11.20
CA ARG B 376 27.38 26.49 11.25
C ARG B 376 26.40 25.47 11.83
N TYR B 377 26.35 24.31 11.22
CA TYR B 377 25.52 23.21 11.73
C TYR B 377 26.38 22.20 12.48
N ARG B 378 25.83 21.69 13.58
CA ARG B 378 26.47 20.62 14.35
C ARG B 378 26.66 19.38 13.48
N PRO B 379 27.77 18.64 13.69
CA PRO B 379 28.09 17.47 12.87
C PRO B 379 27.17 16.28 13.17
N LEU B 380 25.86 16.47 12.97
CA LEU B 380 24.89 15.40 13.11
C LEU B 380 24.13 15.23 11.80
N PHE B 381 24.02 14.00 11.34
CA PHE B 381 23.37 13.72 10.07
C PHE B 381 21.89 13.38 10.23
N GLY B 382 21.55 12.82 11.39
CA GLY B 382 20.15 12.48 11.70
C GLY B 382 19.34 13.65 12.22
N PHE B 383 20.02 14.76 12.50
CA PHE B 383 19.37 15.95 13.03
C PHE B 383 19.90 17.21 12.35
N ARG B 384 19.04 18.21 12.18
CA ARG B 384 19.44 19.49 11.64
C ARG B 384 19.53 20.53 12.75
N ALA B 385 20.74 20.71 13.27
CA ALA B 385 20.96 21.49 14.48
C ALA B 385 22.04 22.55 14.27
N LEU B 386 21.70 23.81 14.52
CA LEU B 386 22.65 24.91 14.42
C LEU B 386 23.62 24.91 15.60
N GLU B 387 24.86 25.33 15.35
CA GLU B 387 25.84 25.51 16.41
C GLU B 387 25.48 26.73 17.25
N GLU B 388 25.27 27.86 16.56
CA GLU B 388 24.80 29.08 17.21
C GLU B 388 24.02 29.96 16.24
N LEU B 389 23.22 30.87 16.80
CA LEU B 389 22.46 31.81 15.99
C LEU B 389 22.47 33.22 16.61
N PRO B 390 23.54 33.98 16.33
CA PRO B 390 23.64 35.36 16.83
C PRO B 390 22.71 36.31 16.08
N VAL B 391 21.96 37.11 16.83
CA VAL B 391 21.06 38.10 16.23
C VAL B 391 21.22 39.47 16.90
N THR B 392 20.74 40.51 16.22
CA THR B 392 20.70 41.86 16.77
C THR B 392 19.28 42.41 16.70
N PHE B 393 18.96 43.36 17.58
CA PHE B 393 17.62 43.94 17.63
C PHE B 393 17.58 45.35 18.21
N GLU B 394 16.45 46.03 17.98
CA GLU B 394 16.21 47.40 18.47
C GLU B 394 17.20 48.42 17.92
N SER C 18 -67.29 -10.86 -0.59
CA SER C 18 -66.24 -9.81 -0.52
C SER C 18 -66.31 -9.03 0.79
N HIS C 19 -65.18 -8.43 1.17
CA HIS C 19 -65.07 -7.72 2.44
C HIS C 19 -63.91 -6.73 2.41
N MET C 20 -63.93 -5.78 3.34
CA MET C 20 -62.82 -4.85 3.54
C MET C 20 -61.58 -5.60 4.03
N SER C 21 -60.40 -5.08 3.70
CA SER C 21 -59.14 -5.69 4.09
C SER C 21 -58.99 -5.76 5.61
N THR C 22 -58.76 -6.96 6.12
CA THR C 22 -58.47 -7.14 7.55
C THR C 22 -57.02 -6.80 7.85
N ILE C 23 -56.70 -6.69 9.13
CA ILE C 23 -55.31 -6.48 9.58
C ILE C 23 -54.38 -7.54 9.00
N GLU C 24 -54.78 -8.80 9.09
CA GLU C 24 -54.00 -9.92 8.58
C GLU C 24 -53.77 -9.83 7.07
N GLU C 25 -54.84 -9.50 6.34
CA GLU C 25 -54.77 -9.39 4.88
C GLU C 25 -53.84 -8.25 4.46
N ARG C 26 -53.87 -7.16 5.20
CA ARG C 26 -53.03 -6.00 4.90
C ARG C 26 -51.55 -6.29 5.16
N VAL C 27 -51.27 -7.00 6.24
CA VAL C 27 -49.90 -7.42 6.57
C VAL C 27 -49.34 -8.34 5.49
N LYS C 28 -50.13 -9.32 5.09
CA LYS C 28 -49.69 -10.34 4.13
C LYS C 28 -49.51 -9.80 2.72
N LYS C 29 -50.34 -8.82 2.36
CA LYS C 29 -50.21 -8.14 1.08
C LYS C 29 -48.88 -7.41 0.97
N ILE C 30 -48.50 -6.72 2.04
CA ILE C 30 -47.23 -6.00 2.11
C ILE C 30 -46.05 -6.96 1.99
N ILE C 31 -46.07 -8.03 2.78
CA ILE C 31 -45.04 -9.06 2.74
C ILE C 31 -44.92 -9.65 1.33
N GLY C 32 -46.06 -9.97 0.73
CA GLY C 32 -46.11 -10.55 -0.60
C GLY C 32 -45.49 -9.67 -1.67
N GLU C 33 -45.87 -8.40 -1.66
CA GLU C 33 -45.35 -7.43 -2.62
C GLU C 33 -43.87 -7.15 -2.43
N GLN C 34 -43.41 -7.19 -1.18
CA GLN C 34 -42.02 -6.94 -0.85
C GLN C 34 -41.10 -8.07 -1.29
N LEU C 35 -41.54 -9.30 -1.04
CA LEU C 35 -40.69 -10.48 -1.21
C LEU C 35 -41.00 -11.28 -2.47
N GLY C 36 -41.97 -10.80 -3.25
CA GLY C 36 -42.31 -11.41 -4.53
C GLY C 36 -42.99 -12.77 -4.40
N VAL C 37 -43.71 -12.96 -3.29
CA VAL C 37 -44.47 -14.18 -3.07
C VAL C 37 -45.98 -13.91 -3.10
N LYS C 38 -46.76 -14.95 -3.35
CA LYS C 38 -48.21 -14.84 -3.36
C LYS C 38 -48.76 -14.62 -1.96
N GLN C 39 -49.83 -13.84 -1.86
CA GLN C 39 -50.41 -13.45 -0.57
C GLN C 39 -50.98 -14.66 0.18
N GLU C 40 -51.45 -15.64 -0.58
CA GLU C 40 -51.77 -16.97 -0.05
C GLU C 40 -50.54 -17.67 0.53
N GLU C 41 -49.42 -17.64 -0.20
CA GLU C 41 -48.23 -18.41 0.16
C GLU C 41 -47.62 -17.98 1.50
N VAL C 42 -48.01 -16.81 1.98
CA VAL C 42 -47.52 -16.28 3.26
C VAL C 42 -48.32 -16.87 4.42
N THR C 43 -47.69 -17.74 5.19
CA THR C 43 -48.31 -18.33 6.38
C THR C 43 -47.97 -17.54 7.63
N ASN C 44 -48.82 -17.65 8.65
CA ASN C 44 -48.67 -16.85 9.87
C ASN C 44 -47.44 -17.19 10.70
N ASN C 45 -47.04 -18.46 10.66
CA ASN C 45 -45.90 -18.92 11.45
C ASN C 45 -44.58 -18.83 10.69
N ALA C 46 -44.64 -18.37 9.44
CA ALA C 46 -43.46 -18.28 8.58
C ALA C 46 -42.48 -17.22 9.08
N SER C 47 -41.21 -17.60 9.15
CA SER C 47 -40.15 -16.65 9.53
C SER C 47 -39.71 -15.84 8.31
N PHE C 48 -39.50 -14.55 8.52
CA PHE C 48 -39.16 -13.62 7.43
C PHE C 48 -37.83 -14.00 6.76
N VAL C 49 -36.81 -14.24 7.57
CA VAL C 49 -35.46 -14.50 7.07
C VAL C 49 -35.30 -15.94 6.55
N GLU C 50 -35.69 -16.90 7.38
CA GLU C 50 -35.45 -18.32 7.08
C GLU C 50 -36.41 -18.85 6.02
N ASP C 51 -37.70 -18.64 6.21
CA ASP C 51 -38.72 -19.23 5.35
C ASP C 51 -38.99 -18.37 4.11
N LEU C 52 -39.14 -17.06 4.31
CA LEU C 52 -39.53 -16.16 3.23
C LEU C 52 -38.34 -15.55 2.49
N GLY C 53 -37.15 -15.70 3.08
CA GLY C 53 -35.90 -15.37 2.40
C GLY C 53 -35.61 -13.87 2.32
N ALA C 54 -35.99 -13.15 3.37
CA ALA C 54 -35.76 -11.71 3.42
C ALA C 54 -34.31 -11.38 3.78
N ASP C 55 -33.70 -10.50 2.98
CA ASP C 55 -32.33 -10.08 3.24
C ASP C 55 -32.25 -8.84 4.14
N SER C 56 -31.05 -8.29 4.29
CA SER C 56 -30.82 -7.19 5.22
C SER C 56 -31.37 -5.84 4.75
N LEU C 57 -31.92 -5.81 3.55
CA LEU C 57 -32.69 -4.67 3.06
C LEU C 57 -34.18 -4.93 3.16
N ASP C 58 -34.58 -6.14 2.79
CA ASP C 58 -35.99 -6.55 2.79
C ASP C 58 -36.66 -6.28 4.13
N THR C 59 -35.99 -6.65 5.22
CA THR C 59 -36.57 -6.54 6.56
C THR C 59 -36.73 -5.09 7.00
N VAL C 60 -35.80 -4.23 6.58
CA VAL C 60 -35.89 -2.80 6.86
C VAL C 60 -37.05 -2.18 6.06
N GLU C 61 -37.15 -2.53 4.78
CA GLU C 61 -38.23 -2.04 3.93
C GLU C 61 -39.60 -2.58 4.33
N LEU C 62 -39.62 -3.77 4.92
CA LEU C 62 -40.86 -4.35 5.45
C LEU C 62 -41.40 -3.54 6.63
N VAL C 63 -40.51 -3.21 7.56
CA VAL C 63 -40.87 -2.39 8.73
C VAL C 63 -41.38 -1.02 8.29
N MET C 64 -40.70 -0.41 7.33
CA MET C 64 -41.10 0.88 6.78
C MET C 64 -42.48 0.82 6.15
N ALA C 65 -42.74 -0.25 5.40
CA ALA C 65 -44.03 -0.43 4.73
C ALA C 65 -45.16 -0.65 5.73
N LEU C 66 -44.88 -1.40 6.79
CA LEU C 66 -45.87 -1.65 7.85
C LEU C 66 -46.15 -0.40 8.67
N GLU C 67 -45.09 0.36 8.97
CA GLU C 67 -45.23 1.64 9.66
C GLU C 67 -46.10 2.61 8.85
N GLU C 68 -45.93 2.59 7.53
CA GLU C 68 -46.69 3.44 6.62
C GLU C 68 -48.16 3.00 6.55
N GLU C 69 -48.37 1.70 6.36
CA GLU C 69 -49.72 1.15 6.17
C GLU C 69 -50.61 1.33 7.40
N PHE C 70 -50.05 1.12 8.58
CA PHE C 70 -50.82 1.16 9.82
C PHE C 70 -50.59 2.45 10.61
N ASP C 71 -49.95 3.43 9.98
CA ASP C 71 -49.66 4.73 10.61
C ASP C 71 -49.15 4.57 12.04
N THR C 72 -48.08 3.79 12.19
CA THR C 72 -47.50 3.53 13.50
C THR C 72 -45.97 3.71 13.47
N GLU C 73 -45.37 3.80 14.65
CA GLU C 73 -43.93 3.94 14.77
C GLU C 73 -43.39 2.82 15.66
N ILE C 74 -42.65 1.90 15.06
CA ILE C 74 -42.06 0.81 15.82
C ILE C 74 -40.60 1.09 16.19
N PRO C 75 -40.29 1.13 17.50
CA PRO C 75 -38.91 1.28 17.94
C PRO C 75 -38.05 0.09 17.52
N ASP C 76 -36.76 0.33 17.32
CA ASP C 76 -35.83 -0.71 16.87
C ASP C 76 -35.83 -1.92 17.81
N GLU C 77 -36.06 -1.65 19.10
CA GLU C 77 -36.16 -2.67 20.13
C GLU C 77 -37.27 -3.68 19.82
N GLU C 78 -38.44 -3.18 19.43
CA GLU C 78 -39.60 -4.03 19.19
C GLU C 78 -39.53 -4.73 17.83
N ALA C 79 -38.94 -4.06 16.85
CA ALA C 79 -38.77 -4.63 15.51
C ALA C 79 -37.82 -5.83 15.52
N GLU C 80 -36.82 -5.78 16.39
CA GLU C 80 -35.87 -6.89 16.56
C GLU C 80 -36.56 -8.15 17.06
N LYS C 81 -37.65 -7.98 17.74
CA LYS C 81 -38.30 -9.06 18.38
C LYS C 81 -39.17 -9.72 17.35
N ILE C 82 -39.60 -8.95 16.37
CA ILE C 82 -40.55 -9.41 15.39
C ILE C 82 -39.95 -10.38 14.39
N THR C 83 -39.97 -11.68 14.72
CA THR C 83 -39.40 -12.69 13.86
C THR C 83 -40.35 -13.31 12.83
N THR C 84 -41.66 -13.24 13.06
CA THR C 84 -42.64 -13.93 12.25
C THR C 84 -43.75 -13.04 11.79
N VAL C 85 -44.54 -13.52 10.83
CA VAL C 85 -45.74 -12.83 10.36
C VAL C 85 -46.71 -12.57 11.51
N GLN C 86 -46.94 -13.60 12.33
CA GLN C 86 -47.83 -13.49 13.48
C GLN C 86 -47.37 -12.40 14.45
N ALA C 87 -46.08 -12.42 14.77
CA ALA C 87 -45.49 -11.43 15.67
C ALA C 87 -45.77 -10.00 15.21
N ALA C 88 -45.71 -9.79 13.90
CA ALA C 88 -46.02 -8.49 13.30
C ALA C 88 -47.50 -8.14 13.44
N ILE C 89 -48.37 -9.11 13.20
CA ILE C 89 -49.82 -8.94 13.37
C ILE C 89 -50.18 -8.64 14.84
N ASP C 90 -49.54 -9.36 15.75
CA ASP C 90 -49.74 -9.14 17.19
C ASP C 90 -49.35 -7.74 17.62
N TYR C 91 -48.23 -7.24 17.10
CA TYR C 91 -47.78 -5.88 17.42
C TYR C 91 -48.76 -4.83 16.91
N ILE C 92 -49.22 -5.00 15.68
CA ILE C 92 -50.19 -4.07 15.09
C ILE C 92 -51.46 -4.00 15.91
N ASN C 93 -52.04 -5.15 16.20
CA ASN C 93 -53.28 -5.24 16.98
C ASN C 93 -53.17 -4.60 18.35
N GLY C 94 -52.03 -4.79 19.01
CA GLY C 94 -51.79 -4.21 20.33
C GLY C 94 -51.58 -2.70 20.31
N HIS C 95 -51.26 -2.18 19.12
CA HIS C 95 -50.97 -0.76 18.97
C HIS C 95 -51.90 -0.10 17.96
N THR D 6 -40.26 16.69 16.37
CA THR D 6 -39.88 15.24 16.25
C THR D 6 -38.45 15.02 16.74
N ALA D 7 -38.09 13.76 16.98
CA ALA D 7 -36.76 13.39 17.45
C ALA D 7 -35.69 13.62 16.39
N SER D 8 -36.08 13.46 15.12
CA SER D 8 -35.15 13.63 14.01
C SER D 8 -34.90 15.09 13.68
N SER D 9 -35.89 15.95 13.96
CA SER D 9 -35.75 17.38 13.74
C SER D 9 -34.76 17.99 14.74
N GLU D 10 -34.82 17.54 15.99
CA GLU D 10 -33.92 18.03 17.02
C GLU D 10 -32.51 17.45 16.88
N PHE D 11 -32.43 16.26 16.28
CA PHE D 11 -31.13 15.66 15.96
C PHE D 11 -30.43 16.45 14.86
N LEU D 12 -31.18 16.91 13.86
CA LEU D 12 -30.61 17.66 12.74
C LEU D 12 -30.11 19.04 13.18
N LYS D 13 -30.78 19.65 14.14
CA LYS D 13 -30.38 20.94 14.67
C LYS D 13 -29.08 20.84 15.47
N ASN D 14 -28.95 19.76 16.24
CA ASN D 14 -27.74 19.51 17.02
C ASN D 14 -27.49 18.02 17.23
N PRO D 15 -26.76 17.39 16.29
CA PRO D 15 -26.43 15.98 16.42
C PRO D 15 -25.31 15.72 17.43
N TYR D 16 -24.57 16.77 17.77
CA TYR D 16 -23.37 16.64 18.58
C TYR D 16 -23.67 16.33 20.04
N SER D 17 -24.82 16.81 20.51
CA SER D 17 -25.33 16.42 21.83
C SER D 17 -25.64 14.93 21.86
N PHE D 18 -26.22 14.43 20.77
CA PHE D 18 -26.51 13.01 20.60
C PHE D 18 -25.22 12.19 20.57
N TYR D 19 -24.22 12.68 19.84
CA TYR D 19 -22.91 12.02 19.76
C TYR D 19 -22.23 11.94 21.12
N ASP D 20 -22.38 13.00 21.92
CA ASP D 20 -21.75 13.09 23.24
C ASP D 20 -22.28 12.02 24.19
N THR D 21 -23.59 11.78 24.14
CA THR D 21 -24.23 10.79 25.00
C THR D 21 -23.73 9.37 24.69
N LEU D 22 -23.51 9.08 23.41
CA LEU D 22 -22.98 7.79 22.99
C LEU D 22 -21.52 7.61 23.42
N ARG D 23 -20.74 8.69 23.31
CA ARG D 23 -19.32 8.65 23.64
C ARG D 23 -19.11 8.45 25.14
N ALA D 24 -20.02 8.99 25.95
CA ALA D 24 -19.95 8.86 27.40
C ALA D 24 -20.15 7.41 27.86
N VAL D 25 -21.00 6.69 27.14
CA VAL D 25 -21.21 5.27 27.38
C VAL D 25 -19.99 4.48 26.94
N HIS D 26 -19.73 4.48 25.63
CA HIS D 26 -18.55 3.86 25.07
C HIS D 26 -18.27 4.41 23.67
N PRO D 27 -16.99 4.73 23.38
CA PRO D 27 -16.61 5.27 22.07
C PRO D 27 -16.91 4.31 20.91
N ILE D 28 -17.07 3.03 21.24
CA ILE D 28 -17.64 2.07 20.30
C ILE D 28 -18.93 1.52 20.88
N TYR D 29 -20.06 2.03 20.38
CA TYR D 29 -21.36 1.81 20.99
C TYR D 29 -22.17 0.79 20.19
N LYS D 30 -22.57 -0.30 20.85
CA LYS D 30 -23.47 -1.28 20.24
C LYS D 30 -24.91 -0.81 20.36
N GLY D 31 -25.59 -0.70 19.22
CA GLY D 31 -26.96 -0.19 19.20
C GLY D 31 -27.62 -0.35 17.84
N SER D 32 -28.76 0.31 17.68
CA SER D 32 -29.48 0.28 16.41
C SER D 32 -30.20 1.60 16.21
N PHE D 33 -29.97 2.22 15.05
CA PHE D 33 -30.63 3.47 14.70
C PHE D 33 -31.19 3.40 13.29
N LEU D 34 -32.43 3.88 13.14
CA LEU D 34 -33.19 3.75 11.90
C LEU D 34 -33.21 2.31 11.36
N LYS D 35 -33.31 1.36 12.28
CA LYS D 35 -33.46 -0.07 11.96
C LYS D 35 -32.17 -0.72 11.49
N TYR D 36 -31.04 -0.02 11.66
CA TYR D 36 -29.74 -0.55 11.28
C TYR D 36 -28.87 -0.85 12.50
N PRO D 37 -28.69 -2.15 12.82
CA PRO D 37 -27.90 -2.56 13.97
C PRO D 37 -26.41 -2.61 13.66
N GLY D 38 -25.58 -2.29 14.64
CA GLY D 38 -24.14 -2.40 14.50
C GLY D 38 -23.39 -1.60 15.55
N TRP D 39 -22.12 -1.32 15.26
CA TRP D 39 -21.27 -0.58 16.18
C TRP D 39 -21.13 0.87 15.72
N TYR D 40 -21.55 1.80 16.56
CA TYR D 40 -21.51 3.22 16.23
C TYR D 40 -20.36 3.92 16.94
N VAL D 41 -19.39 4.37 16.15
CA VAL D 41 -18.10 4.82 16.67
C VAL D 41 -18.04 6.34 16.75
N THR D 42 -17.83 6.85 17.94
CA THR D 42 -17.80 8.29 18.19
C THR D 42 -16.41 8.74 18.66
N GLY D 43 -15.55 7.78 18.95
CA GLY D 43 -14.19 8.07 19.43
C GLY D 43 -13.21 8.27 18.29
N TYR D 44 -12.33 9.25 18.46
CA TYR D 44 -11.35 9.59 17.42
C TYR D 44 -10.36 8.46 17.17
N GLU D 45 -9.70 8.01 18.24
CA GLU D 45 -8.67 6.97 18.14
C GLU D 45 -9.26 5.68 17.57
N GLU D 46 -10.47 5.36 18.00
CA GLU D 46 -11.17 4.17 17.53
C GLU D 46 -11.52 4.29 16.05
N THR D 47 -12.03 5.46 15.66
CA THR D 47 -12.37 5.74 14.26
C THR D 47 -11.14 5.58 13.36
N ALA D 48 -10.05 6.26 13.74
CA ALA D 48 -8.81 6.21 12.97
C ALA D 48 -8.27 4.79 12.83
N ALA D 49 -8.31 4.03 13.92
CA ALA D 49 -7.82 2.65 13.93
C ALA D 49 -8.63 1.74 13.00
N ILE D 50 -9.95 1.93 12.99
CA ILE D 50 -10.83 1.11 12.16
C ILE D 50 -10.66 1.43 10.68
N LEU D 51 -10.53 2.73 10.36
CA LEU D 51 -10.31 3.15 8.97
C LEU D 51 -8.93 2.73 8.46
N LYS D 52 -7.95 2.63 9.36
CA LYS D 52 -6.61 2.14 9.03
C LYS D 52 -6.60 0.64 8.74
N ASP D 53 -7.51 -0.08 9.38
CA ASP D 53 -7.45 -1.54 9.43
C ASP D 53 -8.14 -2.18 8.23
N ALA D 54 -7.37 -2.86 7.40
CA ALA D 54 -7.87 -3.46 6.16
C ALA D 54 -8.82 -4.63 6.41
N ARG D 55 -8.82 -5.15 7.63
CA ARG D 55 -9.75 -6.22 8.02
C ARG D 55 -11.18 -5.70 8.09
N PHE D 56 -11.32 -4.41 8.39
CA PHE D 56 -12.60 -3.72 8.21
C PHE D 56 -12.74 -3.29 6.75
N LYS D 57 -13.58 -4.01 6.02
CA LYS D 57 -13.71 -3.81 4.59
C LYS D 57 -14.86 -2.84 4.27
N VAL D 58 -14.73 -2.13 3.17
CA VAL D 58 -15.86 -1.43 2.59
C VAL D 58 -16.82 -2.43 1.96
N ARG D 59 -18.07 -2.04 1.81
CA ARG D 59 -19.07 -2.92 1.23
C ARG D 59 -20.17 -2.13 0.52
N THR D 60 -20.90 -2.82 -0.36
CA THR D 60 -22.02 -2.23 -1.07
C THR D 60 -23.09 -1.75 -0.08
N PRO D 61 -23.63 -0.53 -0.30
CA PRO D 61 -24.64 0.06 0.58
C PRO D 61 -26.01 -0.60 0.41
N LEU D 62 -26.13 -1.49 -0.57
CA LEU D 62 -27.27 -2.39 -0.66
C LEU D 62 -26.75 -3.83 -0.68
N PRO D 63 -27.59 -4.81 -0.28
CA PRO D 63 -27.14 -6.20 -0.24
C PRO D 63 -26.47 -6.62 -1.54
N GLU D 64 -25.35 -7.34 -1.41
CA GLU D 64 -24.49 -7.67 -2.55
C GLU D 64 -25.23 -8.36 -3.69
N SER D 65 -26.10 -9.30 -3.35
CA SER D 65 -26.77 -10.13 -4.34
C SER D 65 -28.19 -9.67 -4.66
N SER D 66 -28.55 -8.48 -4.18
CA SER D 66 -29.88 -7.92 -4.40
C SER D 66 -30.06 -7.40 -5.82
N THR D 67 -31.16 -7.79 -6.46
CA THR D 67 -31.49 -7.34 -7.81
C THR D 67 -32.81 -6.58 -7.83
N LYS D 68 -33.26 -6.15 -6.64
CA LYS D 68 -34.49 -5.36 -6.52
C LYS D 68 -34.31 -4.00 -7.19
N TYR D 69 -33.15 -3.39 -6.99
CA TYR D 69 -32.75 -2.20 -7.72
C TYR D 69 -31.49 -2.52 -8.51
N GLN D 70 -31.65 -3.30 -9.57
CA GLN D 70 -30.55 -3.95 -10.28
C GLN D 70 -29.56 -2.95 -10.88
N ASP D 71 -30.09 -1.87 -11.45
CA ASP D 71 -29.25 -0.89 -12.13
C ASP D 71 -28.53 0.01 -11.12
N LEU D 72 -29.22 0.35 -10.03
CA LEU D 72 -28.61 1.11 -8.94
C LEU D 72 -27.50 0.30 -8.29
N SER D 73 -27.77 -0.98 -8.03
CA SER D 73 -26.79 -1.88 -7.42
C SER D 73 -25.54 -2.03 -8.28
N HIS D 74 -25.73 -2.19 -9.59
CA HIS D 74 -24.60 -2.38 -10.51
C HIS D 74 -23.70 -1.14 -10.57
N VAL D 75 -24.31 0.04 -10.60
CA VAL D 75 -23.56 1.29 -10.60
C VAL D 75 -22.75 1.45 -9.31
N GLN D 76 -23.40 1.24 -8.17
CA GLN D 76 -22.76 1.31 -6.86
C GLN D 76 -21.60 0.33 -6.73
N ASN D 77 -21.85 -0.91 -7.14
CA ASN D 77 -20.90 -2.02 -6.97
C ASN D 77 -19.57 -1.81 -7.69
N GLN D 78 -19.60 -0.98 -8.74
CA GLN D 78 -18.42 -0.77 -9.58
C GLN D 78 -17.58 0.41 -9.12
N MET D 79 -18.08 1.16 -8.13
CA MET D 79 -17.38 2.33 -7.61
C MET D 79 -16.25 1.96 -6.67
N MET D 80 -15.12 2.65 -6.79
CA MET D 80 -13.93 2.38 -5.97
C MET D 80 -14.22 2.53 -4.48
N LEU D 81 -15.20 3.36 -4.15
CA LEU D 81 -15.59 3.62 -2.76
C LEU D 81 -16.10 2.36 -2.05
N PHE D 82 -16.68 1.44 -2.81
CA PHE D 82 -17.25 0.22 -2.23
C PHE D 82 -16.53 -1.04 -2.71
N GLN D 83 -15.31 -0.85 -3.22
CA GLN D 83 -14.47 -1.93 -3.70
C GLN D 83 -13.29 -2.18 -2.77
N ASN D 84 -12.95 -3.45 -2.58
CA ASN D 84 -11.75 -3.83 -1.82
C ASN D 84 -10.64 -4.31 -2.74
N GLN D 85 -9.60 -4.90 -2.14
CA GLN D 85 -8.45 -5.44 -2.89
C GLN D 85 -8.88 -6.57 -3.83
N PRO D 86 -8.28 -6.65 -5.02
CA PRO D 86 -7.29 -5.72 -5.56
C PRO D 86 -7.89 -4.67 -6.50
N ASP D 87 -9.22 -4.68 -6.64
CA ASP D 87 -9.90 -3.79 -7.58
C ASP D 87 -9.84 -2.33 -7.16
N HIS D 88 -9.77 -2.09 -5.85
CA HIS D 88 -9.73 -0.74 -5.32
C HIS D 88 -8.51 0.05 -5.80
N ARG D 89 -7.32 -0.52 -5.61
CA ARG D 89 -6.07 0.14 -6.02
C ARG D 89 -6.05 0.43 -7.51
N ARG D 90 -6.52 -0.52 -8.30
CA ARG D 90 -6.62 -0.36 -9.75
C ARG D 90 -7.46 0.86 -10.11
N LEU D 91 -8.69 0.90 -9.59
CA LEU D 91 -9.62 1.98 -9.92
C LEU D 91 -9.18 3.33 -9.38
N ARG D 92 -8.62 3.33 -8.17
CA ARG D 92 -8.17 4.56 -7.53
C ARG D 92 -6.98 5.19 -8.27
N THR D 93 -5.97 4.37 -8.58
CA THR D 93 -4.77 4.84 -9.28
C THR D 93 -5.10 5.43 -10.65
N LEU D 94 -6.06 4.81 -11.34
CA LEU D 94 -6.47 5.26 -12.68
C LEU D 94 -7.14 6.64 -12.66
N ALA D 95 -7.84 6.94 -11.56
CA ALA D 95 -8.56 8.21 -11.44
C ALA D 95 -7.73 9.28 -10.74
N SER D 96 -6.63 8.88 -10.12
CA SER D 96 -5.84 9.76 -9.26
C SER D 96 -5.17 10.90 -10.03
N GLY D 97 -4.97 10.70 -11.32
CA GLY D 97 -4.21 11.63 -12.15
C GLY D 97 -4.79 13.03 -12.24
N ALA D 98 -6.11 13.13 -12.07
CA ALA D 98 -6.78 14.41 -12.18
C ALA D 98 -6.86 15.16 -10.84
N PHE D 99 -6.32 14.55 -9.79
CA PHE D 99 -6.45 15.10 -8.44
C PHE D 99 -5.12 15.22 -7.69
N THR D 100 -4.02 15.08 -8.42
CA THR D 100 -2.69 15.32 -7.86
C THR D 100 -2.54 16.79 -7.49
N PRO D 101 -1.65 17.10 -6.53
CA PRO D 101 -1.39 18.48 -6.12
C PRO D 101 -1.10 19.41 -7.31
N ARG D 102 -0.30 18.94 -8.26
CA ARG D 102 0.06 19.74 -9.43
C ARG D 102 -1.14 20.03 -10.33
N THR D 103 -1.93 19.00 -10.62
CA THR D 103 -3.12 19.14 -11.45
C THR D 103 -4.19 19.98 -10.77
N THR D 104 -4.36 19.78 -9.46
CA THR D 104 -5.33 20.54 -8.68
C THR D 104 -5.02 22.04 -8.73
N GLU D 105 -3.75 22.37 -8.58
CA GLU D 105 -3.33 23.77 -8.60
C GLU D 105 -3.52 24.42 -9.97
N SER D 106 -3.58 23.61 -11.01
CA SER D 106 -3.82 24.10 -12.37
C SER D 106 -5.28 24.48 -12.59
N TYR D 107 -6.15 24.11 -11.64
CA TYR D 107 -7.57 24.46 -11.71
C TYR D 107 -7.84 25.85 -11.16
N GLN D 108 -6.86 26.39 -10.43
CA GLN D 108 -7.05 27.64 -9.68
C GLN D 108 -7.57 28.81 -10.52
N PRO D 109 -6.96 29.05 -11.71
CA PRO D 109 -7.45 30.12 -12.58
C PRO D 109 -8.94 30.02 -12.91
N TYR D 110 -9.39 28.83 -13.30
CA TYR D 110 -10.80 28.61 -13.66
C TYR D 110 -11.73 28.79 -12.47
N ILE D 111 -11.26 28.43 -11.28
CA ILE D 111 -12.03 28.57 -10.06
C ILE D 111 -12.23 30.04 -9.68
N ILE D 112 -11.12 30.78 -9.68
CA ILE D 112 -11.15 32.23 -9.40
C ILE D 112 -12.08 32.96 -10.39
N GLU D 113 -11.96 32.62 -11.67
CA GLU D 113 -12.78 33.21 -12.73
C GLU D 113 -14.26 32.96 -12.52
N THR D 114 -14.60 31.71 -12.17
CA THR D 114 -15.99 31.30 -11.97
C THR D 114 -16.59 31.98 -10.74
N VAL D 115 -15.81 32.05 -9.66
CA VAL D 115 -16.26 32.69 -8.43
C VAL D 115 -16.64 34.16 -8.66
N HIS D 116 -15.74 34.90 -9.32
CA HIS D 116 -16.00 36.31 -9.63
C HIS D 116 -17.19 36.50 -10.58
N HIS D 117 -17.32 35.59 -11.55
CA HIS D 117 -18.46 35.60 -12.48
C HIS D 117 -19.78 35.43 -11.75
N LEU D 118 -19.81 34.51 -10.78
CA LEU D 118 -21.03 34.20 -10.04
C LEU D 118 -21.41 35.32 -9.07
N LEU D 119 -20.40 35.97 -8.49
CA LEU D 119 -20.63 37.07 -7.56
C LEU D 119 -21.02 38.35 -8.29
N ASP D 120 -20.65 38.44 -9.56
CA ASP D 120 -21.04 39.57 -10.40
C ASP D 120 -22.55 39.61 -10.64
N GLN D 121 -23.16 38.44 -10.73
CA GLN D 121 -24.58 38.32 -11.06
C GLN D 121 -25.49 38.71 -9.89
N VAL D 122 -24.89 38.87 -8.71
CA VAL D 122 -25.67 39.16 -7.49
C VAL D 122 -25.14 40.40 -6.76
N GLN D 123 -24.03 40.95 -7.24
CA GLN D 123 -23.34 42.05 -6.55
C GLN D 123 -24.25 43.24 -6.28
N GLY D 124 -25.15 43.55 -7.21
CA GLY D 124 -26.01 44.70 -7.09
C GLY D 124 -27.33 44.44 -6.37
N LYS D 125 -27.56 43.18 -6.01
CA LYS D 125 -28.86 42.77 -5.48
C LYS D 125 -28.95 42.89 -3.96
N LYS D 126 -27.80 43.09 -3.31
CA LYS D 126 -27.72 43.28 -1.86
C LYS D 126 -28.21 42.08 -1.05
N LYS D 127 -28.57 41.00 -1.77
CA LYS D 127 -28.96 39.73 -1.13
C LYS D 127 -28.67 38.54 -2.04
N MET D 128 -28.55 37.37 -1.43
CA MET D 128 -28.15 36.15 -2.14
C MET D 128 -28.55 34.90 -1.36
N GLU D 129 -28.83 33.82 -2.09
CA GLU D 129 -28.92 32.49 -1.49
C GLU D 129 -27.61 31.75 -1.75
N VAL D 130 -26.81 31.57 -0.71
CA VAL D 130 -25.43 31.09 -0.86
C VAL D 130 -25.32 29.79 -1.66
N ILE D 131 -26.28 28.90 -1.49
CA ILE D 131 -26.26 27.60 -2.17
C ILE D 131 -26.65 27.71 -3.64
N SER D 132 -27.83 28.26 -3.91
CA SER D 132 -28.36 28.34 -5.26
C SER D 132 -27.58 29.29 -6.16
N ASP D 133 -27.09 30.39 -5.57
CA ASP D 133 -26.48 31.45 -6.34
C ASP D 133 -24.97 31.36 -6.43
N PHE D 134 -24.35 30.58 -5.54
CA PHE D 134 -22.90 30.62 -5.39
C PHE D 134 -22.27 29.25 -5.22
N ALA D 135 -22.58 28.58 -4.11
CA ALA D 135 -21.92 27.33 -3.74
C ALA D 135 -22.11 26.24 -4.78
N PHE D 136 -23.36 26.00 -5.17
CA PHE D 136 -23.67 24.94 -6.11
C PHE D 136 -23.14 25.20 -7.53
N PRO D 137 -23.43 26.38 -8.10
CA PRO D 137 -22.95 26.70 -9.44
C PRO D 137 -21.44 26.51 -9.59
N LEU D 138 -20.68 27.01 -8.63
CA LEU D 138 -19.22 26.87 -8.66
C LEU D 138 -18.79 25.40 -8.68
N ALA D 139 -19.27 24.64 -7.69
CA ALA D 139 -18.91 23.22 -7.58
C ALA D 139 -19.33 22.43 -8.81
N SER D 140 -20.52 22.75 -9.33
CA SER D 140 -21.03 22.12 -10.55
C SER D 140 -20.18 22.44 -11.78
N PHE D 141 -19.87 23.72 -11.96
CA PHE D 141 -19.00 24.19 -13.05
C PHE D 141 -17.66 23.47 -13.04
N VAL D 142 -17.03 23.44 -11.86
CA VAL D 142 -15.67 22.90 -11.72
C VAL D 142 -15.59 21.42 -12.07
N ILE D 143 -16.45 20.61 -11.45
CA ILE D 143 -16.38 19.16 -11.64
C ILE D 143 -16.85 18.71 -13.03
N ALA D 144 -17.81 19.43 -13.60
CA ALA D 144 -18.26 19.16 -14.96
C ALA D 144 -17.15 19.43 -15.96
N ASN D 145 -16.36 20.46 -15.71
CA ASN D 145 -15.22 20.79 -16.56
C ASN D 145 -14.07 19.80 -16.43
N ILE D 146 -13.84 19.30 -15.21
CA ILE D 146 -12.81 18.31 -14.96
C ILE D 146 -13.14 16.96 -15.59
N ILE D 147 -14.38 16.52 -15.41
CA ILE D 147 -14.84 15.25 -15.97
C ILE D 147 -14.92 15.33 -17.50
N GLY D 148 -15.45 16.45 -18.00
CA GLY D 148 -15.58 16.67 -19.44
C GLY D 148 -17.03 16.66 -19.90
N VAL D 149 -17.92 17.05 -18.99
CA VAL D 149 -19.34 17.13 -19.31
C VAL D 149 -19.67 18.49 -19.94
N PRO D 150 -20.26 18.46 -21.14
CA PRO D 150 -20.65 19.69 -21.85
C PRO D 150 -21.55 20.59 -21.02
N GLU D 151 -21.47 21.90 -21.26
CA GLU D 151 -22.23 22.89 -20.51
C GLU D 151 -23.74 22.68 -20.62
N GLU D 152 -24.16 22.09 -21.73
CA GLU D 152 -25.59 21.87 -22.01
C GLU D 152 -26.17 20.75 -21.15
N ASP D 153 -25.31 19.83 -20.71
CA ASP D 153 -25.74 18.66 -19.95
C ASP D 153 -25.48 18.80 -18.45
N ARG D 154 -25.13 20.02 -18.03
CA ARG D 154 -24.77 20.28 -16.63
C ARG D 154 -25.95 20.18 -15.67
N GLU D 155 -27.12 20.63 -16.12
CA GLU D 155 -28.31 20.64 -15.28
C GLU D 155 -28.86 19.24 -15.02
N GLN D 156 -28.65 18.34 -15.98
CA GLN D 156 -29.07 16.95 -15.83
C GLN D 156 -28.19 16.22 -14.82
N LEU D 157 -26.92 16.61 -14.73
CA LEU D 157 -26.00 16.08 -13.73
C LEU D 157 -26.45 16.41 -12.31
N LYS D 158 -26.97 17.62 -12.13
CA LYS D 158 -27.44 18.09 -10.84
C LYS D 158 -28.53 17.16 -10.27
N GLU D 159 -29.49 16.81 -11.12
CA GLU D 159 -30.61 15.97 -10.71
C GLU D 159 -30.17 14.55 -10.35
N TRP D 160 -29.25 14.01 -11.14
CA TRP D 160 -28.70 12.68 -10.88
C TRP D 160 -27.98 12.63 -9.54
N ALA D 161 -27.14 13.63 -9.29
CA ALA D 161 -26.35 13.69 -8.05
C ALA D 161 -27.22 13.77 -6.81
N ALA D 162 -28.23 14.64 -6.84
CA ALA D 162 -29.11 14.86 -5.69
C ALA D 162 -29.95 13.62 -5.39
N SER D 163 -30.29 12.85 -6.41
CA SER D 163 -31.11 11.66 -6.25
C SER D 163 -30.28 10.46 -5.80
N LEU D 164 -29.07 10.35 -6.31
CA LEU D 164 -28.22 9.19 -6.04
C LEU D 164 -27.54 9.26 -4.68
N ILE D 165 -27.29 10.46 -4.19
CA ILE D 165 -26.70 10.64 -2.86
C ILE D 165 -27.62 10.11 -1.75
N GLN D 166 -28.93 10.19 -1.99
CA GLN D 166 -29.93 9.74 -1.02
C GLN D 166 -29.94 8.21 -0.87
N THR D 167 -29.50 7.51 -1.91
CA THR D 167 -29.59 6.05 -1.96
C THR D 167 -28.63 5.33 -1.01
N ILE D 168 -27.69 6.07 -0.43
CA ILE D 168 -26.73 5.48 0.51
C ILE D 168 -26.97 5.93 1.95
N ASP D 169 -27.88 6.89 2.13
CA ASP D 169 -28.13 7.46 3.45
C ASP D 169 -29.13 6.63 4.26
N PHE D 170 -29.00 6.69 5.58
CA PHE D 170 -29.92 6.02 6.51
C PHE D 170 -31.37 6.42 6.27
N THR D 171 -31.59 7.66 5.82
CA THR D 171 -32.94 8.19 5.66
C THR D 171 -33.62 7.76 4.37
N ARG D 172 -32.96 6.89 3.59
CA ARG D 172 -33.49 6.44 2.31
C ARG D 172 -34.82 5.69 2.48
N SER D 173 -35.69 5.82 1.48
CA SER D 173 -36.96 5.11 1.47
C SER D 173 -37.07 4.24 0.22
N ARG D 174 -38.11 3.41 0.16
CA ARG D 174 -38.43 2.65 -1.04
C ARG D 174 -38.57 3.55 -2.27
N LYS D 175 -39.19 4.71 -2.08
CA LYS D 175 -39.39 5.69 -3.14
C LYS D 175 -38.07 6.28 -3.63
N ALA D 176 -37.17 6.55 -2.69
CA ALA D 176 -35.86 7.11 -3.01
C ALA D 176 -35.00 6.14 -3.81
N LEU D 177 -35.12 4.85 -3.49
CA LEU D 177 -34.34 3.82 -4.15
C LEU D 177 -34.90 3.46 -5.53
N THR D 178 -36.22 3.59 -5.69
CA THR D 178 -36.86 3.42 -7.00
C THR D 178 -36.47 4.57 -7.94
N GLU D 179 -36.51 5.79 -7.43
CA GLU D 179 -36.05 6.96 -8.16
C GLU D 179 -34.56 6.86 -8.48
N GLY D 180 -33.79 6.35 -7.53
CA GLY D 180 -32.35 6.15 -7.70
C GLY D 180 -32.02 5.20 -8.83
N ASN D 181 -32.79 4.12 -8.94
CA ASN D 181 -32.62 3.14 -10.01
C ASN D 181 -32.82 3.76 -11.40
N ILE D 182 -33.80 4.66 -11.50
CA ILE D 182 -34.09 5.35 -12.76
C ILE D 182 -32.96 6.31 -13.13
N MET D 183 -32.45 7.03 -12.13
CA MET D 183 -31.34 7.96 -12.35
C MET D 183 -30.05 7.21 -12.68
N ALA D 184 -29.90 6.01 -12.13
CA ALA D 184 -28.76 5.15 -12.41
C ALA D 184 -28.75 4.70 -13.88
N VAL D 185 -29.92 4.33 -14.40
CA VAL D 185 -30.08 4.00 -15.82
C VAL D 185 -29.70 5.19 -16.70
N GLN D 186 -30.23 6.36 -16.36
CA GLN D 186 -30.01 7.57 -17.16
C GLN D 186 -28.55 8.01 -17.15
N ALA D 187 -27.94 8.06 -15.97
CA ALA D 187 -26.56 8.49 -15.83
C ALA D 187 -25.58 7.56 -16.55
N MET D 188 -25.82 6.25 -16.41
CA MET D 188 -24.96 5.25 -17.03
C MET D 188 -25.06 5.29 -18.56
N ALA D 189 -26.27 5.51 -19.07
CA ALA D 189 -26.50 5.63 -20.50
C ALA D 189 -25.83 6.88 -21.08
N TYR D 190 -25.89 7.97 -20.32
CA TYR D 190 -25.29 9.24 -20.75
C TYR D 190 -23.77 9.15 -20.84
N PHE D 191 -23.14 8.59 -19.80
CA PHE D 191 -21.68 8.52 -19.74
C PHE D 191 -21.11 7.51 -20.71
N LYS D 192 -21.86 6.44 -20.98
CA LYS D 192 -21.50 5.49 -22.03
C LYS D 192 -21.44 6.16 -23.40
N GLU D 193 -22.44 7.00 -23.68
CA GLU D 193 -22.48 7.81 -24.91
C GLU D 193 -21.30 8.77 -24.98
N LEU D 194 -21.04 9.47 -23.87
CA LEU D 194 -19.96 10.44 -23.80
C LEU D 194 -18.60 9.75 -23.95
N ILE D 195 -18.50 8.52 -23.44
CA ILE D 195 -17.29 7.72 -23.58
C ILE D 195 -17.03 7.34 -25.05
N GLN D 196 -18.09 7.02 -25.79
CA GLN D 196 -17.99 6.67 -27.21
C GLN D 196 -17.43 7.83 -28.04
N LYS D 197 -17.86 9.05 -27.71
CA LYS D 197 -17.39 10.25 -28.37
C LYS D 197 -15.93 10.53 -28.08
N ARG D 198 -15.53 10.30 -26.81
CA ARG D 198 -14.16 10.52 -26.38
C ARG D 198 -13.22 9.44 -26.88
N LYS D 199 -13.78 8.27 -27.18
CA LYS D 199 -13.03 7.18 -27.78
C LYS D 199 -12.61 7.54 -29.20
N ARG D 200 -13.53 8.14 -29.94
CA ARG D 200 -13.25 8.62 -31.31
C ARG D 200 -12.42 9.89 -31.28
N HIS D 201 -12.82 10.84 -30.42
CA HIS D 201 -12.17 12.13 -30.35
C HIS D 201 -11.84 12.49 -28.90
N PRO D 202 -10.69 12.02 -28.40
CA PRO D 202 -10.21 12.37 -27.06
C PRO D 202 -10.05 13.88 -26.84
N GLN D 203 -10.39 14.33 -25.64
CA GLN D 203 -10.29 15.73 -25.27
C GLN D 203 -9.41 15.91 -24.04
N GLN D 204 -9.27 17.16 -23.58
CA GLN D 204 -8.49 17.45 -22.39
C GLN D 204 -9.33 17.30 -21.13
N ASP D 205 -9.79 16.08 -20.87
CA ASP D 205 -10.65 15.81 -19.72
C ASP D 205 -10.36 14.46 -19.05
N MET D 206 -11.07 14.20 -17.96
CA MET D 206 -10.89 12.98 -17.16
C MET D 206 -11.30 11.73 -17.90
N ILE D 207 -12.44 11.79 -18.59
CA ILE D 207 -12.96 10.65 -19.34
C ILE D 207 -11.92 10.11 -20.31
N SER D 208 -11.29 11.00 -21.06
CA SER D 208 -10.23 10.62 -22.01
C SER D 208 -9.02 10.04 -21.28
N MET D 209 -8.66 10.65 -20.15
CA MET D 209 -7.55 10.16 -19.32
C MET D 209 -7.81 8.74 -18.82
N LEU D 210 -9.07 8.47 -18.44
CA LEU D 210 -9.47 7.12 -18.02
C LEU D 210 -9.39 6.12 -19.16
N LEU D 211 -9.76 6.55 -20.36
CA LEU D 211 -9.77 5.67 -21.52
C LEU D 211 -8.37 5.33 -22.02
N LYS D 212 -7.43 6.24 -21.78
CA LYS D 212 -6.02 5.97 -22.07
C LYS D 212 -5.48 4.86 -21.17
N GLY D 213 -5.90 4.88 -19.90
CA GLY D 213 -5.48 3.86 -18.94
C GLY D 213 -3.99 3.83 -18.69
N ARG D 214 -3.52 2.75 -18.09
CA ARG D 214 -2.09 2.54 -17.87
C ARG D 214 -1.71 1.08 -18.14
N LYS D 218 -5.89 -0.83 -16.41
CA LYS D 218 -6.95 -1.01 -17.41
C LYS D 218 -8.32 -0.98 -16.73
N LEU D 219 -9.31 -0.43 -17.44
CA LEU D 219 -10.67 -0.41 -16.92
C LEU D 219 -11.72 -0.52 -18.02
N THR D 220 -12.85 -1.16 -17.70
CA THR D 220 -13.95 -1.30 -18.62
C THR D 220 -14.67 0.03 -18.83
N GLU D 221 -15.43 0.12 -19.93
CA GLU D 221 -16.18 1.33 -20.24
C GLU D 221 -17.27 1.61 -19.21
N GLU D 222 -17.73 0.56 -18.53
CA GLU D 222 -18.71 0.71 -17.46
C GLU D 222 -18.08 1.16 -16.15
N GLU D 223 -16.86 0.67 -15.87
CA GLU D 223 -16.10 1.12 -14.71
C GLU D 223 -15.72 2.59 -14.83
N ALA D 224 -15.44 3.04 -16.05
CA ALA D 224 -15.16 4.45 -16.30
C ALA D 224 -16.40 5.32 -16.11
N ALA D 225 -17.55 4.79 -16.53
CA ALA D 225 -18.82 5.49 -16.36
C ALA D 225 -19.20 5.67 -14.89
N SER D 226 -19.05 4.58 -14.12
CA SER D 226 -19.37 4.63 -12.69
C SER D 226 -18.39 5.48 -11.90
N THR D 227 -17.14 5.52 -12.34
CA THR D 227 -16.14 6.43 -11.77
C THR D 227 -16.55 7.89 -12.00
N CYS D 228 -16.99 8.20 -13.22
CA CYS D 228 -17.46 9.54 -13.56
C CYS D 228 -18.67 9.94 -12.72
N ILE D 229 -19.60 9.01 -12.54
CA ILE D 229 -20.78 9.25 -11.72
C ILE D 229 -20.41 9.53 -10.26
N LEU D 230 -19.50 8.71 -9.71
CA LEU D 230 -19.02 8.90 -8.34
C LEU D 230 -18.44 10.29 -8.15
N LEU D 231 -17.54 10.68 -9.05
CA LEU D 231 -16.85 11.97 -8.96
C LEU D 231 -17.82 13.14 -9.14
N ALA D 232 -18.82 12.95 -10.00
CA ALA D 232 -19.86 13.96 -10.22
C ALA D 232 -20.70 14.20 -8.97
N ILE D 233 -21.08 13.13 -8.28
CA ILE D 233 -21.85 13.23 -7.04
C ILE D 233 -21.02 13.87 -5.93
N ALA D 234 -19.79 13.40 -5.77
CA ALA D 234 -18.88 13.95 -4.77
C ALA D 234 -18.60 15.44 -5.01
N GLY D 235 -18.39 15.78 -6.29
CA GLY D 235 -18.11 17.17 -6.68
C GLY D 235 -19.27 18.10 -6.42
N HIS D 236 -20.48 17.60 -6.61
CA HIS D 236 -21.69 18.37 -6.31
C HIS D 236 -21.93 18.43 -4.80
N GLU D 237 -22.41 17.32 -4.24
CA GLU D 237 -23.00 17.31 -2.91
C GLU D 237 -22.08 17.82 -1.80
N THR D 238 -20.94 17.17 -1.61
CA THR D 238 -20.10 17.40 -0.44
C THR D 238 -19.39 18.76 -0.46
N THR D 239 -18.90 19.15 -1.64
CA THR D 239 -18.18 20.42 -1.79
C THR D 239 -19.10 21.62 -1.58
N VAL D 240 -20.32 21.52 -2.07
CA VAL D 240 -21.35 22.55 -1.85
C VAL D 240 -21.62 22.71 -0.34
N ASN D 241 -21.71 21.58 0.36
CA ASN D 241 -21.93 21.58 1.80
C ASN D 241 -20.78 22.22 2.58
N LEU D 242 -19.55 21.94 2.16
CA LEU D 242 -18.37 22.54 2.79
C LEU D 242 -18.40 24.06 2.71
N ILE D 243 -18.65 24.59 1.51
CA ILE D 243 -18.71 26.04 1.30
C ILE D 243 -19.82 26.67 2.14
N SER D 244 -21.02 26.13 2.06
CA SER D 244 -22.19 26.70 2.74
C SER D 244 -22.13 26.55 4.26
N ASN D 245 -21.67 25.40 4.74
CA ASN D 245 -21.44 25.19 6.18
C ASN D 245 -20.40 26.15 6.73
N SER D 246 -19.35 26.41 5.95
CA SER D 246 -18.28 27.31 6.33
C SER D 246 -18.77 28.75 6.47
N VAL D 247 -19.57 29.20 5.50
CA VAL D 247 -20.15 30.54 5.52
C VAL D 247 -21.05 30.74 6.75
N LEU D 248 -21.89 29.75 7.01
CA LEU D 248 -22.77 29.78 8.18
C LEU D 248 -21.96 29.80 9.48
N CYS D 249 -20.92 28.98 9.54
CA CYS D 249 -20.07 28.89 10.72
C CYS D 249 -19.43 30.24 11.03
N LEU D 250 -18.87 30.88 10.00
CA LEU D 250 -18.18 32.17 10.17
C LEU D 250 -19.14 33.29 10.57
N LEU D 251 -20.35 33.27 9.99
CA LEU D 251 -21.35 34.29 10.30
C LEU D 251 -21.93 34.13 11.70
N GLN D 252 -21.99 32.89 12.19
CA GLN D 252 -22.41 32.60 13.55
C GLN D 252 -21.33 32.97 14.57
N HIS D 253 -20.11 33.14 14.09
CA HIS D 253 -19.00 33.54 14.93
C HIS D 253 -18.29 34.76 14.33
N PRO D 254 -18.87 35.97 14.51
CA PRO D 254 -18.38 37.19 13.88
C PRO D 254 -16.97 37.58 14.33
N GLU D 255 -16.52 36.99 15.43
CA GLU D 255 -15.19 37.28 15.98
C GLU D 255 -14.09 36.68 15.09
N GLN D 256 -14.22 35.39 14.83
CA GLN D 256 -13.42 34.68 13.83
C GLN D 256 -13.56 35.32 12.44
N LEU D 257 -14.77 35.68 12.07
CA LEU D 257 -15.07 36.20 10.74
C LEU D 257 -14.29 37.48 10.43
N LEU D 258 -14.35 38.44 11.35
CA LEU D 258 -13.62 39.69 11.21
C LEU D 258 -12.11 39.43 11.14
N LYS D 259 -11.67 38.42 11.86
CA LYS D 259 -10.25 38.03 11.93
C LYS D 259 -9.78 37.49 10.58
N LEU D 260 -10.59 36.62 9.99
CA LEU D 260 -10.38 36.14 8.64
C LEU D 260 -10.43 37.26 7.59
N ARG D 261 -11.39 38.18 7.75
CA ARG D 261 -11.54 39.33 6.84
C ARG D 261 -10.26 40.16 6.77
N GLU D 262 -9.72 40.48 7.95
CA GLU D 262 -8.56 41.34 8.05
C GLU D 262 -7.27 40.65 7.61
N ASN D 263 -7.30 39.32 7.59
CA ASN D 263 -6.15 38.52 7.19
C ASN D 263 -6.53 37.29 6.39
N PRO D 264 -6.59 37.43 5.05
CA PRO D 264 -7.00 36.35 4.13
C PRO D 264 -6.05 35.15 4.11
N ASP D 265 -4.85 35.33 4.67
CA ASP D 265 -3.87 34.24 4.77
C ASP D 265 -4.28 33.19 5.82
N LEU D 266 -5.27 33.52 6.63
CA LEU D 266 -5.81 32.60 7.63
C LEU D 266 -6.81 31.62 7.03
N ILE D 267 -7.05 31.74 5.73
CA ILE D 267 -8.10 30.95 5.06
C ILE D 267 -7.83 29.45 5.11
N GLY D 268 -6.55 29.07 5.10
CA GLY D 268 -6.16 27.67 5.15
C GLY D 268 -6.56 27.00 6.45
N THR D 269 -6.16 27.59 7.56
CA THR D 269 -6.46 27.05 8.88
C THR D 269 -7.93 27.24 9.26
N ALA D 270 -8.57 28.23 8.66
CA ALA D 270 -9.99 28.48 8.87
C ALA D 270 -10.86 27.41 8.20
N VAL D 271 -10.49 27.02 6.98
CA VAL D 271 -11.22 26.00 6.25
C VAL D 271 -11.07 24.61 6.90
N GLU D 272 -9.91 24.37 7.51
CA GLU D 272 -9.68 23.13 8.25
C GLU D 272 -10.56 23.04 9.49
N GLU D 273 -10.72 24.16 10.18
CA GLU D 273 -11.57 24.22 11.37
C GLU D 273 -13.05 24.12 11.01
N CYS D 274 -13.42 24.63 9.84
CA CYS D 274 -14.76 24.44 9.31
C CYS D 274 -15.03 22.97 9.02
N LEU D 275 -14.05 22.30 8.43
CA LEU D 275 -14.13 20.87 8.17
C LEU D 275 -14.30 20.06 9.46
N ARG D 276 -13.58 20.46 10.51
CA ARG D 276 -13.66 19.77 11.79
C ARG D 276 -15.01 20.02 12.48
N TYR D 277 -15.45 21.28 12.46
CA TYR D 277 -16.58 21.71 13.28
C TYR D 277 -17.93 21.33 12.68
N GLU D 278 -18.07 21.49 11.37
CA GLU D 278 -19.31 21.12 10.66
C GLU D 278 -19.00 20.25 9.45
N SER D 279 -18.64 19.00 9.70
CA SER D 279 -18.19 18.09 8.66
C SER D 279 -19.27 17.77 7.64
N PRO D 280 -19.01 18.05 6.35
CA PRO D 280 -19.96 17.74 5.27
C PRO D 280 -20.37 16.26 5.27
N THR D 281 -19.41 15.38 5.49
CA THR D 281 -19.70 13.95 5.67
C THR D 281 -19.72 13.61 7.15
N GLN D 282 -20.86 13.10 7.63
CA GLN D 282 -21.03 12.78 9.03
C GLN D 282 -20.77 11.30 9.32
N MET D 283 -20.94 10.46 8.30
CA MET D 283 -20.83 9.02 8.48
C MET D 283 -20.16 8.33 7.30
N THR D 284 -19.32 7.35 7.61
CA THR D 284 -19.00 6.27 6.67
C THR D 284 -19.12 4.93 7.39
N ALA D 285 -18.92 3.84 6.66
CA ALA D 285 -19.21 2.51 7.21
C ALA D 285 -18.21 1.43 6.78
N ARG D 286 -18.05 0.42 7.63
CA ARG D 286 -17.24 -0.76 7.32
C ARG D 286 -17.95 -2.04 7.76
N VAL D 287 -17.56 -3.15 7.16
CA VAL D 287 -17.96 -4.48 7.65
C VAL D 287 -16.75 -5.30 8.09
N ALA D 288 -16.87 -5.97 9.22
CA ALA D 288 -15.79 -6.82 9.73
C ALA D 288 -15.70 -8.13 8.95
N SER D 289 -14.56 -8.35 8.32
CA SER D 289 -14.34 -9.56 7.53
C SER D 289 -13.92 -10.74 8.40
N GLU D 290 -13.65 -10.45 9.67
CA GLU D 290 -13.33 -11.47 10.67
C GLU D 290 -13.58 -10.92 12.07
N ASP D 291 -13.42 -11.77 13.08
CA ASP D 291 -13.54 -11.33 14.47
C ASP D 291 -12.37 -10.44 14.86
N ILE D 292 -12.69 -9.25 15.34
CA ILE D 292 -11.67 -8.23 15.64
C ILE D 292 -11.86 -7.66 17.04
N ASP D 293 -10.78 -7.68 17.83
CA ASP D 293 -10.79 -7.06 19.15
C ASP D 293 -10.22 -5.65 19.10
N ILE D 294 -11.01 -4.68 19.57
CA ILE D 294 -10.59 -3.28 19.62
C ILE D 294 -11.23 -2.58 20.82
N CYS D 295 -10.45 -1.74 21.50
CA CYS D 295 -10.98 -0.85 22.55
C CYS D 295 -11.83 -1.59 23.58
N GLY D 296 -11.43 -2.82 23.90
CA GLY D 296 -12.09 -3.61 24.94
C GLY D 296 -13.42 -4.21 24.53
N VAL D 297 -13.69 -4.26 23.23
CA VAL D 297 -14.85 -4.97 22.70
C VAL D 297 -14.46 -5.90 21.56
N THR D 298 -15.33 -6.84 21.25
CA THR D 298 -15.12 -7.75 20.13
C THR D 298 -16.17 -7.56 19.05
N ILE D 299 -15.73 -7.16 17.86
CA ILE D 299 -16.61 -7.05 16.70
C ILE D 299 -16.50 -8.31 15.86
N ARG D 300 -17.62 -9.02 15.73
CA ARG D 300 -17.62 -10.32 15.09
C ARG D 300 -17.77 -10.22 13.58
N GLN D 301 -17.32 -11.26 12.88
CA GLN D 301 -17.41 -11.31 11.42
C GLN D 301 -18.83 -11.03 10.93
N GLY D 302 -18.95 -10.11 9.99
CA GLY D 302 -20.24 -9.82 9.35
C GLY D 302 -20.98 -8.64 9.94
N GLU D 303 -20.56 -8.20 11.13
CA GLU D 303 -21.21 -7.09 11.82
C GLU D 303 -20.86 -5.75 11.18
N GLN D 304 -21.80 -4.81 11.22
CA GLN D 304 -21.63 -3.51 10.57
C GLN D 304 -21.05 -2.49 11.52
N VAL D 305 -20.13 -1.66 11.02
CA VAL D 305 -19.47 -0.65 11.83
C VAL D 305 -19.69 0.73 11.23
N TYR D 306 -20.25 1.64 12.02
CA TYR D 306 -20.61 2.96 11.53
C TYR D 306 -19.77 4.05 12.17
N LEU D 307 -18.96 4.70 11.36
CA LEU D 307 -17.98 5.67 11.83
C LEU D 307 -18.52 7.07 11.71
N LEU D 308 -18.77 7.69 12.85
CA LEU D 308 -19.36 9.02 12.90
C LEU D 308 -18.26 10.07 12.94
N LEU D 309 -17.90 10.58 11.76
CA LEU D 309 -16.71 11.41 11.60
C LEU D 309 -16.85 12.76 12.29
N GLY D 310 -18.05 13.32 12.25
CA GLY D 310 -18.35 14.56 12.97
C GLY D 310 -18.20 14.39 14.47
N ALA D 311 -18.57 13.22 14.98
CA ALA D 311 -18.43 12.90 16.40
C ALA D 311 -16.96 12.77 16.80
N ALA D 312 -16.20 12.03 15.99
CA ALA D 312 -14.76 11.87 16.20
C ALA D 312 -14.05 13.22 16.21
N ASN D 313 -14.52 14.14 15.37
CA ASN D 313 -13.96 15.48 15.29
C ASN D 313 -14.24 16.33 16.53
N ARG D 314 -15.09 15.82 17.42
CA ARG D 314 -15.42 16.51 18.65
C ARG D 314 -14.92 15.76 19.88
N ASP D 315 -13.97 14.86 19.68
CA ASP D 315 -13.40 14.06 20.77
C ASP D 315 -12.48 14.92 21.63
N PRO D 316 -12.87 15.15 22.91
CA PRO D 316 -12.16 16.04 23.83
C PRO D 316 -10.74 15.57 24.17
N SER D 317 -10.41 14.33 23.84
CA SER D 317 -9.08 13.79 24.13
C SER D 317 -8.09 14.09 23.01
N ILE D 318 -8.59 14.66 21.90
CA ILE D 318 -7.74 15.07 20.79
C ILE D 318 -7.83 16.59 20.56
N PHE D 319 -9.05 17.11 20.64
CA PHE D 319 -9.29 18.55 20.47
C PHE D 319 -9.75 19.18 21.78
N THR D 320 -8.91 20.02 22.37
CA THR D 320 -9.27 20.75 23.58
C THR D 320 -10.42 21.71 23.30
N ASN D 321 -11.39 21.76 24.22
CA ASN D 321 -12.62 22.51 24.01
C ASN D 321 -13.22 22.25 22.63
N PRO D 322 -13.66 21.00 22.40
CA PRO D 322 -13.97 20.52 21.04
C PRO D 322 -15.18 21.21 20.43
N ASP D 323 -16.03 21.81 21.28
CA ASP D 323 -17.24 22.48 20.84
C ASP D 323 -17.00 23.96 20.58
N VAL D 324 -15.74 24.39 20.71
CA VAL D 324 -15.36 25.77 20.42
C VAL D 324 -14.84 25.89 19.00
N PHE D 325 -15.42 26.82 18.24
CA PHE D 325 -14.99 27.11 16.87
C PHE D 325 -13.81 28.09 16.90
N ASP D 326 -12.61 27.57 16.65
CA ASP D 326 -11.40 28.37 16.71
C ASP D 326 -10.56 28.19 15.45
N ILE D 327 -10.57 29.21 14.59
CA ILE D 327 -9.94 29.12 13.27
C ILE D 327 -8.41 29.12 13.33
N THR D 328 -7.85 29.35 14.52
CA THR D 328 -6.40 29.35 14.72
C THR D 328 -5.87 27.98 15.17
N ARG D 329 -6.78 27.02 15.30
CA ARG D 329 -6.43 25.67 15.75
C ARG D 329 -5.35 25.06 14.86
N SER D 330 -4.23 24.67 15.48
CA SER D 330 -3.10 24.13 14.74
C SER D 330 -2.29 23.13 15.58
N PRO D 331 -2.09 21.90 15.07
CA PRO D 331 -2.64 21.46 13.79
C PRO D 331 -4.09 20.98 13.95
N ASN D 332 -4.68 20.51 12.86
CA ASN D 332 -6.07 20.10 12.87
C ASN D 332 -6.26 18.74 12.20
N PRO D 333 -5.95 17.65 12.93
CA PRO D 333 -5.97 16.32 12.35
C PRO D 333 -7.38 15.73 12.31
N HIS D 334 -8.34 16.51 11.82
CA HIS D 334 -9.73 16.06 11.70
C HIS D 334 -9.84 14.88 10.74
N LEU D 335 -10.96 14.16 10.82
CA LEU D 335 -11.18 12.98 9.98
C LEU D 335 -12.28 13.19 8.96
N SER D 336 -12.53 14.45 8.60
CA SER D 336 -13.61 14.80 7.68
C SER D 336 -13.43 14.19 6.30
N PHE D 337 -12.18 13.96 5.91
CA PHE D 337 -11.85 13.36 4.62
C PHE D 337 -11.58 11.86 4.75
N GLY D 338 -11.82 11.32 5.95
CA GLY D 338 -11.58 9.91 6.21
C GLY D 338 -10.14 9.63 6.58
N HIS D 339 -9.70 8.41 6.33
CA HIS D 339 -8.41 7.93 6.81
C HIS D 339 -8.10 6.57 6.18
N GLY D 340 -6.82 6.33 5.88
CA GLY D 340 -6.39 5.05 5.34
C GLY D 340 -6.49 4.94 3.83
N HIS D 341 -6.79 3.74 3.36
CA HIS D 341 -6.75 3.42 1.93
C HIS D 341 -7.80 4.17 1.11
N HIS D 342 -8.93 4.46 1.73
CA HIS D 342 -10.05 5.08 1.03
C HIS D 342 -10.14 6.59 1.29
N VAL D 343 -9.09 7.16 1.87
CA VAL D 343 -9.06 8.59 2.17
C VAL D 343 -9.41 9.43 0.93
N CYS D 344 -10.18 10.48 1.15
CA CYS D 344 -10.73 11.28 0.05
C CYS D 344 -9.73 11.55 -1.06
N LEU D 345 -10.13 11.20 -2.29
CA LEU D 345 -9.28 11.40 -3.47
C LEU D 345 -9.26 12.86 -3.91
N GLY D 346 -10.35 13.58 -3.67
CA GLY D 346 -10.49 14.96 -4.15
C GLY D 346 -10.37 16.03 -3.07
N SER D 347 -9.65 15.70 -2.00
CA SER D 347 -9.55 16.59 -0.84
C SER D 347 -8.83 17.91 -1.14
N SER D 348 -7.84 17.86 -2.02
CA SER D 348 -7.11 19.06 -2.43
C SER D 348 -8.00 20.01 -3.23
N LEU D 349 -8.79 19.44 -4.14
CA LEU D 349 -9.73 20.21 -4.94
C LEU D 349 -10.81 20.85 -4.07
N ALA D 350 -11.38 20.06 -3.16
CA ALA D 350 -12.41 20.53 -2.24
C ALA D 350 -11.90 21.72 -1.41
N ARG D 351 -10.69 21.58 -0.86
CA ARG D 351 -10.07 22.63 -0.07
C ARG D 351 -9.85 23.90 -0.90
N LEU D 352 -9.41 23.72 -2.14
CA LEU D 352 -9.10 24.86 -3.01
C LEU D 352 -10.36 25.64 -3.39
N GLU D 353 -11.43 24.90 -3.73
CA GLU D 353 -12.71 25.53 -4.07
C GLU D 353 -13.25 26.33 -2.89
N ALA D 354 -13.20 25.76 -1.70
CA ALA D 354 -13.69 26.42 -0.50
C ALA D 354 -12.85 27.65 -0.12
N GLN D 355 -11.53 27.50 -0.19
CA GLN D 355 -10.62 28.59 0.14
C GLN D 355 -10.84 29.81 -0.75
N ILE D 356 -10.92 29.59 -2.06
CA ILE D 356 -11.11 30.68 -3.01
C ILE D 356 -12.51 31.29 -2.89
N ALA D 357 -13.52 30.44 -2.79
CA ALA D 357 -14.91 30.89 -2.69
C ALA D 357 -15.14 31.77 -1.46
N ILE D 358 -14.61 31.34 -0.32
CA ILE D 358 -14.87 32.03 0.95
C ILE D 358 -14.07 33.34 1.06
N ASN D 359 -12.78 33.30 0.71
CA ASN D 359 -11.95 34.51 0.74
C ASN D 359 -12.46 35.60 -0.20
N THR D 360 -12.88 35.20 -1.40
CA THR D 360 -13.39 36.14 -2.38
C THR D 360 -14.72 36.73 -1.94
N LEU D 361 -15.61 35.89 -1.41
CA LEU D 361 -16.89 36.33 -0.87
C LEU D 361 -16.72 37.41 0.19
N LEU D 362 -15.82 37.17 1.14
CA LEU D 362 -15.58 38.12 2.22
C LEU D 362 -14.90 39.39 1.73
N GLN D 363 -14.15 39.28 0.64
CA GLN D 363 -13.49 40.43 0.02
C GLN D 363 -14.49 41.31 -0.73
N ARG D 364 -15.44 40.67 -1.41
CA ARG D 364 -16.36 41.37 -2.30
C ARG D 364 -17.65 41.81 -1.59
N MET D 365 -17.95 41.18 -0.46
CA MET D 365 -19.13 41.55 0.34
C MET D 365 -18.73 41.96 1.76
N PRO D 366 -18.26 43.21 1.92
CA PRO D 366 -17.65 43.71 3.16
C PRO D 366 -18.61 43.73 4.36
N SER D 367 -19.91 43.79 4.10
CA SER D 367 -20.91 43.85 5.17
C SER D 367 -21.84 42.64 5.15
N LEU D 368 -21.28 41.46 4.96
CA LEU D 368 -22.05 40.23 4.85
C LEU D 368 -22.73 39.87 6.17
N ASN D 369 -24.04 39.64 6.12
CA ASN D 369 -24.80 39.24 7.29
C ASN D 369 -25.83 38.17 6.98
N LEU D 370 -26.49 37.67 8.01
CA LEU D 370 -27.35 36.49 7.88
C LEU D 370 -28.82 36.87 7.92
N ALA D 371 -29.55 36.53 6.86
CA ALA D 371 -31.00 36.63 6.86
C ALA D 371 -31.61 35.76 7.95
N ASP D 372 -32.92 35.89 8.13
CA ASP D 372 -33.67 34.94 8.96
C ASP D 372 -34.73 34.20 8.14
N PHE D 373 -34.45 32.94 7.84
CA PHE D 373 -35.33 32.14 6.98
C PHE D 373 -36.28 31.29 7.81
N TRP D 375 -32.48 28.34 10.17
CA TRP D 375 -31.84 27.51 9.14
C TRP D 375 -32.40 26.09 9.17
N ARG D 376 -32.47 25.47 8.00
CA ARG D 376 -32.99 24.12 7.88
C ARG D 376 -31.97 23.19 7.24
N TYR D 377 -31.80 22.01 7.80
CA TYR D 377 -30.92 20.99 7.24
C TYR D 377 -31.71 19.96 6.46
N ARG D 378 -31.14 19.52 5.34
CA ARG D 378 -31.72 18.43 4.55
C ARG D 378 -31.79 17.15 5.37
N PRO D 379 -32.83 16.34 5.15
CA PRO D 379 -33.04 15.12 5.94
C PRO D 379 -32.05 14.01 5.56
N LEU D 380 -30.76 14.29 5.77
CA LEU D 380 -29.70 13.30 5.55
C LEU D 380 -28.92 13.14 6.84
N PHE D 381 -28.72 11.90 7.27
CA PHE D 381 -28.01 11.64 8.51
C PHE D 381 -26.51 11.42 8.30
N GLY D 382 -26.15 10.92 7.12
CA GLY D 382 -24.74 10.69 6.77
C GLY D 382 -24.05 11.94 6.26
N PHE D 383 -24.82 13.00 6.06
CA PHE D 383 -24.28 14.26 5.54
C PHE D 383 -24.87 15.45 6.28
N ARG D 384 -24.06 16.49 6.45
CA ARG D 384 -24.50 17.73 7.08
C ARG D 384 -24.73 18.78 5.99
N ALA D 385 -25.97 18.88 5.51
CA ALA D 385 -26.27 19.69 4.33
C ALA D 385 -27.43 20.65 4.59
N LEU D 386 -27.18 21.94 4.38
CA LEU D 386 -28.21 22.97 4.54
C LEU D 386 -29.20 22.95 3.39
N GLU D 387 -30.46 23.28 3.69
CA GLU D 387 -31.48 23.44 2.66
C GLU D 387 -31.23 24.72 1.87
N GLU D 388 -31.08 25.82 2.60
CA GLU D 388 -30.81 27.14 2.02
C GLU D 388 -29.98 27.98 2.98
N LEU D 389 -29.27 28.96 2.44
CA LEU D 389 -28.55 29.93 3.26
C LEU D 389 -28.69 31.35 2.69
N PRO D 390 -29.82 32.02 3.00
CA PRO D 390 -30.03 33.41 2.59
C PRO D 390 -29.16 34.40 3.37
N VAL D 391 -28.49 35.29 2.65
CA VAL D 391 -27.63 36.31 3.27
C VAL D 391 -27.89 37.69 2.66
N THR D 392 -27.48 38.73 3.39
CA THR D 392 -27.55 40.10 2.86
C THR D 392 -26.18 40.77 2.96
N PHE D 393 -25.96 41.79 2.12
CA PHE D 393 -24.66 42.46 2.05
C PHE D 393 -24.72 43.90 1.53
N GLU D 394 -23.64 44.64 1.75
CA GLU D 394 -23.52 46.04 1.34
C GLU D 394 -23.93 46.25 -0.12
N SER E 18 -41.83 -60.78 9.52
CA SER E 18 -41.34 -59.87 10.58
C SER E 18 -41.31 -60.56 11.94
N HIS E 19 -40.33 -60.22 12.77
CA HIS E 19 -40.21 -60.79 14.12
C HIS E 19 -39.35 -59.92 15.04
N MET E 20 -39.47 -60.17 16.34
CA MET E 20 -38.63 -59.51 17.34
C MET E 20 -37.17 -59.92 17.17
N SER E 21 -36.26 -59.03 17.57
CA SER E 21 -34.81 -59.30 17.45
C SER E 21 -34.41 -60.51 18.30
N THR E 22 -33.78 -61.49 17.66
CA THR E 22 -33.21 -62.62 18.39
C THR E 22 -31.87 -62.24 19.01
N ILE E 23 -31.37 -63.10 19.88
CA ILE E 23 -30.06 -62.89 20.49
C ILE E 23 -28.97 -62.76 19.43
N GLU E 24 -29.00 -63.64 18.43
CA GLU E 24 -28.04 -63.60 17.32
C GLU E 24 -28.10 -62.28 16.54
N GLU E 25 -29.32 -61.85 16.23
CA GLU E 25 -29.52 -60.60 15.47
C GLU E 25 -29.03 -59.39 16.25
N ARG E 26 -29.25 -59.40 17.56
CA ARG E 26 -28.81 -58.31 18.43
C ARG E 26 -27.29 -58.23 18.53
N VAL E 27 -26.64 -59.38 18.63
CA VAL E 27 -25.18 -59.45 18.67
C VAL E 27 -24.57 -58.92 17.38
N LYS E 28 -25.13 -59.36 16.25
CA LYS E 28 -24.59 -59.03 14.94
C LYS E 28 -24.80 -57.56 14.57
N LYS E 29 -25.92 -56.99 15.03
CA LYS E 29 -26.21 -55.57 14.83
C LYS E 29 -25.16 -54.70 15.54
N ILE E 30 -24.82 -55.07 16.77
CA ILE E 30 -23.81 -54.38 17.55
C ILE E 30 -22.44 -54.43 16.85
N ILE E 31 -22.03 -55.63 16.46
CA ILE E 31 -20.77 -55.83 15.75
C ILE E 31 -20.73 -55.01 14.45
N GLY E 32 -21.85 -55.04 13.71
CA GLY E 32 -21.96 -54.30 12.45
C GLY E 32 -21.80 -52.80 12.62
N GLU E 33 -22.50 -52.24 13.60
CA GLU E 33 -22.46 -50.80 13.88
C GLU E 33 -21.08 -50.36 14.39
N GLN E 34 -20.43 -51.24 15.15
CA GLN E 34 -19.13 -50.94 15.74
C GLN E 34 -18.01 -50.94 14.69
N LEU E 35 -18.07 -51.91 13.78
CA LEU E 35 -16.96 -52.15 12.85
C LEU E 35 -17.25 -51.67 11.43
N GLY E 36 -18.43 -51.09 11.23
CA GLY E 36 -18.80 -50.50 9.95
C GLY E 36 -19.05 -51.51 8.85
N VAL E 37 -19.50 -52.70 9.25
CA VAL E 37 -19.84 -53.76 8.31
C VAL E 37 -21.35 -54.04 8.31
N LYS E 38 -21.84 -54.62 7.23
CA LYS E 38 -23.25 -54.97 7.13
C LYS E 38 -23.59 -56.16 8.05
N GLN E 39 -24.81 -56.14 8.59
CA GLN E 39 -25.23 -57.13 9.60
C GLN E 39 -25.31 -58.53 9.00
N GLU E 40 -25.60 -58.59 7.70
CA GLU E 40 -25.46 -59.82 6.94
C GLU E 40 -24.01 -60.28 6.81
N GLU E 41 -23.10 -59.35 6.57
CA GLU E 41 -21.68 -59.69 6.32
C GLU E 41 -20.98 -60.33 7.53
N VAL E 42 -21.60 -60.20 8.70
CA VAL E 42 -21.06 -60.79 9.92
C VAL E 42 -21.47 -62.26 10.04
N THR E 43 -20.49 -63.15 9.86
CA THR E 43 -20.73 -64.59 9.98
C THR E 43 -20.39 -65.08 11.38
N ASN E 44 -21.00 -66.20 11.78
CA ASN E 44 -20.88 -66.71 13.15
C ASN E 44 -19.47 -67.19 13.51
N ASN E 45 -18.76 -67.71 12.51
CA ASN E 45 -17.41 -68.23 12.71
C ASN E 45 -16.31 -67.18 12.54
N ALA E 46 -16.70 -65.97 12.19
CA ALA E 46 -15.75 -64.90 11.92
C ALA E 46 -15.04 -64.42 13.18
N SER E 47 -13.72 -64.30 13.08
CA SER E 47 -12.90 -63.79 14.18
C SER E 47 -12.93 -62.26 14.18
N PHE E 48 -13.04 -61.68 15.37
CA PHE E 48 -13.16 -60.23 15.51
C PHE E 48 -11.92 -59.49 15.00
N VAL E 49 -10.75 -59.97 15.42
CA VAL E 49 -9.49 -59.29 15.10
C VAL E 49 -9.02 -59.60 13.67
N GLU E 50 -8.98 -60.89 13.33
CA GLU E 50 -8.43 -61.32 12.04
C GLU E 50 -9.37 -61.05 10.87
N ASP E 51 -10.61 -61.49 10.99
CA ASP E 51 -11.57 -61.41 9.88
C ASP E 51 -12.26 -60.04 9.81
N LEU E 52 -12.74 -59.56 10.95
CA LEU E 52 -13.54 -58.33 10.99
C LEU E 52 -12.70 -57.07 11.21
N GLY E 53 -11.43 -57.26 11.58
CA GLY E 53 -10.46 -56.17 11.62
C GLY E 53 -10.61 -55.24 12.81
N ALA E 54 -10.99 -55.81 13.96
CA ALA E 54 -11.17 -55.02 15.18
C ALA E 54 -9.82 -54.69 15.84
N ASP E 55 -9.61 -53.42 16.15
CA ASP E 55 -8.38 -53.00 16.82
C ASP E 55 -8.51 -53.04 18.34
N SER E 56 -7.51 -52.49 19.04
CA SER E 56 -7.43 -52.59 20.50
C SER E 56 -8.40 -51.65 21.23
N LEU E 57 -9.12 -50.83 20.47
CA LEU E 57 -10.25 -50.07 21.02
C LEU E 57 -11.58 -50.73 20.67
N ASP E 58 -11.69 -51.21 19.43
CA ASP E 58 -12.91 -51.83 18.93
C ASP E 58 -13.40 -52.96 19.83
N THR E 59 -12.46 -53.80 20.26
CA THR E 59 -12.79 -54.99 21.05
C THR E 59 -13.27 -54.62 22.45
N VAL E 60 -12.71 -53.55 23.01
CA VAL E 60 -13.14 -53.02 24.30
C VAL E 60 -14.55 -52.42 24.19
N GLU E 61 -14.76 -51.63 23.14
CA GLU E 61 -16.06 -51.00 22.91
C GLU E 61 -17.14 -52.01 22.53
N LEU E 62 -16.73 -53.12 21.92
CA LEU E 62 -17.64 -54.22 21.63
C LEU E 62 -18.18 -54.88 22.89
N VAL E 63 -17.29 -55.18 23.82
CA VAL E 63 -17.68 -55.80 25.09
C VAL E 63 -18.59 -54.87 25.90
N MET E 64 -18.27 -53.58 25.91
CA MET E 64 -19.10 -52.57 26.57
C MET E 64 -20.50 -52.52 25.97
N ALA E 65 -20.56 -52.58 24.64
CA ALA E 65 -21.84 -52.51 23.93
C ALA E 65 -22.69 -53.76 24.19
N LEU E 66 -22.04 -54.92 24.27
CA LEU E 66 -22.74 -56.16 24.55
C LEU E 66 -23.20 -56.24 25.99
N GLU E 67 -22.37 -55.76 26.91
CA GLU E 67 -22.73 -55.66 28.33
C GLU E 67 -23.96 -54.78 28.52
N GLU E 68 -24.01 -53.68 27.77
CA GLU E 68 -25.13 -52.74 27.83
C GLU E 68 -26.39 -53.36 27.23
N GLU E 69 -26.25 -53.98 26.06
CA GLU E 69 -27.40 -54.52 25.33
C GLU E 69 -28.09 -55.66 26.08
N PHE E 70 -27.31 -56.54 26.68
CA PHE E 70 -27.85 -57.73 27.32
C PHE E 70 -27.85 -57.62 28.85
N ASP E 71 -27.59 -56.41 29.34
CA ASP E 71 -27.60 -56.13 30.79
C ASP E 71 -26.82 -57.17 31.58
N THR E 72 -25.58 -57.39 31.19
CA THR E 72 -24.73 -58.40 31.82
C THR E 72 -23.35 -57.82 32.13
N GLU E 73 -22.60 -58.51 32.98
CA GLU E 73 -21.23 -58.12 33.27
C GLU E 73 -20.25 -59.26 33.01
N ILE E 74 -19.40 -59.06 32.01
CA ILE E 74 -18.43 -60.07 31.61
C ILE E 74 -17.08 -59.77 32.27
N PRO E 75 -16.59 -60.71 33.10
CA PRO E 75 -15.25 -60.58 33.67
C PRO E 75 -14.19 -60.61 32.57
N ASP E 76 -13.05 -59.97 32.84
CA ASP E 76 -11.96 -59.88 31.87
C ASP E 76 -11.48 -61.26 31.43
N GLU E 77 -11.55 -62.24 32.35
CA GLU E 77 -11.13 -63.60 32.04
C GLU E 77 -12.00 -64.25 30.96
N GLU E 78 -13.30 -63.98 31.01
CA GLU E 78 -14.25 -64.57 30.06
C GLU E 78 -14.20 -63.86 28.70
N ALA E 79 -13.97 -62.55 28.74
CA ALA E 79 -13.89 -61.74 27.52
C ALA E 79 -12.67 -62.11 26.68
N GLU E 80 -11.60 -62.47 27.36
CA GLU E 80 -10.40 -62.93 26.74
C GLU E 80 -10.67 -64.19 25.97
N LYS E 81 -11.64 -64.98 26.39
CA LYS E 81 -11.91 -66.23 25.73
C LYS E 81 -12.50 -66.05 24.36
N ILE E 82 -13.25 -65.00 24.17
CA ILE E 82 -14.11 -64.91 23.03
C ILE E 82 -13.39 -64.32 21.88
N THR E 83 -13.25 -65.08 20.81
CA THR E 83 -12.65 -64.53 19.62
C THR E 83 -13.43 -64.47 18.32
N THR E 84 -14.52 -65.21 18.26
CA THR E 84 -15.39 -65.23 17.12
C THR E 84 -16.78 -64.85 17.47
N VAL E 85 -17.57 -64.55 16.45
CA VAL E 85 -18.95 -64.13 16.64
C VAL E 85 -19.80 -65.18 17.36
N GLN E 86 -19.57 -66.45 17.01
CA GLN E 86 -20.30 -67.56 17.61
C GLN E 86 -20.02 -67.69 19.11
N ALA E 87 -18.74 -67.51 19.48
CA ALA E 87 -18.34 -67.53 20.88
C ALA E 87 -19.09 -66.47 21.70
N ALA E 88 -19.31 -65.30 21.10
CA ALA E 88 -20.07 -64.23 21.74
C ALA E 88 -21.54 -64.64 21.91
N ILE E 89 -22.15 -65.12 20.82
CA ILE E 89 -23.52 -65.62 20.86
C ILE E 89 -23.68 -66.75 21.89
N ASP E 90 -22.71 -67.66 21.93
CA ASP E 90 -22.72 -68.76 22.89
C ASP E 90 -22.71 -68.27 24.34
N TYR E 91 -21.84 -67.31 24.64
CA TYR E 91 -21.71 -66.80 26.00
C TYR E 91 -22.99 -66.12 26.48
N ILE E 92 -23.58 -65.30 25.62
CA ILE E 92 -24.84 -64.63 25.94
C ILE E 92 -26.01 -65.64 25.95
N ASN E 93 -25.87 -66.70 25.17
CA ASN E 93 -26.85 -67.79 25.11
C ASN E 93 -28.02 -67.49 24.17
N SER F 9 -17.10 -48.51 43.71
CA SER F 9 -17.38 -47.52 44.77
C SER F 9 -16.43 -47.69 45.96
N GLU F 10 -16.18 -48.94 46.32
CA GLU F 10 -15.28 -49.27 47.43
C GLU F 10 -13.82 -49.03 47.07
N PHE F 11 -13.51 -49.17 45.79
CA PHE F 11 -12.17 -48.86 45.28
C PHE F 11 -11.89 -47.37 45.37
N LEU F 12 -12.89 -46.56 45.03
CA LEU F 12 -12.75 -45.10 45.05
C LEU F 12 -12.57 -44.56 46.46
N LYS F 13 -13.23 -45.19 47.44
CA LYS F 13 -13.12 -44.80 48.84
C LYS F 13 -11.71 -45.08 49.36
N ASN F 14 -11.16 -46.22 48.97
CA ASN F 14 -9.85 -46.66 49.44
C ASN F 14 -9.15 -47.55 48.41
N PRO F 15 -8.44 -46.94 47.45
CA PRO F 15 -7.71 -47.70 46.44
C PRO F 15 -6.43 -48.31 46.98
N TYR F 16 -5.96 -47.81 48.11
CA TYR F 16 -4.65 -48.18 48.65
C TYR F 16 -4.62 -49.60 49.21
N SER F 17 -5.78 -50.04 49.72
CA SER F 17 -5.96 -51.43 50.12
C SER F 17 -5.83 -52.36 48.91
N PHE F 18 -6.43 -51.94 47.79
CA PHE F 18 -6.34 -52.66 46.53
C PHE F 18 -4.90 -52.72 46.01
N TYR F 19 -4.20 -51.59 46.12
CA TYR F 19 -2.79 -51.50 45.70
C TYR F 19 -1.91 -52.43 46.53
N ASP F 20 -2.22 -52.52 47.83
CA ASP F 20 -1.44 -53.33 48.77
C ASP F 20 -1.49 -54.82 48.42
N THR F 21 -2.66 -55.30 48.02
CA THR F 21 -2.85 -56.70 47.66
C THR F 21 -2.05 -57.07 46.42
N LEU F 22 -1.97 -56.15 45.46
CA LEU F 22 -1.18 -56.35 44.25
C LEU F 22 0.31 -56.36 44.56
N ARG F 23 0.73 -55.47 45.44
CA ARG F 23 2.14 -55.33 45.82
C ARG F 23 2.65 -56.57 46.55
N ALA F 24 1.77 -57.19 47.34
CA ALA F 24 2.11 -58.39 48.10
C ALA F 24 2.38 -59.59 47.21
N VAL F 25 1.63 -59.68 46.11
CA VAL F 25 1.87 -60.69 45.08
C VAL F 25 3.19 -60.41 44.35
N HIS F 26 3.22 -59.29 43.63
CA HIS F 26 4.42 -58.86 42.92
C HIS F 26 4.30 -57.37 42.59
N PRO F 27 5.39 -56.61 42.82
CA PRO F 27 5.42 -55.17 42.53
C PRO F 27 5.21 -54.86 41.04
N ILE F 28 5.45 -55.85 40.18
CA ILE F 28 5.00 -55.79 38.79
C ILE F 28 4.02 -56.93 38.53
N TYR F 29 2.73 -56.58 38.49
CA TYR F 29 1.65 -57.55 38.52
C TYR F 29 1.03 -57.72 37.14
N LYS F 30 1.06 -58.94 36.62
CA LYS F 30 0.37 -59.25 35.36
C LYS F 30 -1.11 -59.50 35.62
N GLY F 31 -1.95 -58.70 34.97
CA GLY F 31 -3.39 -58.81 35.16
C GLY F 31 -4.18 -58.01 34.15
N SER F 32 -5.48 -57.87 34.41
CA SER F 32 -6.36 -57.12 33.53
C SER F 32 -7.45 -56.44 34.35
N PHE F 33 -7.56 -55.13 34.19
CA PHE F 33 -8.58 -54.36 34.90
C PHE F 33 -9.34 -53.44 33.95
N LEU F 34 -10.67 -53.44 34.07
CA LEU F 34 -11.55 -52.74 33.14
C LEU F 34 -11.26 -53.09 31.68
N LYS F 35 -10.95 -54.36 31.45
CA LYS F 35 -10.76 -54.90 30.09
C LYS F 35 -9.41 -54.53 29.48
N TYR F 36 -8.52 -53.97 30.28
CA TYR F 36 -7.19 -53.58 29.80
C TYR F 36 -6.10 -54.46 30.41
N PRO F 37 -5.54 -55.36 29.58
CA PRO F 37 -4.49 -56.27 30.03
C PRO F 37 -3.11 -55.63 30.00
N GLY F 38 -2.25 -56.01 30.95
CA GLY F 38 -0.88 -55.53 30.97
C GLY F 38 -0.21 -55.71 32.32
N TRP F 39 0.86 -54.95 32.53
CA TRP F 39 1.62 -55.02 33.78
C TRP F 39 1.32 -53.84 34.67
N TYR F 40 0.79 -54.11 35.86
CA TYR F 40 0.38 -53.08 36.79
C TYR F 40 1.40 -52.93 37.92
N VAL F 41 2.08 -51.78 37.94
CA VAL F 41 3.25 -51.58 38.78
C VAL F 41 2.91 -50.80 40.05
N THR F 42 3.12 -51.43 41.20
CA THR F 42 2.84 -50.81 42.50
C THR F 42 4.12 -50.54 43.28
N GLY F 43 5.24 -51.07 42.80
CA GLY F 43 6.52 -50.89 43.46
C GLY F 43 7.21 -49.59 43.09
N TYR F 44 7.83 -48.95 44.08
CA TYR F 44 8.49 -47.66 43.89
C TYR F 44 9.70 -47.77 42.97
N GLU F 45 10.63 -48.66 43.31
CA GLU F 45 11.85 -48.83 42.55
C GLU F 45 11.56 -49.26 41.11
N GLU F 46 10.57 -50.14 40.96
CA GLU F 46 10.14 -50.61 39.66
C GLU F 46 9.53 -49.48 38.83
N THR F 47 8.67 -48.68 39.45
CA THR F 47 8.05 -47.53 38.79
C THR F 47 9.11 -46.56 38.28
N ALA F 48 10.02 -46.16 39.18
CA ALA F 48 11.09 -45.22 38.85
C ALA F 48 11.98 -45.73 37.72
N ALA F 49 12.32 -47.02 37.76
CA ALA F 49 13.16 -47.63 36.73
C ALA F 49 12.50 -47.62 35.35
N ILE F 50 11.20 -47.92 35.33
CA ILE F 50 10.44 -47.95 34.08
C ILE F 50 10.30 -46.55 33.48
N LEU F 51 10.01 -45.56 34.32
CA LEU F 51 9.87 -44.17 33.89
C LEU F 51 11.19 -43.59 33.39
N LYS F 52 12.30 -44.09 33.95
CA LYS F 52 13.64 -43.66 33.54
C LYS F 52 14.06 -44.30 32.21
N ASP F 53 13.47 -45.45 31.90
CA ASP F 53 13.92 -46.28 30.78
C ASP F 53 13.25 -45.86 29.47
N ALA F 54 14.05 -45.36 28.53
CA ALA F 54 13.55 -44.84 27.25
C ALA F 54 13.00 -45.95 26.34
N ARG F 55 13.35 -47.20 26.65
CA ARG F 55 12.81 -48.36 25.95
C ARG F 55 11.31 -48.53 26.22
N PHE F 56 10.87 -48.11 27.41
CA PHE F 56 9.46 -47.95 27.69
C PHE F 56 8.97 -46.62 27.13
N LYS F 57 8.25 -46.68 26.02
CA LYS F 57 7.83 -45.48 25.31
C LYS F 57 6.44 -45.04 25.72
N VAL F 58 6.19 -43.73 25.64
CA VAL F 58 4.83 -43.22 25.71
C VAL F 58 4.09 -43.57 24.43
N ARG F 59 2.77 -43.59 24.49
CA ARG F 59 1.95 -43.93 23.34
C ARG F 59 0.61 -43.22 23.39
N THR F 60 -0.02 -43.11 22.22
CA THR F 60 -1.36 -42.53 22.12
C THR F 60 -2.38 -43.36 22.92
N PRO F 61 -3.24 -42.68 23.69
CA PRO F 61 -4.22 -43.35 24.56
C PRO F 61 -5.37 -43.98 23.78
N LEU F 62 -5.43 -43.70 22.48
CA LEU F 62 -6.27 -44.43 21.53
C LEU F 62 -5.39 -45.06 20.46
N PRO F 63 -5.85 -46.15 19.83
CA PRO F 63 -5.02 -46.82 18.82
C PRO F 63 -4.50 -45.85 17.78
N GLU F 64 -3.22 -45.99 17.41
CA GLU F 64 -2.55 -44.96 16.62
C GLU F 64 -3.20 -44.70 15.27
N SER F 65 -3.71 -45.76 14.64
CA SER F 65 -4.27 -45.66 13.30
C SER F 65 -5.81 -45.54 13.30
N SER F 66 -6.38 -45.36 14.48
CA SER F 66 -7.84 -45.25 14.61
C SER F 66 -8.36 -43.90 14.15
N THR F 67 -9.40 -43.91 13.32
CA THR F 67 -10.06 -42.70 12.87
C THR F 67 -11.53 -42.67 13.28
N LYS F 68 -11.88 -43.51 14.25
CA LYS F 68 -13.22 -43.53 14.81
C LYS F 68 -13.53 -42.19 15.49
N TYR F 69 -12.56 -41.68 16.24
CA TYR F 69 -12.63 -40.34 16.80
C TYR F 69 -11.49 -39.51 16.23
N GLN F 70 -11.61 -39.16 14.95
CA GLN F 70 -10.52 -38.62 14.14
C GLN F 70 -9.94 -37.33 14.72
N ASP F 71 -10.81 -36.43 15.16
CA ASP F 71 -10.39 -35.14 15.67
C ASP F 71 -9.79 -35.25 17.07
N LEU F 72 -10.36 -36.13 17.89
CA LEU F 72 -9.82 -36.42 19.21
C LEU F 72 -8.43 -37.05 19.11
N SER F 73 -8.28 -38.03 18.22
CA SER F 73 -7.01 -38.70 18.00
C SER F 73 -5.93 -37.73 17.52
N HIS F 74 -6.29 -36.86 16.60
CA HIS F 74 -5.35 -35.89 16.03
C HIS F 74 -4.80 -34.93 17.08
N VAL F 75 -5.69 -34.43 17.94
CA VAL F 75 -5.29 -33.52 19.02
C VAL F 75 -4.38 -34.23 20.04
N GLN F 76 -4.78 -35.42 20.45
CA GLN F 76 -4.00 -36.23 21.40
C GLN F 76 -2.60 -36.53 20.86
N ASN F 77 -2.54 -36.98 19.62
CA ASN F 77 -1.29 -37.48 19.05
C ASN F 77 -0.22 -36.40 18.82
N GLN F 78 -0.66 -35.13 18.83
CA GLN F 78 0.25 -34.00 18.66
C GLN F 78 0.82 -33.48 19.99
N MET F 79 0.31 -34.00 21.10
CA MET F 79 0.73 -33.55 22.42
C MET F 79 2.06 -34.19 22.84
N MET F 80 2.93 -33.39 23.46
CA MET F 80 4.25 -33.84 23.89
CA MET F 80 4.26 -33.85 23.88
C MET F 80 4.18 -35.03 24.84
N LEU F 81 3.06 -35.12 25.57
CA LEU F 81 2.85 -36.17 26.56
C LEU F 81 2.82 -37.56 25.93
N PHE F 82 2.40 -37.63 24.67
CA PHE F 82 2.28 -38.90 23.96
C PHE F 82 3.27 -39.01 22.80
N GLN F 83 4.28 -38.16 22.80
CA GLN F 83 5.30 -38.13 21.75
C GLN F 83 6.63 -38.68 22.26
N ASN F 84 7.32 -39.43 21.42
CA ASN F 84 8.68 -39.89 21.73
C ASN F 84 9.73 -39.09 20.95
N GLN F 85 10.97 -39.59 20.96
CA GLN F 85 12.07 -38.93 20.24
C GLN F 85 11.85 -38.95 18.73
N PRO F 86 12.27 -37.87 18.03
CA PRO F 86 12.85 -36.65 18.59
C PRO F 86 11.83 -35.52 18.77
N ASP F 87 10.56 -35.80 18.50
CA ASP F 87 9.51 -34.80 18.55
C ASP F 87 9.24 -34.30 19.98
N HIS F 88 9.45 -35.18 20.96
CA HIS F 88 9.20 -34.83 22.36
C HIS F 88 10.07 -33.68 22.85
N ARG F 89 11.39 -33.80 22.66
CA ARG F 89 12.34 -32.79 23.10
C ARG F 89 12.05 -31.43 22.46
N ARG F 90 11.72 -31.45 21.17
CA ARG F 90 11.38 -30.23 20.44
C ARG F 90 10.17 -29.53 21.06
N LEU F 91 9.09 -30.29 21.26
CA LEU F 91 7.85 -29.72 21.79
C LEU F 91 7.99 -29.28 23.25
N ARG F 92 8.70 -30.06 24.06
CA ARG F 92 8.89 -29.74 25.47
C ARG F 92 9.73 -28.48 25.66
N THR F 93 10.86 -28.42 24.96
CA THR F 93 11.77 -27.28 25.04
C THR F 93 11.07 -25.96 24.68
N LEU F 94 10.23 -26.02 23.65
CA LEU F 94 9.52 -24.82 23.18
C LEU F 94 8.49 -24.30 24.19
N ALA F 95 7.93 -25.21 24.97
CA ALA F 95 6.90 -24.85 25.95
C ALA F 95 7.50 -24.55 27.33
N SER F 96 8.75 -24.96 27.54
CA SER F 96 9.37 -24.92 28.86
C SER F 96 9.63 -23.50 29.39
N GLY F 97 9.68 -22.52 28.48
CA GLY F 97 10.00 -21.14 28.83
C GLY F 97 9.03 -20.48 29.80
N ALA F 98 7.79 -20.97 29.80
CA ALA F 98 6.74 -20.42 30.65
C ALA F 98 6.72 -21.05 32.04
N PHE F 99 7.58 -22.04 32.26
CA PHE F 99 7.52 -22.84 33.49
C PHE F 99 8.88 -22.95 34.20
N THR F 100 9.84 -22.14 33.78
CA THR F 100 11.12 -22.05 34.46
C THR F 100 10.93 -21.52 35.89
N PRO F 101 11.85 -21.86 36.81
CA PRO F 101 11.78 -21.36 38.18
C PRO F 101 11.60 -19.84 38.25
N ARG F 102 12.32 -19.12 37.41
CA ARG F 102 12.27 -17.65 37.39
C ARG F 102 10.90 -17.13 36.94
N THR F 103 10.39 -17.69 35.85
CA THR F 103 9.09 -17.29 35.32
C THR F 103 7.94 -17.69 36.25
N THR F 104 8.04 -18.88 36.85
CA THR F 104 7.05 -19.35 37.80
C THR F 104 6.94 -18.42 39.00
N GLU F 105 8.10 -18.01 39.52
CA GLU F 105 8.18 -17.07 40.64
C GLU F 105 7.50 -15.74 40.33
N SER F 106 7.51 -15.36 39.06
CA SER F 106 6.92 -14.10 38.62
C SER F 106 5.39 -14.13 38.60
N TYR F 107 4.82 -15.33 38.75
CA TYR F 107 3.36 -15.50 38.80
C TYR F 107 2.82 -15.27 40.22
N GLN F 108 3.71 -15.27 41.20
CA GLN F 108 3.31 -15.22 42.61
C GLN F 108 2.35 -14.07 42.95
N PRO F 109 2.68 -12.83 42.54
CA PRO F 109 1.80 -11.68 42.79
C PRO F 109 0.37 -11.93 42.34
N TYR F 110 0.20 -12.40 41.11
CA TYR F 110 -1.13 -12.65 40.53
C TYR F 110 -1.88 -13.75 41.27
N ILE F 111 -1.14 -14.75 41.76
CA ILE F 111 -1.75 -15.87 42.49
C ILE F 111 -2.24 -15.43 43.87
N ILE F 112 -1.39 -14.70 44.61
CA ILE F 112 -1.77 -14.14 45.91
C ILE F 112 -3.00 -13.25 45.80
N GLU F 113 -3.01 -12.39 44.79
CA GLU F 113 -4.10 -11.44 44.54
C GLU F 113 -5.41 -12.17 44.21
N THR F 114 -5.33 -13.22 43.41
CA THR F 114 -6.49 -14.01 43.03
C THR F 114 -7.06 -14.80 44.21
N VAL F 115 -6.16 -15.37 45.02
CA VAL F 115 -6.56 -16.12 46.22
C VAL F 115 -7.37 -15.24 47.19
N HIS F 116 -6.83 -14.05 47.50
CA HIS F 116 -7.50 -13.10 48.38
C HIS F 116 -8.85 -12.64 47.82
N HIS F 117 -8.88 -12.40 46.52
CA HIS F 117 -10.10 -11.99 45.84
C HIS F 117 -11.20 -13.05 45.96
N LEU F 118 -10.83 -14.32 45.80
CA LEU F 118 -11.78 -15.42 45.86
C LEU F 118 -12.28 -15.68 47.28
N LEU F 119 -11.40 -15.49 48.26
CA LEU F 119 -11.76 -15.68 49.66
C LEU F 119 -12.60 -14.52 50.19
N ASP F 120 -12.47 -13.36 49.56
CA ASP F 120 -13.28 -12.19 49.89
C ASP F 120 -14.77 -12.44 49.60
N GLN F 121 -15.04 -13.20 48.54
CA GLN F 121 -16.41 -13.41 48.08
C GLN F 121 -17.19 -14.38 48.97
N VAL F 122 -16.48 -15.07 49.86
CA VAL F 122 -17.10 -16.07 50.73
C VAL F 122 -16.82 -15.81 52.22
N GLN F 123 -16.00 -14.81 52.50
CA GLN F 123 -15.53 -14.52 53.86
C GLN F 123 -16.68 -14.38 54.87
N GLY F 124 -17.76 -13.73 54.45
CA GLY F 124 -18.88 -13.45 55.33
C GLY F 124 -19.93 -14.56 55.37
N LYS F 125 -19.75 -15.58 54.56
CA LYS F 125 -20.76 -16.62 54.37
C LYS F 125 -20.66 -17.76 55.39
N LYS F 126 -19.52 -17.84 56.07
CA LYS F 126 -19.31 -18.85 57.11
C LYS F 126 -19.27 -20.28 56.56
N LYS F 127 -19.42 -20.41 55.24
CA LYS F 127 -19.31 -21.71 54.57
C LYS F 127 -18.90 -21.55 53.11
N MET F 128 -18.31 -22.61 52.55
CA MET F 128 -17.89 -22.60 51.15
C MET F 128 -17.74 -24.02 50.61
N GLU F 129 -17.81 -24.15 49.30
CA GLU F 129 -17.41 -25.37 48.61
C GLU F 129 -16.03 -25.18 48.01
N VAL F 130 -15.04 -25.86 48.61
CA VAL F 130 -13.62 -25.62 48.32
C VAL F 130 -13.29 -25.66 46.82
N ILE F 131 -13.93 -26.56 46.09
CA ILE F 131 -13.65 -26.73 44.66
C ILE F 131 -14.30 -25.63 43.80
N SER F 132 -15.61 -25.45 43.95
CA SER F 132 -16.37 -24.51 43.14
C SER F 132 -16.04 -23.05 43.45
N ASP F 133 -15.75 -22.77 44.73
CA ASP F 133 -15.60 -21.41 45.21
C ASP F 133 -14.15 -20.94 45.25
N PHE F 134 -13.21 -21.89 45.23
CA PHE F 134 -11.83 -21.59 45.55
C PHE F 134 -10.82 -22.29 44.63
N ALA F 135 -10.74 -23.61 44.73
CA ALA F 135 -9.71 -24.37 44.05
C ALA F 135 -9.78 -24.24 42.53
N PHE F 136 -10.96 -24.40 41.97
CA PHE F 136 -11.14 -24.34 40.52
C PHE F 136 -10.95 -22.94 39.92
N PRO F 137 -11.63 -21.92 40.49
CA PRO F 137 -11.48 -20.56 39.99
C PRO F 137 -10.01 -20.10 39.95
N LEU F 138 -9.29 -20.36 41.03
CA LEU F 138 -7.87 -20.00 41.10
C LEU F 138 -7.07 -20.65 39.97
N ALA F 139 -7.14 -21.97 39.88
CA ALA F 139 -6.39 -22.73 38.88
C ALA F 139 -6.79 -22.32 37.46
N SER F 140 -8.07 -22.06 37.26
CA SER F 140 -8.59 -21.61 35.97
C SER F 140 -8.07 -20.22 35.59
N PHE F 141 -8.14 -19.28 36.53
CA PHE F 141 -7.64 -17.93 36.31
C PHE F 141 -6.16 -17.91 35.97
N VAL F 142 -5.37 -18.68 36.72
CA VAL F 142 -3.91 -18.68 36.57
C VAL F 142 -3.48 -19.20 35.21
N ILE F 143 -4.00 -20.36 34.81
CA ILE F 143 -3.57 -21.00 33.57
C ILE F 143 -4.09 -20.27 32.32
N ALA F 144 -5.28 -19.71 32.41
CA ALA F 144 -5.84 -18.92 31.32
C ALA F 144 -5.02 -17.65 31.10
N ASN F 145 -4.53 -17.08 32.20
CA ASN F 145 -3.68 -15.88 32.17
C ASN F 145 -2.31 -16.18 31.57
N ILE F 146 -1.75 -17.34 31.90
CA ILE F 146 -0.44 -17.76 31.38
C ILE F 146 -0.51 -18.08 29.89
N ILE F 147 -1.52 -18.85 29.49
CA ILE F 147 -1.69 -19.21 28.08
C ILE F 147 -2.04 -17.97 27.24
N GLY F 148 -2.93 -17.14 27.76
CA GLY F 148 -3.35 -15.93 27.07
C GLY F 148 -4.79 -16.00 26.60
N VAL F 149 -5.60 -16.75 27.34
CA VAL F 149 -7.02 -16.88 27.04
C VAL F 149 -7.79 -15.73 27.69
N PRO F 150 -8.54 -14.95 26.88
CA PRO F 150 -9.36 -13.85 27.37
C PRO F 150 -10.33 -14.30 28.47
N GLU F 151 -10.64 -13.37 29.38
CA GLU F 151 -11.50 -13.66 30.52
C GLU F 151 -12.90 -14.10 30.10
N GLU F 152 -13.33 -13.66 28.92
CA GLU F 152 -14.67 -13.98 28.40
C GLU F 152 -14.77 -15.42 27.92
N ASP F 153 -13.64 -16.01 27.58
CA ASP F 153 -13.59 -17.37 27.02
C ASP F 153 -13.17 -18.41 28.07
N ARG F 154 -13.10 -18.00 29.32
CA ARG F 154 -12.57 -18.85 30.39
C ARG F 154 -13.52 -19.99 30.75
N GLU F 155 -14.82 -19.73 30.68
CA GLU F 155 -15.83 -20.72 31.05
C GLU F 155 -15.92 -21.84 30.02
N GLN F 156 -15.64 -21.50 28.76
CA GLN F 156 -15.61 -22.48 27.68
C GLN F 156 -14.44 -23.45 27.83
N LEU F 157 -13.33 -22.94 28.36
CA LEU F 157 -12.14 -23.77 28.62
C LEU F 157 -12.41 -24.82 29.68
N LYS F 158 -13.21 -24.46 30.68
CA LYS F 158 -13.60 -25.36 31.77
C LYS F 158 -14.30 -26.61 31.23
N GLU F 159 -15.23 -26.41 30.31
CA GLU F 159 -16.02 -27.50 29.73
C GLU F 159 -15.16 -28.43 28.89
N TRP F 160 -14.26 -27.85 28.09
CA TRP F 160 -13.34 -28.62 27.27
C TRP F 160 -12.44 -29.50 28.13
N ALA F 161 -11.86 -28.92 29.18
CA ALA F 161 -10.93 -29.63 30.05
C ALA F 161 -11.58 -30.84 30.75
N ALA F 162 -12.77 -30.62 31.30
CA ALA F 162 -13.48 -31.65 32.04
C ALA F 162 -13.91 -32.81 31.13
N SER F 163 -14.16 -32.51 29.86
CA SER F 163 -14.60 -33.51 28.90
C SER F 163 -13.42 -34.28 28.31
N LEU F 164 -12.31 -33.59 28.08
CA LEU F 164 -11.15 -34.20 27.43
C LEU F 164 -10.30 -35.05 28.38
N ILE F 165 -10.33 -34.71 29.67
CA ILE F 165 -9.61 -35.49 30.67
C ILE F 165 -10.16 -36.92 30.79
N GLN F 166 -11.46 -37.06 30.53
CA GLN F 166 -12.13 -38.36 30.62
CA GLN F 166 -12.14 -38.36 30.60
C GLN F 166 -11.67 -39.31 29.50
N THR F 167 -11.24 -38.73 28.38
CA THR F 167 -10.92 -39.50 27.17
C THR F 167 -9.67 -40.38 27.31
N ILE F 168 -8.88 -40.14 28.36
CA ILE F 168 -7.67 -40.94 28.58
C ILE F 168 -7.81 -41.92 29.75
N ASP F 169 -8.90 -41.80 30.49
CA ASP F 169 -9.10 -42.61 31.70
C ASP F 169 -9.69 -43.98 31.39
N PHE F 170 -9.36 -44.96 32.23
CA PHE F 170 -9.90 -46.32 32.11
C PHE F 170 -11.43 -46.34 32.12
N THR F 171 -12.03 -45.37 32.79
CA THR F 171 -13.48 -45.33 32.98
C THR F 171 -14.23 -44.75 31.78
N ARG F 172 -13.49 -44.42 30.72
CA ARG F 172 -14.10 -43.81 29.53
C ARG F 172 -15.11 -44.72 28.87
N SER F 173 -16.13 -44.13 28.26
CA SER F 173 -17.15 -44.85 27.53
C SER F 173 -17.21 -44.36 26.08
N ARG F 174 -17.97 -45.07 25.25
CA ARG F 174 -18.26 -44.61 23.88
C ARG F 174 -18.85 -43.20 23.87
N LYS F 175 -19.72 -42.91 24.84
CA LYS F 175 -20.34 -41.61 24.95
C LYS F 175 -19.32 -40.52 25.30
N ALA F 176 -18.40 -40.84 26.20
CA ALA F 176 -17.36 -39.91 26.62
C ALA F 176 -16.43 -39.56 25.45
N LEU F 177 -16.14 -40.55 24.61
CA LEU F 177 -15.23 -40.36 23.49
C LEU F 177 -15.87 -39.60 22.34
N THR F 178 -17.17 -39.80 22.16
CA THR F 178 -17.94 -39.03 21.17
C THR F 178 -18.04 -37.56 21.58
N GLU F 179 -18.33 -37.33 22.85
CA GLU F 179 -18.33 -35.99 23.43
C GLU F 179 -16.92 -35.36 23.34
N GLY F 180 -15.91 -36.18 23.60
CA GLY F 180 -14.52 -35.73 23.51
C GLY F 180 -14.13 -35.26 22.13
N ASN F 181 -14.57 -36.00 21.11
CA ASN F 181 -14.30 -35.62 19.72
C ASN F 181 -14.90 -34.26 19.34
N ILE F 182 -16.09 -33.97 19.86
CA ILE F 182 -16.76 -32.68 19.64
C ILE F 182 -16.01 -31.54 20.32
N MET F 183 -15.55 -31.79 21.56
CA MET F 183 -14.79 -30.79 22.31
C MET F 183 -13.42 -30.55 21.68
N ALA F 184 -12.86 -31.60 21.06
CA ALA F 184 -11.58 -31.50 20.37
C ALA F 184 -11.69 -30.58 19.15
N VAL F 185 -12.78 -30.72 18.39
CA VAL F 185 -13.07 -29.83 17.27
C VAL F 185 -13.17 -28.38 17.74
N GLN F 186 -13.95 -28.16 18.80
CA GLN F 186 -14.20 -26.82 19.34
C GLN F 186 -12.92 -26.16 19.87
N ALA F 187 -12.17 -26.89 20.68
CA ALA F 187 -10.95 -26.36 21.29
C ALA F 187 -9.89 -26.02 20.24
N MET F 188 -9.74 -26.91 19.25
CA MET F 188 -8.75 -26.72 18.20
C MET F 188 -9.10 -25.51 17.32
N ALA F 189 -10.39 -25.35 17.04
CA ALA F 189 -10.87 -24.22 16.26
C ALA F 189 -10.66 -22.90 16.99
N TYR F 190 -10.89 -22.92 18.30
CA TYR F 190 -10.73 -21.73 19.12
C TYR F 190 -9.28 -21.27 19.19
N PHE F 191 -8.37 -22.21 19.45
CA PHE F 191 -6.97 -21.87 19.62
C PHE F 191 -6.29 -21.49 18.31
N LYS F 192 -6.75 -22.07 17.21
CA LYS F 192 -6.32 -21.65 15.88
C LYS F 192 -6.66 -20.19 15.61
N GLU F 193 -7.88 -19.80 15.98
CA GLU F 193 -8.33 -18.41 15.89
C GLU F 193 -7.48 -17.50 16.76
N LEU F 194 -7.26 -17.92 17.99
CA LEU F 194 -6.48 -17.14 18.96
C LEU F 194 -5.03 -17.00 18.52
N ILE F 195 -4.51 -18.03 17.85
CA ILE F 195 -3.15 -17.98 17.30
C ILE F 195 -3.04 -16.98 16.15
N GLN F 196 -4.09 -16.89 15.34
CA GLN F 196 -4.14 -15.94 14.22
C GLN F 196 -4.06 -14.50 14.69
N LYS F 197 -4.74 -14.18 15.79
CA LYS F 197 -4.67 -12.82 16.32
C LYS F 197 -3.36 -12.51 17.02
N ARG F 198 -2.75 -13.52 17.63
CA ARG F 198 -1.44 -13.35 18.26
C ARG F 198 -0.32 -13.29 17.22
N LYS F 199 -0.56 -13.88 16.04
CA LYS F 199 0.36 -13.75 14.91
C LYS F 199 0.43 -12.31 14.44
N ARG F 200 -0.73 -11.66 14.36
CA ARG F 200 -0.82 -10.26 13.95
C ARG F 200 -0.41 -9.33 15.08
N HIS F 201 -0.93 -9.59 16.28
CA HIS F 201 -0.63 -8.77 17.46
C HIS F 201 -0.15 -9.63 18.62
N PRO F 202 1.17 -9.86 18.72
CA PRO F 202 1.75 -10.63 19.82
C PRO F 202 1.49 -9.99 21.17
N GLN F 203 1.21 -10.80 22.17
CA GLN F 203 0.97 -10.30 23.53
C GLN F 203 1.96 -10.94 24.51
N GLN F 204 1.82 -10.59 25.79
CA GLN F 204 2.69 -11.12 26.83
C GLN F 204 2.15 -12.44 27.37
N ASP F 205 2.06 -13.45 26.51
CA ASP F 205 1.54 -14.74 26.91
C ASP F 205 2.28 -15.89 26.23
N MET F 206 1.87 -17.12 26.55
CA MET F 206 2.57 -18.31 26.08
C MET F 206 2.34 -18.59 24.60
N ILE F 207 1.14 -18.32 24.12
CA ILE F 207 0.81 -18.48 22.69
C ILE F 207 1.80 -17.71 21.82
N SER F 208 2.04 -16.45 22.17
CA SER F 208 2.98 -15.61 21.46
C SER F 208 4.41 -16.16 21.56
N MET F 209 4.78 -16.62 22.75
CA MET F 209 6.08 -17.24 22.99
C MET F 209 6.30 -18.47 22.09
N LEU F 210 5.25 -19.28 21.95
CA LEU F 210 5.28 -20.45 21.09
C LEU F 210 5.45 -20.05 19.61
N LEU F 211 4.79 -18.97 19.22
CA LEU F 211 4.82 -18.49 17.84
C LEU F 211 6.19 -17.94 17.46
N LYS F 212 6.88 -17.37 18.44
CA LYS F 212 8.27 -16.92 18.26
C LYS F 212 9.18 -18.09 17.92
N LYS F 218 11.10 -25.03 16.18
CA LYS F 218 9.99 -24.67 15.29
C LYS F 218 8.79 -25.57 15.55
N LEU F 219 7.60 -25.01 15.44
CA LEU F 219 6.37 -25.80 15.58
C LEU F 219 5.22 -25.27 14.72
N THR F 220 4.38 -26.19 14.25
CA THR F 220 3.22 -25.83 13.45
C THR F 220 2.16 -25.17 14.30
N GLU F 221 1.22 -24.49 13.65
CA GLU F 221 0.14 -23.80 14.35
C GLU F 221 -0.82 -24.78 15.03
N GLU F 222 -0.85 -26.01 14.52
CA GLU F 222 -1.64 -27.08 15.14
C GLU F 222 -0.95 -27.66 16.37
N GLU F 223 0.37 -27.78 16.29
CA GLU F 223 1.17 -28.25 17.43
C GLU F 223 1.11 -27.24 18.59
N ALA F 224 1.06 -25.96 18.25
CA ALA F 224 0.90 -24.91 19.24
C ALA F 224 -0.48 -24.95 19.89
N ALA F 225 -1.50 -25.24 19.08
CA ALA F 225 -2.87 -25.34 19.57
C ALA F 225 -3.04 -26.52 20.54
N SER F 226 -2.49 -27.67 20.16
CA SER F 226 -2.56 -28.88 20.99
C SER F 226 -1.75 -28.73 22.28
N THR F 227 -0.64 -28.00 22.19
CA THR F 227 0.15 -27.64 23.37
C THR F 227 -0.68 -26.81 24.35
N CYS F 228 -1.37 -25.80 23.82
CA CYS F 228 -2.25 -24.95 24.64
C CYS F 228 -3.36 -25.75 25.31
N ILE F 229 -3.96 -26.67 24.55
CA ILE F 229 -5.03 -27.53 25.05
C ILE F 229 -4.52 -28.43 26.18
N LEU F 230 -3.35 -29.02 25.98
CA LEU F 230 -2.71 -29.88 27.00
C LEU F 230 -2.51 -29.13 28.31
N LEU F 231 -1.90 -27.94 28.22
CA LEU F 231 -1.60 -27.15 29.40
C LEU F 231 -2.87 -26.63 30.09
N ALA F 232 -3.89 -26.34 29.29
CA ALA F 232 -5.19 -25.92 29.81
C ALA F 232 -5.86 -27.03 30.64
N ILE F 233 -5.80 -28.26 30.14
CA ILE F 233 -6.38 -29.41 30.85
C ILE F 233 -5.59 -29.69 32.13
N ALA F 234 -4.27 -29.71 32.02
CA ALA F 234 -3.39 -29.95 33.16
C ALA F 234 -3.57 -28.87 34.23
N GLY F 235 -3.65 -27.61 33.79
CA GLY F 235 -3.83 -26.48 34.69
C GLY F 235 -5.15 -26.50 35.44
N HIS F 236 -6.20 -26.98 34.79
CA HIS F 236 -7.50 -27.14 35.44
C HIS F 236 -7.51 -28.37 36.33
N GLU F 237 -7.57 -29.55 35.72
CA GLU F 237 -7.92 -30.79 36.42
C GLU F 237 -7.02 -31.11 37.62
N THR F 238 -5.73 -31.29 37.35
CA THR F 238 -4.80 -31.83 38.35
C THR F 238 -4.51 -30.88 39.50
N THR F 239 -4.32 -29.60 39.19
CA THR F 239 -4.00 -28.59 40.20
C THR F 239 -5.17 -28.37 41.17
N VAL F 240 -6.39 -28.38 40.63
CA VAL F 240 -7.60 -28.31 41.44
C VAL F 240 -7.66 -29.47 42.44
N ASN F 241 -7.31 -30.67 41.96
CA ASN F 241 -7.31 -31.86 42.80
C ASN F 241 -6.25 -31.81 43.90
N LEU F 242 -5.08 -31.27 43.57
CA LEU F 242 -4.01 -31.11 44.56
C LEU F 242 -4.47 -30.23 45.73
N ILE F 243 -5.04 -29.08 45.41
CA ILE F 243 -5.53 -28.15 46.43
C ILE F 243 -6.61 -28.78 47.30
N SER F 244 -7.64 -29.35 46.65
CA SER F 244 -8.78 -29.93 47.36
C SER F 244 -8.42 -31.18 48.17
N ASN F 245 -7.59 -32.04 47.58
CA ASN F 245 -7.07 -33.22 48.31
C ASN F 245 -6.27 -32.81 49.54
N SER F 246 -5.46 -31.77 49.39
CA SER F 246 -4.63 -31.26 50.49
C SER F 246 -5.47 -30.74 51.64
N VAL F 247 -6.51 -29.97 51.32
CA VAL F 247 -7.41 -29.41 52.33
C VAL F 247 -8.12 -30.52 53.09
N LEU F 248 -8.62 -31.53 52.37
CA LEU F 248 -9.27 -32.68 52.99
C LEU F 248 -8.29 -33.44 53.89
N CYS F 249 -7.09 -33.69 53.36
CA CYS F 249 -6.03 -34.36 54.12
C CYS F 249 -5.77 -33.69 55.47
N LEU F 250 -5.57 -32.37 55.44
CA LEU F 250 -5.24 -31.61 56.63
C LEU F 250 -6.39 -31.59 57.63
N LEU F 251 -7.62 -31.52 57.12
CA LEU F 251 -8.80 -31.46 57.97
C LEU F 251 -9.11 -32.81 58.63
N GLN F 252 -8.78 -33.91 57.96
CA GLN F 252 -8.94 -35.22 58.57
C GLN F 252 -7.76 -35.59 59.49
N HIS F 253 -6.72 -34.74 59.48
CA HIS F 253 -5.63 -34.85 60.43
C HIS F 253 -5.41 -33.51 61.15
N PRO F 254 -6.26 -33.20 62.15
CA PRO F 254 -6.24 -31.89 62.81
C PRO F 254 -4.93 -31.61 63.54
N GLU F 255 -4.16 -32.66 63.82
CA GLU F 255 -2.89 -32.52 64.54
C GLU F 255 -1.82 -31.85 63.67
N GLN F 256 -1.64 -32.39 62.46
CA GLN F 256 -0.83 -31.75 61.43
C GLN F 256 -1.35 -30.35 61.08
N LEU F 257 -2.67 -30.22 60.97
CA LEU F 257 -3.29 -28.99 60.52
C LEU F 257 -2.92 -27.82 61.44
N LEU F 258 -3.00 -28.06 62.74
CA LEU F 258 -2.67 -27.03 63.73
C LEU F 258 -1.19 -26.69 63.70
N LYS F 259 -0.36 -27.71 63.48
CA LYS F 259 1.08 -27.51 63.33
C LYS F 259 1.38 -26.61 62.14
N LEU F 260 0.68 -26.84 61.03
CA LEU F 260 0.82 -26.01 59.84
C LEU F 260 0.32 -24.59 60.09
N ARG F 261 -0.80 -24.48 60.79
CA ARG F 261 -1.40 -23.18 61.08
C ARG F 261 -0.47 -22.30 61.94
N GLU F 262 0.14 -22.92 62.95
CA GLU F 262 1.03 -22.21 63.87
C GLU F 262 2.37 -21.83 63.22
N ASN F 263 2.76 -22.56 62.18
CA ASN F 263 3.92 -22.15 61.40
C ASN F 263 3.83 -22.40 59.90
N PRO F 264 3.52 -21.33 59.14
CA PRO F 264 3.25 -21.35 57.71
C PRO F 264 4.48 -21.71 56.88
N ASP F 265 5.65 -21.71 57.49
CA ASP F 265 6.87 -22.10 56.79
C ASP F 265 6.97 -23.61 56.57
N LEU F 266 6.06 -24.35 57.20
CA LEU F 266 5.97 -25.81 57.00
C LEU F 266 5.17 -26.16 55.75
N ILE F 267 4.70 -25.13 55.03
CA ILE F 267 3.82 -25.34 53.87
C ILE F 267 4.49 -26.13 52.75
N GLY F 268 5.81 -25.94 52.60
CA GLY F 268 6.56 -26.62 51.56
C GLY F 268 6.56 -28.13 51.76
N THR F 269 6.97 -28.56 52.94
CA THR F 269 7.05 -29.99 53.25
C THR F 269 5.66 -30.61 53.45
N ALA F 270 4.68 -29.77 53.80
CA ALA F 270 3.30 -30.22 53.96
C ALA F 270 2.65 -30.52 52.61
N VAL F 271 2.91 -29.67 51.62
CA VAL F 271 2.40 -29.87 50.27
C VAL F 271 3.01 -31.11 49.61
N GLU F 272 4.29 -31.37 49.89
CA GLU F 272 4.97 -32.56 49.39
C GLU F 272 4.33 -33.84 49.92
N GLU F 273 4.00 -33.83 51.21
CA GLU F 273 3.36 -34.99 51.85
C GLU F 273 1.92 -35.18 51.39
N CYS F 274 1.25 -34.08 51.06
CA CYS F 274 -0.07 -34.14 50.44
C CYS F 274 0.01 -34.76 49.05
N LEU F 275 1.06 -34.43 48.31
CA LEU F 275 1.32 -35.03 47.00
C LEU F 275 1.58 -36.52 47.09
N ARG F 276 2.34 -36.94 48.09
CA ARG F 276 2.64 -38.35 48.32
C ARG F 276 1.41 -39.14 48.75
N TYR F 277 0.64 -38.56 49.67
CA TYR F 277 -0.42 -39.29 50.38
C TYR F 277 -1.71 -39.42 49.56
N GLU F 278 -2.09 -38.35 48.88
CA GLU F 278 -3.27 -38.36 48.00
C GLU F 278 -2.95 -37.77 46.63
N SER F 279 -2.22 -38.53 45.82
CA SER F 279 -1.69 -38.04 44.55
C SER F 279 -2.81 -37.75 43.55
N PRO F 280 -2.84 -36.51 43.02
CA PRO F 280 -3.84 -36.11 42.04
C PRO F 280 -3.85 -37.04 40.84
N THR F 281 -2.66 -37.44 40.38
CA THR F 281 -2.53 -38.42 39.30
C THR F 281 -2.20 -39.80 39.88
N GLN F 282 -3.07 -40.76 39.63
CA GLN F 282 -2.91 -42.10 40.18
C GLN F 282 -2.20 -43.05 39.20
N MET F 283 -2.28 -42.74 37.91
CA MET F 283 -1.78 -43.62 36.87
C MET F 283 -1.13 -42.87 35.71
N THR F 284 0.00 -43.39 35.24
CA THR F 284 0.43 -43.16 33.87
C THR F 284 0.78 -44.49 33.21
N ALA F 285 1.15 -44.46 31.94
CA ALA F 285 1.32 -45.70 31.17
C ALA F 285 2.47 -45.64 30.17
N ARG F 286 3.05 -46.80 29.89
CA ARG F 286 4.07 -46.95 28.87
C ARG F 286 3.84 -48.22 28.06
N VAL F 287 4.40 -48.26 26.85
CA VAL F 287 4.47 -49.49 26.07
C VAL F 287 5.92 -49.92 25.85
N ALA F 288 6.17 -51.22 25.95
CA ALA F 288 7.51 -51.76 25.72
C ALA F 288 7.81 -51.82 24.22
N SER F 289 8.87 -51.13 23.81
CA SER F 289 9.27 -51.09 22.41
C SER F 289 10.12 -52.30 22.04
N GLU F 290 10.51 -53.07 23.05
CA GLU F 290 11.24 -54.32 22.86
C GLU F 290 11.08 -55.19 24.10
N ASP F 291 11.62 -56.41 24.05
CA ASP F 291 11.61 -57.30 25.20
C ASP F 291 12.55 -56.78 26.29
N ILE F 292 11.98 -56.59 27.49
CA ILE F 292 12.73 -55.99 28.60
C ILE F 292 12.61 -56.85 29.85
N ASP F 293 13.76 -57.18 30.44
CA ASP F 293 13.80 -57.90 31.71
C ASP F 293 13.97 -56.93 32.88
N ILE F 294 13.05 -57.01 33.83
CA ILE F 294 13.10 -56.17 35.03
C ILE F 294 12.45 -56.89 36.22
N CYS F 295 13.05 -56.74 37.39
CA CYS F 295 12.46 -57.24 38.64
C CYS F 295 12.05 -58.71 38.55
N GLY F 296 12.81 -59.51 37.82
CA GLY F 296 12.57 -60.95 37.74
C GLY F 296 11.40 -61.34 36.84
N VAL F 297 10.95 -60.41 36.01
CA VAL F 297 9.96 -60.73 34.96
C VAL F 297 10.40 -60.21 33.60
N THR F 298 9.77 -60.73 32.55
CA THR F 298 10.05 -60.27 31.19
C THR F 298 8.81 -59.62 30.58
N ILE F 299 8.94 -58.34 30.24
CA ILE F 299 7.88 -57.64 29.54
C ILE F 299 8.20 -57.61 28.04
N ARG F 300 7.32 -58.23 27.25
CA ARG F 300 7.57 -58.44 25.83
C ARG F 300 7.15 -57.22 25.01
N GLN F 301 7.75 -57.07 23.84
CA GLN F 301 7.45 -55.97 22.94
C GLN F 301 5.94 -55.85 22.67
N GLY F 302 5.41 -54.64 22.83
CA GLY F 302 4.02 -54.36 22.52
C GLY F 302 3.09 -54.40 23.72
N GLU F 303 3.57 -55.00 24.81
CA GLU F 303 2.77 -55.13 26.03
C GLU F 303 2.65 -53.80 26.77
N GLN F 304 1.50 -53.57 27.38
CA GLN F 304 1.22 -52.30 28.05
C GLN F 304 1.62 -52.34 29.52
N VAL F 305 2.20 -51.24 29.99
CA VAL F 305 2.67 -51.13 31.37
C VAL F 305 1.98 -49.97 32.07
N TYR F 306 1.32 -50.27 33.18
CA TYR F 306 0.55 -49.27 33.91
C TYR F 306 1.15 -48.94 35.27
N LEU F 307 1.60 -47.70 35.41
CA LEU F 307 2.34 -47.27 36.58
C LEU F 307 1.42 -46.57 37.55
N LEU F 308 1.21 -47.22 38.70
CA LEU F 308 0.31 -46.71 39.72
C LEU F 308 1.08 -45.84 40.71
N LEU F 309 1.11 -44.54 40.44
CA LEU F 309 1.97 -43.60 41.17
C LEU F 309 1.58 -43.46 42.63
N GLY F 310 0.28 -43.49 42.90
CA GLY F 310 -0.23 -43.46 44.26
C GLY F 310 0.19 -44.69 45.05
N ALA F 311 0.25 -45.83 44.38
CA ALA F 311 0.69 -47.07 45.00
C ALA F 311 2.18 -47.06 45.30
N ALA F 312 2.97 -46.58 44.35
CA ALA F 312 4.42 -46.45 44.53
C ALA F 312 4.74 -45.51 45.69
N ASN F 313 3.91 -44.49 45.86
CA ASN F 313 4.08 -43.53 46.96
C ASN F 313 3.77 -44.12 48.33
N ARG F 314 3.20 -45.33 48.35
CA ARG F 314 2.90 -46.02 49.59
C ARG F 314 3.80 -47.25 49.79
N ASP F 315 4.92 -47.30 49.06
CA ASP F 315 5.85 -48.42 49.16
C ASP F 315 6.63 -48.37 50.46
N PRO F 316 6.41 -49.37 51.35
CA PRO F 316 6.99 -49.36 52.69
C PRO F 316 8.52 -49.54 52.71
N SER F 317 9.11 -49.84 51.57
CA SER F 317 10.56 -49.98 51.45
C SER F 317 11.24 -48.64 51.19
N ILE F 318 10.45 -47.62 50.92
CA ILE F 318 10.95 -46.27 50.68
C ILE F 318 10.43 -45.31 51.75
N PHE F 319 9.15 -45.44 52.06
CA PHE F 319 8.50 -44.57 53.05
C PHE F 319 8.08 -45.39 54.27
N THR F 320 8.76 -45.16 55.39
CA THR F 320 8.43 -45.84 56.64
C THR F 320 7.04 -45.43 57.10
N ASN F 321 6.25 -46.42 57.55
CA ASN F 321 4.84 -46.20 57.88
C ASN F 321 4.12 -45.42 56.79
N PRO F 322 4.00 -46.02 55.59
CA PRO F 322 3.61 -45.31 54.37
C PRO F 322 2.18 -44.80 54.41
N ASP F 323 1.34 -45.40 55.26
CA ASP F 323 -0.06 -45.02 55.36
C ASP F 323 -0.28 -43.96 56.45
N VAL F 324 0.82 -43.47 57.02
CA VAL F 324 0.75 -42.38 57.99
C VAL F 324 1.02 -41.03 57.31
N PHE F 325 0.10 -40.09 57.52
CA PHE F 325 0.23 -38.74 57.01
C PHE F 325 1.09 -37.90 57.95
N ASP F 326 2.33 -37.62 57.54
CA ASP F 326 3.27 -36.87 58.37
C ASP F 326 3.91 -35.73 57.58
N ILE F 327 3.46 -34.51 57.86
CA ILE F 327 3.89 -33.34 57.09
C ILE F 327 5.35 -32.97 57.30
N THR F 328 6.01 -33.61 58.26
CA THR F 328 7.42 -33.35 58.54
C THR F 328 8.35 -34.31 57.82
N ARG F 329 7.77 -35.22 57.03
CA ARG F 329 8.57 -36.17 56.24
C ARG F 329 9.61 -35.47 55.39
N SER F 330 10.87 -35.85 55.59
CA SER F 330 11.99 -35.25 54.84
C SER F 330 13.15 -36.24 54.66
N PRO F 331 13.59 -36.42 53.40
CA PRO F 331 12.97 -35.80 52.23
C PRO F 331 11.76 -36.62 51.77
N ASN F 332 11.14 -36.18 50.68
CA ASN F 332 9.93 -36.84 50.18
C ASN F 332 10.01 -37.08 48.68
N PRO F 333 10.72 -38.15 48.27
CA PRO F 333 10.95 -38.42 46.85
C PRO F 333 9.76 -39.11 46.19
N HIS F 334 8.56 -38.57 46.40
CA HIS F 334 7.35 -39.12 45.80
C HIS F 334 7.40 -39.05 44.27
N LEU F 335 6.56 -39.84 43.62
CA LEU F 335 6.55 -39.92 42.16
C LEU F 335 5.27 -39.31 41.57
N SER F 336 4.65 -38.40 42.32
CA SER F 336 3.37 -37.83 41.92
C SER F 336 3.46 -36.97 40.65
N PHE F 337 4.65 -36.43 40.39
CA PHE F 337 4.91 -35.66 39.18
C PHE F 337 5.62 -36.48 38.11
N GLY F 338 5.71 -37.78 38.34
CA GLY F 338 6.39 -38.67 37.41
C GLY F 338 7.89 -38.69 37.60
N HIS F 339 8.60 -39.06 36.55
CA HIS F 339 10.05 -39.31 36.62
C HIS F 339 10.61 -39.48 35.21
N GLY F 340 11.83 -39.00 35.00
CA GLY F 340 12.51 -39.15 33.72
C GLY F 340 12.18 -38.05 32.72
N HIS F 341 12.15 -38.41 31.44
CA HIS F 341 12.05 -37.42 30.37
C HIS F 341 10.72 -36.67 30.33
N HIS F 342 9.65 -37.34 30.76
CA HIS F 342 8.31 -36.76 30.69
C HIS F 342 7.85 -36.18 32.03
N VAL F 343 8.79 -36.05 32.97
CA VAL F 343 8.48 -35.50 34.28
C VAL F 343 7.73 -34.16 34.18
N CYS F 344 6.75 -33.97 35.06
CA CYS F 344 5.82 -32.84 34.97
C CYS F 344 6.51 -31.52 34.65
N LEU F 345 6.03 -30.87 33.59
CA LEU F 345 6.60 -29.60 33.14
C LEU F 345 6.18 -28.44 34.04
N GLY F 346 4.97 -28.54 34.62
CA GLY F 346 4.41 -27.45 35.41
C GLY F 346 4.41 -27.68 36.92
N SER F 347 5.34 -28.52 37.38
CA SER F 347 5.39 -28.91 38.80
C SER F 347 5.64 -27.74 39.74
N SER F 348 6.47 -26.80 39.31
CA SER F 348 6.77 -25.62 40.12
C SER F 348 5.54 -24.72 40.26
N LEU F 349 4.80 -24.56 39.17
CA LEU F 349 3.56 -23.79 39.17
C LEU F 349 2.51 -24.43 40.08
N ALA F 350 2.34 -25.74 39.94
CA ALA F 350 1.37 -26.48 40.74
C ALA F 350 1.66 -26.35 42.23
N ARG F 351 2.93 -26.51 42.60
CA ARG F 351 3.36 -26.39 43.99
C ARG F 351 3.09 -24.98 44.54
N LEU F 352 3.38 -23.97 43.72
CA LEU F 352 3.21 -22.57 44.14
C LEU F 352 1.74 -22.20 44.34
N GLU F 353 0.89 -22.64 43.42
CA GLU F 353 -0.55 -22.44 43.55
C GLU F 353 -1.09 -23.06 44.83
N ALA F 354 -0.68 -24.30 45.10
CA ALA F 354 -1.14 -25.03 46.28
C ALA F 354 -0.63 -24.40 47.57
N GLN F 355 0.65 -24.05 47.59
CA GLN F 355 1.28 -23.45 48.78
C GLN F 355 0.58 -22.15 49.19
N ILE F 356 0.35 -21.27 48.22
CA ILE F 356 -0.27 -19.98 48.48
C ILE F 356 -1.74 -20.14 48.86
N ALA F 357 -2.46 -21.00 48.13
CA ALA F 357 -3.87 -21.23 48.38
C ALA F 357 -4.14 -21.79 49.78
N ILE F 358 -3.34 -22.78 50.18
CA ILE F 358 -3.55 -23.46 51.46
C ILE F 358 -3.16 -22.58 52.66
N ASN F 359 -1.97 -21.98 52.59
CA ASN F 359 -1.49 -21.09 53.65
C ASN F 359 -2.42 -19.90 53.89
N THR F 360 -2.90 -19.29 52.80
CA THR F 360 -3.80 -18.16 52.90
C THR F 360 -5.17 -18.56 53.46
N LEU F 361 -5.69 -19.70 52.98
CA LEU F 361 -6.93 -20.26 53.50
C LEU F 361 -6.90 -20.45 55.02
N LEU F 362 -5.82 -21.07 55.51
CA LEU F 362 -5.66 -21.34 56.94
C LEU F 362 -5.46 -20.06 57.75
N GLN F 363 -4.88 -19.05 57.12
CA GLN F 363 -4.67 -17.75 57.74
C GLN F 363 -5.99 -17.00 57.88
N ARG F 364 -6.82 -17.07 56.84
CA ARG F 364 -8.04 -16.26 56.76
C ARG F 364 -9.27 -16.96 57.35
N MET F 365 -9.20 -18.28 57.47
CA MET F 365 -10.28 -19.05 58.10
C MET F 365 -9.77 -19.82 59.33
N PRO F 366 -9.64 -19.13 60.48
CA PRO F 366 -9.02 -19.67 61.69
C PRO F 366 -9.72 -20.88 62.30
N SER F 367 -11.03 -21.03 62.03
CA SER F 367 -11.78 -22.15 62.59
C SER F 367 -12.38 -23.04 61.50
N LEU F 368 -11.56 -23.36 60.50
CA LEU F 368 -11.99 -24.17 59.36
C LEU F 368 -12.32 -25.60 59.78
N ASN F 369 -13.52 -26.05 59.41
CA ASN F 369 -13.99 -27.39 59.73
C ASN F 369 -14.66 -28.07 58.55
N LEU F 370 -14.68 -29.40 58.56
CA LEU F 370 -15.38 -30.18 57.56
C LEU F 370 -16.88 -30.18 57.80
N ALA F 371 -17.66 -30.02 56.73
CA ALA F 371 -19.09 -30.30 56.78
C ALA F 371 -19.31 -31.81 56.76
N ASP F 372 -20.38 -32.25 57.42
CA ASP F 372 -20.63 -33.68 57.68
C ASP F 372 -19.66 -34.63 56.97
N GLU F 374 -19.07 -37.72 54.36
CA GLU F 374 -19.58 -38.54 53.27
C GLU F 374 -19.11 -37.99 51.92
N TRP F 375 -17.79 -37.82 51.78
CA TRP F 375 -17.21 -37.26 50.57
C TRP F 375 -17.27 -38.22 49.40
N ARG F 376 -17.33 -37.67 48.19
CA ARG F 376 -17.52 -38.44 46.98
C ARG F 376 -16.38 -38.15 46.00
N TYR F 377 -15.82 -39.20 45.41
CA TYR F 377 -14.79 -39.06 44.39
C TYR F 377 -15.38 -39.23 43.00
N ARG F 378 -14.90 -38.42 42.06
CA ARG F 378 -15.28 -38.54 40.65
C ARG F 378 -14.88 -39.92 40.11
N PRO F 379 -15.69 -40.47 39.18
CA PRO F 379 -15.44 -41.81 38.66
C PRO F 379 -14.25 -41.86 37.70
N LEU F 380 -13.08 -41.47 38.18
CA LEU F 380 -11.84 -41.56 37.41
C LEU F 380 -10.84 -42.43 38.15
N PHE F 381 -10.24 -43.38 37.43
CA PHE F 381 -9.31 -44.32 38.03
C PHE F 381 -7.86 -43.83 37.93
N GLY F 382 -7.57 -43.05 36.89
CA GLY F 382 -6.23 -42.50 36.70
C GLY F 382 -5.98 -41.22 37.48
N PHE F 383 -7.04 -40.70 38.12
CA PHE F 383 -6.95 -39.46 38.88
C PHE F 383 -7.72 -39.56 40.19
N ARG F 384 -7.20 -38.92 41.23
CA ARG F 384 -7.91 -38.86 42.51
C ARG F 384 -8.54 -37.49 42.69
N ALA F 385 -9.81 -37.39 42.32
CA ALA F 385 -10.50 -36.11 42.25
C ALA F 385 -11.81 -36.15 43.01
N LEU F 386 -11.97 -35.22 43.96
CA LEU F 386 -13.21 -35.11 44.74
C LEU F 386 -14.32 -34.47 43.92
N GLU F 387 -15.55 -34.89 44.17
CA GLU F 387 -16.72 -34.28 43.55
C GLU F 387 -16.96 -32.89 44.12
N GLU F 388 -17.01 -32.80 45.45
CA GLU F 388 -17.08 -31.52 46.14
C GLU F 388 -16.49 -31.62 47.54
N LEU F 389 -16.15 -30.47 48.11
CA LEU F 389 -15.62 -30.41 49.47
C LEU F 389 -16.22 -29.22 50.24
N PRO F 390 -17.40 -29.44 50.85
CA PRO F 390 -18.04 -28.39 51.64
C PRO F 390 -17.36 -28.21 52.98
N VAL F 391 -17.08 -26.96 53.35
CA VAL F 391 -16.47 -26.65 54.63
C VAL F 391 -17.20 -25.50 55.33
N THR F 392 -16.95 -25.36 56.64
CA THR F 392 -17.48 -24.25 57.43
C THR F 392 -16.35 -23.55 58.16
N PHE F 393 -16.56 -22.27 58.50
CA PHE F 393 -15.51 -21.47 59.16
C PHE F 393 -16.06 -20.29 59.97
N GLU F 394 -15.19 -19.69 60.77
CA GLU F 394 -15.49 -18.51 61.60
C GLU F 394 -16.32 -18.85 62.84
N SER G 18 59.24 16.61 -60.96
CA SER G 18 57.99 16.86 -60.19
C SER G 18 57.51 18.29 -60.36
N HIS G 19 56.19 18.49 -60.32
CA HIS G 19 55.60 19.81 -60.51
C HIS G 19 54.19 19.88 -59.91
N MET G 20 53.71 21.09 -59.68
CA MET G 20 52.34 21.31 -59.23
C MET G 20 51.36 20.93 -60.35
N SER G 21 50.16 20.52 -59.96
CA SER G 21 49.14 20.09 -60.92
C SER G 21 48.73 21.23 -61.86
N THR G 22 48.84 20.98 -63.15
CA THR G 22 48.37 21.93 -64.16
C THR G 22 46.86 21.82 -64.32
N ILE G 23 46.27 22.78 -65.04
CA ILE G 23 44.84 22.76 -65.33
C ILE G 23 44.44 21.47 -66.05
N GLU G 24 45.23 21.08 -67.04
CA GLU G 24 45.01 19.84 -67.78
C GLU G 24 45.04 18.60 -66.89
N GLU G 25 46.04 18.53 -66.02
CA GLU G 25 46.20 17.39 -65.12
C GLU G 25 45.05 17.29 -64.12
N ARG G 26 44.58 18.45 -63.65
CA ARG G 26 43.45 18.52 -62.73
C ARG G 26 42.14 18.05 -63.37
N VAL G 27 41.91 18.46 -64.61
CA VAL G 27 40.73 18.05 -65.38
C VAL G 27 40.74 16.54 -65.60
N LYS G 28 41.88 16.00 -66.01
CA LYS G 28 41.99 14.59 -66.36
C LYS G 28 41.91 13.67 -65.15
N LYS G 29 42.41 14.14 -64.01
CA LYS G 29 42.29 13.40 -62.76
C LYS G 29 40.83 13.22 -62.35
N ILE G 30 40.06 14.30 -62.48
CA ILE G 30 38.63 14.26 -62.18
C ILE G 30 37.89 13.29 -63.09
N ILE G 31 38.13 13.40 -64.40
CA ILE G 31 37.53 12.49 -65.38
C ILE G 31 37.90 11.04 -65.08
N GLY G 32 39.18 10.80 -64.77
CA GLY G 32 39.67 9.46 -64.47
C GLY G 32 38.99 8.84 -63.27
N GLU G 33 38.89 9.60 -62.18
CA GLU G 33 38.27 9.13 -60.95
C GLU G 33 36.77 8.90 -61.10
N GLN G 34 36.14 9.73 -61.93
CA GLN G 34 34.70 9.65 -62.15
C GLN G 34 34.32 8.43 -62.99
N LEU G 35 35.11 8.16 -64.03
CA LEU G 35 34.76 7.15 -65.03
C LEU G 35 35.55 5.85 -64.88
N GLY G 36 36.42 5.79 -63.88
CA GLY G 36 37.18 4.59 -63.57
C GLY G 36 38.24 4.26 -64.61
N VAL G 37 38.77 5.30 -65.25
CA VAL G 37 39.84 5.14 -66.24
C VAL G 37 41.15 5.75 -65.74
N LYS G 38 42.26 5.29 -66.31
CA LYS G 38 43.57 5.84 -65.96
C LYS G 38 43.74 7.24 -66.51
N GLN G 39 44.48 8.08 -65.78
CA GLN G 39 44.57 9.50 -66.10
C GLN G 39 45.44 9.74 -67.32
N GLU G 40 46.36 8.82 -67.58
CA GLU G 40 46.94 8.67 -68.91
C GLU G 40 45.86 8.49 -69.97
N GLU G 41 45.01 7.48 -69.76
CA GLU G 41 44.18 6.95 -70.85
C GLU G 41 43.19 7.99 -71.34
N VAL G 42 43.06 9.09 -70.59
CA VAL G 42 42.19 10.20 -70.99
C VAL G 42 42.91 11.11 -71.98
N THR G 43 42.48 11.07 -73.24
CA THR G 43 43.04 11.92 -74.29
C THR G 43 42.22 13.20 -74.43
N ASN G 44 42.84 14.24 -74.97
CA ASN G 44 42.23 15.57 -75.03
C ASN G 44 41.06 15.67 -76.01
N ASN G 45 41.11 14.87 -77.07
CA ASN G 45 40.05 14.90 -78.07
C ASN G 45 38.97 13.84 -77.83
N ALA G 46 39.11 13.09 -76.74
CA ALA G 46 38.14 12.04 -76.41
C ALA G 46 36.79 12.63 -76.00
N SER G 47 35.73 12.07 -76.56
CA SER G 47 34.37 12.48 -76.19
C SER G 47 33.90 11.76 -74.94
N PHE G 48 33.23 12.48 -74.06
CA PHE G 48 32.80 11.94 -72.77
C PHE G 48 31.84 10.75 -72.93
N VAL G 49 30.83 10.94 -73.77
CA VAL G 49 29.77 9.95 -73.92
C VAL G 49 30.20 8.78 -74.80
N GLU G 50 30.73 9.09 -75.98
CA GLU G 50 31.06 8.07 -76.98
C GLU G 50 32.32 7.28 -76.62
N ASP G 51 33.41 8.00 -76.35
CA ASP G 51 34.71 7.37 -76.12
C ASP G 51 34.88 6.89 -74.69
N LEU G 52 34.54 7.75 -73.73
CA LEU G 52 34.80 7.47 -72.33
C LEU G 52 33.62 6.76 -71.63
N GLY G 53 32.47 6.75 -72.30
CA GLY G 53 31.33 5.94 -71.87
C GLY G 53 30.59 6.53 -70.68
N ALA G 54 30.49 7.85 -70.63
CA ALA G 54 29.78 8.53 -69.54
C ALA G 54 28.26 8.48 -69.74
N ASP G 55 27.54 8.06 -68.70
CA ASP G 55 26.08 8.01 -68.75
C ASP G 55 25.43 9.31 -68.31
N SER G 56 24.11 9.28 -68.15
CA SER G 56 23.33 10.50 -67.84
C SER G 56 23.48 10.97 -66.40
N LEU G 57 24.19 10.21 -65.58
CA LEU G 57 24.59 10.65 -64.25
C LEU G 57 26.05 11.11 -64.25
N ASP G 58 26.90 10.36 -64.94
CA ASP G 58 28.33 10.66 -65.00
C ASP G 58 28.62 12.08 -65.45
N THR G 59 27.91 12.53 -66.49
CA THR G 59 28.16 13.85 -67.07
C THR G 59 27.72 14.98 -66.13
N VAL G 60 26.66 14.75 -65.38
CA VAL G 60 26.21 15.70 -64.37
C VAL G 60 27.20 15.78 -63.21
N GLU G 61 27.66 14.61 -62.74
CA GLU G 61 28.64 14.54 -61.66
C GLU G 61 30.01 15.08 -62.08
N LEU G 62 30.33 14.97 -63.36
CA LEU G 62 31.56 15.54 -63.90
C LEU G 62 31.57 17.05 -63.83
N VAL G 63 30.46 17.67 -64.24
CA VAL G 63 30.33 19.13 -64.21
C VAL G 63 30.38 19.65 -62.78
N MET G 64 29.73 18.94 -61.86
CA MET G 64 29.78 19.27 -60.45
C MET G 64 31.19 19.22 -59.89
N ALA G 65 31.93 18.18 -60.27
CA ALA G 65 33.30 17.99 -59.81
C ALA G 65 34.23 19.08 -60.34
N LEU G 66 34.01 19.47 -61.60
CA LEU G 66 34.82 20.52 -62.22
C LEU G 66 34.50 21.90 -61.66
N GLU G 67 33.21 22.14 -61.40
CA GLU G 67 32.77 23.37 -60.75
C GLU G 67 33.39 23.51 -59.35
N GLU G 68 33.47 22.38 -58.65
CA GLU G 68 34.06 22.34 -57.30
C GLU G 68 35.57 22.57 -57.35
N GLU G 69 36.24 21.85 -58.25
CA GLU G 69 37.71 21.88 -58.33
C GLU G 69 38.25 23.26 -58.72
N PHE G 70 37.57 23.92 -59.66
CA PHE G 70 38.05 25.19 -60.20
C PHE G 70 37.25 26.38 -59.68
N ASP G 71 36.44 26.15 -58.66
CA ASP G 71 35.61 27.18 -58.04
C ASP G 71 34.92 28.07 -59.08
N THR G 72 34.20 27.43 -60.00
CA THR G 72 33.48 28.14 -61.06
C THR G 72 32.02 27.69 -61.13
N GLU G 73 31.21 28.47 -61.83
CA GLU G 73 29.83 28.09 -62.09
C GLU G 73 29.53 28.08 -63.58
N ILE G 74 29.28 26.89 -64.12
CA ILE G 74 28.99 26.73 -65.54
C ILE G 74 27.47 26.70 -65.76
N PRO G 75 26.96 27.65 -66.56
CA PRO G 75 25.55 27.64 -66.95
C PRO G 75 25.22 26.39 -67.79
N ASP G 76 23.99 25.93 -67.71
CA ASP G 76 23.56 24.74 -68.45
C ASP G 76 23.79 24.89 -69.95
N GLU G 77 23.69 26.12 -70.45
CA GLU G 77 23.93 26.41 -71.86
C GLU G 77 25.35 26.09 -72.28
N GLU G 78 26.32 26.44 -71.44
CA GLU G 78 27.74 26.23 -71.75
C GLU G 78 28.15 24.77 -71.56
N ALA G 79 27.56 24.11 -70.56
CA ALA G 79 27.86 22.71 -70.27
C ALA G 79 27.40 21.79 -71.41
N GLU G 80 26.30 22.15 -72.06
CA GLU G 80 25.79 21.40 -73.20
C GLU G 80 26.74 21.44 -74.38
N LYS G 81 27.49 22.53 -74.50
CA LYS G 81 28.46 22.68 -75.58
C LYS G 81 29.69 21.80 -75.38
N ILE G 82 30.06 21.64 -74.12
CA ILE G 82 31.20 20.82 -73.78
C ILE G 82 31.08 19.33 -73.90
N THR G 83 31.84 18.73 -74.78
CA THR G 83 31.68 17.33 -75.07
C THR G 83 32.99 16.58 -75.26
N THR G 84 34.06 17.33 -75.41
CA THR G 84 35.36 16.76 -75.32
C THR G 84 36.09 17.31 -74.13
N VAL G 85 37.24 16.73 -73.85
CA VAL G 85 38.08 17.17 -72.73
C VAL G 85 38.67 18.56 -73.00
N GLN G 86 39.08 18.80 -74.24
CA GLN G 86 39.67 20.08 -74.63
C GLN G 86 38.71 21.25 -74.41
N ALA G 87 37.45 21.05 -74.80
CA ALA G 87 36.42 22.07 -74.62
C ALA G 87 36.24 22.43 -73.14
N ALA G 88 36.35 21.43 -72.27
CA ALA G 88 36.32 21.64 -70.83
C ALA G 88 37.52 22.43 -70.36
N ILE G 89 38.70 22.07 -70.86
CA ILE G 89 39.94 22.80 -70.56
C ILE G 89 39.86 24.25 -71.03
N ASP G 90 39.32 24.43 -72.24
CA ASP G 90 39.18 25.75 -72.84
C ASP G 90 38.26 26.66 -72.02
N TYR G 91 37.14 26.10 -71.56
CA TYR G 91 36.20 26.85 -70.73
C TYR G 91 36.85 27.32 -69.44
N ILE G 92 37.60 26.41 -68.79
CA ILE G 92 38.32 26.74 -67.57
C ILE G 92 39.49 27.66 -67.87
N THR H 6 22.60 32.83 -54.29
CA THR H 6 21.75 34.05 -54.27
C THR H 6 20.54 33.90 -55.19
N ALA H 7 20.74 33.26 -56.34
CA ALA H 7 19.65 32.97 -57.26
C ALA H 7 18.84 31.76 -56.79
N SER H 8 19.55 30.75 -56.30
CA SER H 8 18.92 29.57 -55.72
C SER H 8 18.23 29.91 -54.41
N SER H 9 18.83 30.79 -53.64
CA SER H 9 18.24 31.30 -52.41
C SER H 9 16.94 32.06 -52.69
N GLU H 10 16.94 32.84 -53.77
CA GLU H 10 15.77 33.61 -54.16
C GLU H 10 14.66 32.71 -54.73
N PHE H 11 15.07 31.60 -55.35
CA PHE H 11 14.12 30.61 -55.83
C PHE H 11 13.40 29.93 -54.68
N LEU H 12 14.14 29.63 -53.62
CA LEU H 12 13.59 28.94 -52.46
C LEU H 12 12.58 29.82 -51.69
N LYS H 13 12.85 31.13 -51.66
CA LYS H 13 11.94 32.08 -51.02
C LYS H 13 10.62 32.18 -51.78
N ASN H 14 10.71 32.20 -53.10
CA ASN H 14 9.53 32.31 -53.96
C ASN H 14 9.73 31.63 -55.30
N PRO H 15 9.41 30.31 -55.37
CA PRO H 15 9.56 29.56 -56.61
C PRO H 15 8.42 29.86 -57.60
N TYR H 16 7.34 30.43 -57.08
CA TYR H 16 6.11 30.61 -57.85
C TYR H 16 6.24 31.70 -58.91
N SER H 17 7.06 32.69 -58.62
CA SER H 17 7.40 33.70 -59.62
C SER H 17 8.18 33.07 -60.78
N PHE H 18 9.08 32.15 -60.43
CA PHE H 18 9.83 31.40 -61.44
C PHE H 18 8.91 30.51 -62.27
N TYR H 19 7.97 29.85 -61.62
CA TYR H 19 6.99 29.00 -62.31
C TYR H 19 6.13 29.82 -63.28
N ASP H 20 5.78 31.04 -62.87
CA ASP H 20 4.92 31.91 -63.68
C ASP H 20 5.58 32.32 -64.99
N THR H 21 6.89 32.58 -64.95
CA THR H 21 7.63 32.97 -66.16
C THR H 21 7.70 31.83 -67.17
N LEU H 22 7.83 30.61 -66.67
CA LEU H 22 7.82 29.41 -67.51
C LEU H 22 6.46 29.19 -68.16
N ARG H 23 5.39 29.39 -67.37
CA ARG H 23 4.03 29.16 -67.86
C ARG H 23 3.62 30.18 -68.91
N ALA H 24 4.15 31.39 -68.81
CA ALA H 24 3.88 32.46 -69.77
C ALA H 24 4.46 32.15 -71.15
N VAL H 25 5.62 31.50 -71.16
CA VAL H 25 6.23 31.03 -72.40
C VAL H 25 5.42 29.86 -72.97
N HIS H 26 5.41 28.74 -72.25
CA HIS H 26 4.63 27.57 -72.62
C HIS H 26 4.44 26.67 -71.40
N PRO H 27 3.20 26.19 -71.19
CA PRO H 27 2.88 25.29 -70.08
C PRO H 27 3.69 23.99 -70.11
N ILE H 28 4.22 23.64 -71.28
CA ILE H 28 5.23 22.60 -71.39
C ILE H 28 6.52 23.20 -71.96
N TYR H 29 7.48 23.45 -71.07
CA TYR H 29 8.65 24.24 -71.40
C TYR H 29 9.87 23.35 -71.62
N LYS H 30 10.47 23.45 -72.80
CA LYS H 30 11.73 22.78 -73.09
C LYS H 30 12.90 23.59 -72.55
N GLY H 31 13.67 22.98 -71.65
CA GLY H 31 14.79 23.66 -71.03
C GLY H 31 15.69 22.72 -70.24
N SER H 32 16.58 23.30 -69.44
CA SER H 32 17.48 22.53 -68.61
C SER H 32 17.78 23.29 -67.32
N PHE H 33 17.57 22.61 -66.19
CA PHE H 33 17.82 23.20 -64.89
C PHE H 33 18.64 22.24 -64.02
N LEU H 34 19.66 22.78 -63.37
CA LEU H 34 20.63 21.98 -62.60
C LEU H 34 21.22 20.84 -63.42
N LYS H 35 21.47 21.10 -64.70
CA LYS H 35 22.11 20.14 -65.61
C LYS H 35 21.20 19.00 -66.07
N TYR H 36 19.91 19.13 -65.80
CA TYR H 36 18.93 18.13 -66.23
C TYR H 36 18.02 18.67 -67.33
N PRO H 37 18.22 18.22 -68.58
CA PRO H 37 17.40 18.65 -69.70
C PRO H 37 16.09 17.86 -69.80
N GLY H 38 15.04 18.52 -70.27
CA GLY H 38 13.75 17.88 -70.49
C GLY H 38 12.61 18.86 -70.61
N TRP H 39 11.39 18.36 -70.42
CA TRP H 39 10.20 19.18 -70.50
C TRP H 39 9.68 19.50 -69.10
N TYR H 40 9.61 20.80 -68.78
CA TYR H 40 9.17 21.24 -67.47
C TYR H 40 7.75 21.78 -67.52
N VAL H 41 6.84 21.06 -66.86
CA VAL H 41 5.41 21.29 -67.02
C VAL H 41 4.83 22.09 -65.86
N THR H 42 4.26 23.24 -66.18
CA THR H 42 3.72 24.16 -65.19
C THR H 42 2.20 24.28 -65.33
N GLY H 43 1.66 23.74 -66.42
CA GLY H 43 0.23 23.81 -66.70
C GLY H 43 -0.54 22.69 -66.04
N TYR H 44 -1.72 23.02 -65.49
CA TYR H 44 -2.54 22.06 -64.76
C TYR H 44 -3.04 20.94 -65.68
N GLU H 45 -3.72 21.33 -66.76
CA GLU H 45 -4.31 20.35 -67.67
C GLU H 45 -3.25 19.47 -68.30
N GLU H 46 -2.10 20.06 -68.61
CA GLU H 46 -0.98 19.31 -69.18
C GLU H 46 -0.40 18.32 -68.17
N THR H 47 -0.23 18.77 -66.92
CA THR H 47 0.24 17.91 -65.84
C THR H 47 -0.68 16.72 -65.63
N ALA H 48 -1.98 16.98 -65.49
CA ALA H 48 -2.98 15.94 -65.27
C ALA H 48 -3.02 14.93 -66.42
N ALA H 49 -2.93 15.43 -67.65
CA ALA H 49 -2.93 14.59 -68.84
C ALA H 49 -1.71 13.66 -68.88
N ILE H 50 -0.54 14.18 -68.51
CA ILE H 50 0.69 13.40 -68.52
C ILE H 50 0.68 12.32 -67.44
N LEU H 51 0.22 12.69 -66.24
CA LEU H 51 0.11 11.74 -65.13
C LEU H 51 -0.92 10.64 -65.38
N LYS H 52 -1.94 10.97 -66.16
CA LYS H 52 -2.97 9.99 -66.55
C LYS H 52 -2.47 9.02 -67.60
N ASP H 53 -1.51 9.47 -68.41
CA ASP H 53 -1.08 8.74 -69.61
C ASP H 53 -0.02 7.69 -69.28
N ALA H 54 -0.38 6.42 -69.46
CA ALA H 54 0.51 5.31 -69.13
C ALA H 54 1.73 5.23 -70.06
N ARG H 55 1.66 5.91 -71.20
CA ARG H 55 2.79 6.00 -72.12
C ARG H 55 3.95 6.79 -71.50
N PHE H 56 3.61 7.73 -70.62
CA PHE H 56 4.60 8.36 -69.77
C PHE H 56 4.87 7.49 -68.55
N LYS H 57 6.02 6.82 -68.55
CA LYS H 57 6.34 5.83 -67.53
C LYS H 57 7.14 6.46 -66.39
N VAL H 58 6.98 5.90 -65.19
CA VAL H 58 7.92 6.18 -64.11
C VAL H 58 9.25 5.50 -64.40
N ARG H 59 10.31 6.01 -63.78
CA ARG H 59 11.65 5.48 -64.00
C ARG H 59 12.52 5.64 -62.77
N THR H 60 13.56 4.83 -62.70
CA THR H 60 14.56 4.93 -61.63
C THR H 60 15.22 6.31 -61.64
N PRO H 61 15.36 6.93 -60.45
CA PRO H 61 15.95 8.26 -60.33
C PRO H 61 17.47 8.26 -60.53
N LEU H 62 18.05 7.07 -60.63
CA LEU H 62 19.42 6.92 -61.12
C LEU H 62 19.40 6.00 -62.35
N PRO H 63 20.42 6.11 -63.22
CA PRO H 63 20.45 5.27 -64.42
C PRO H 63 20.20 3.80 -64.11
N GLU H 64 19.38 3.15 -64.94
CA GLU H 64 18.89 1.80 -64.65
C GLU H 64 19.99 0.77 -64.43
N SER H 65 21.05 0.85 -65.23
CA SER H 65 22.12 -0.14 -65.21
C SER H 65 23.35 0.33 -64.43
N SER H 66 23.20 1.43 -63.70
CA SER H 66 24.31 2.00 -62.91
C SER H 66 24.55 1.21 -61.63
N THR H 67 25.82 0.87 -61.39
CA THR H 67 26.21 0.14 -60.18
C THR H 67 27.20 0.96 -59.35
N LYS H 68 27.29 2.25 -59.64
CA LYS H 68 28.13 3.16 -58.87
C LYS H 68 27.65 3.27 -57.42
N TYR H 69 26.32 3.36 -57.26
CA TYR H 69 25.70 3.26 -55.95
C TYR H 69 24.78 2.05 -55.94
N GLN H 70 25.39 0.86 -55.91
CA GLN H 70 24.70 -0.38 -56.20
C GLN H 70 23.56 -0.67 -55.22
N ASP H 71 23.80 -0.41 -53.95
CA ASP H 71 22.83 -0.72 -52.90
C ASP H 71 21.69 0.29 -52.90
N LEU H 72 22.03 1.55 -53.15
CA LEU H 72 21.03 2.61 -53.30
C LEU H 72 20.13 2.35 -54.50
N SER H 73 20.75 1.97 -55.63
CA SER H 73 20.01 1.68 -56.84
C SER H 73 19.07 0.50 -56.67
N HIS H 74 19.53 -0.56 -56.00
CA HIS H 74 18.72 -1.75 -55.80
C HIS H 74 17.48 -1.47 -54.94
N VAL H 75 17.66 -0.68 -53.89
CA VAL H 75 16.56 -0.30 -53.01
C VAL H 75 15.52 0.53 -53.76
N GLN H 76 16.00 1.55 -54.49
CA GLN H 76 15.13 2.42 -55.29
C GLN H 76 14.34 1.62 -56.34
N ASN H 77 15.04 0.75 -57.06
CA ASN H 77 14.47 0.04 -58.20
C ASN H 77 13.33 -0.91 -57.82
N GLN H 78 13.30 -1.33 -56.57
CA GLN H 78 12.27 -2.27 -56.10
C GLN H 78 11.03 -1.56 -55.52
N MET H 79 11.09 -0.24 -55.41
CA MET H 79 9.97 0.55 -54.91
C MET H 79 8.87 0.71 -55.96
N MET H 80 7.62 0.60 -55.53
CA MET H 80 6.47 0.69 -56.44
C MET H 80 6.38 2.06 -57.12
N LEU H 81 6.96 3.08 -56.48
CA LEU H 81 6.98 4.44 -57.00
C LEU H 81 7.74 4.53 -58.32
N PHE H 82 8.71 3.65 -58.52
CA PHE H 82 9.56 3.69 -59.70
C PHE H 82 9.38 2.45 -60.58
N GLN H 83 8.32 1.70 -60.37
CA GLN H 83 8.04 0.59 -61.26
C GLN H 83 6.74 0.69 -62.04
N ASN H 84 6.75 0.09 -63.23
CA ASN H 84 5.61 0.12 -64.12
C ASN H 84 4.94 -1.25 -64.18
N GLN H 85 4.06 -1.44 -65.15
CA GLN H 85 3.31 -2.69 -65.30
C GLN H 85 4.25 -3.86 -65.61
N PRO H 86 3.92 -5.06 -65.08
CA PRO H 86 2.80 -5.33 -64.18
C PRO H 86 3.21 -5.33 -62.71
N ASP H 87 4.46 -4.99 -62.43
CA ASP H 87 5.00 -5.04 -61.07
C ASP H 87 4.37 -4.00 -60.15
N HIS H 88 3.98 -2.86 -60.72
CA HIS H 88 3.41 -1.77 -59.94
C HIS H 88 2.11 -2.16 -59.25
N ARG H 89 1.17 -2.70 -60.02
CA ARG H 89 -0.13 -3.11 -59.48
C ARG H 89 0.02 -4.12 -58.36
N ARG H 90 0.91 -5.09 -58.56
CA ARG H 90 1.18 -6.11 -57.56
C ARG H 90 1.66 -5.49 -56.25
N LEU H 91 2.69 -4.66 -56.33
CA LEU H 91 3.28 -4.04 -55.14
C LEU H 91 2.32 -3.07 -54.45
N ARG H 92 1.58 -2.29 -55.25
CA ARG H 92 0.64 -1.32 -54.70
C ARG H 92 -0.53 -1.99 -53.96
N THR H 93 -1.13 -2.99 -54.61
CA THR H 93 -2.28 -3.67 -54.01
C THR H 93 -1.93 -4.37 -52.70
N LEU H 94 -0.72 -4.91 -52.62
CA LEU H 94 -0.30 -5.61 -51.40
C LEU H 94 -0.06 -4.65 -50.23
N ALA H 95 0.29 -3.41 -50.53
CA ALA H 95 0.56 -2.41 -49.50
C ALA H 95 -0.67 -1.59 -49.15
N SER H 96 -1.69 -1.65 -50.01
CA SER H 96 -2.85 -0.76 -49.92
C SER H 96 -3.73 -1.02 -48.71
N GLY H 97 -3.63 -2.22 -48.14
CA GLY H 97 -4.49 -2.64 -47.04
C GLY H 97 -4.37 -1.82 -45.78
N ALA H 98 -3.20 -1.21 -45.58
CA ALA H 98 -2.95 -0.40 -44.40
C ALA H 98 -3.39 1.07 -44.57
N PHE H 99 -3.90 1.41 -45.75
CA PHE H 99 -4.20 2.80 -46.07
C PHE H 99 -5.60 3.01 -46.63
N THR H 100 -6.44 1.99 -46.51
CA THR H 100 -7.86 2.11 -46.86
C THR H 100 -8.55 3.12 -45.93
N PRO H 101 -9.67 3.72 -46.39
CA PRO H 101 -10.42 4.67 -45.58
C PRO H 101 -10.77 4.12 -44.20
N ARG H 102 -11.18 2.86 -44.14
CA ARG H 102 -11.56 2.23 -42.87
C ARG H 102 -10.38 2.08 -41.93
N THR H 103 -9.26 1.59 -42.45
CA THR H 103 -8.05 1.38 -41.65
C THR H 103 -7.44 2.71 -41.21
N THR H 104 -7.45 3.69 -42.10
CA THR H 104 -6.95 5.02 -41.78
C THR H 104 -7.73 5.65 -40.63
N GLU H 105 -9.06 5.52 -40.68
CA GLU H 105 -9.92 6.04 -39.62
C GLU H 105 -9.64 5.40 -38.26
N SER H 106 -9.15 4.17 -38.28
CA SER H 106 -8.84 3.44 -37.05
C SER H 106 -7.55 3.93 -36.38
N TYR H 107 -6.81 4.78 -37.09
CA TYR H 107 -5.59 5.37 -36.55
C TYR H 107 -5.88 6.62 -35.72
N GLN H 108 -7.09 7.18 -35.88
CA GLN H 108 -7.41 8.48 -35.30
C GLN H 108 -7.18 8.58 -33.79
N PRO H 109 -7.64 7.57 -33.01
CA PRO H 109 -7.37 7.55 -31.57
C PRO H 109 -5.89 7.73 -31.21
N TYR H 110 -5.02 6.97 -31.84
CA TYR H 110 -3.59 7.05 -31.57
C TYR H 110 -2.99 8.40 -31.97
N ILE H 111 -3.52 8.99 -33.03
CA ILE H 111 -3.03 10.28 -33.52
C ILE H 111 -3.41 11.40 -32.55
N ILE H 112 -4.67 11.41 -32.12
CA ILE H 112 -5.13 12.41 -31.16
C ILE H 112 -4.39 12.31 -29.83
N GLU H 113 -4.17 11.09 -29.35
CA GLU H 113 -3.45 10.91 -28.08
C GLU H 113 -1.98 11.30 -28.17
N THR H 114 -1.36 11.07 -29.33
CA THR H 114 0.03 11.48 -29.57
C THR H 114 0.18 13.00 -29.66
N VAL H 115 -0.77 13.65 -30.35
CA VAL H 115 -0.76 15.11 -30.49
C VAL H 115 -0.85 15.80 -29.13
N HIS H 116 -1.80 15.35 -28.30
CA HIS H 116 -1.96 15.89 -26.95
C HIS H 116 -0.74 15.65 -26.07
N HIS H 117 -0.15 14.47 -26.20
CA HIS H 117 1.06 14.12 -25.46
C HIS H 117 2.22 15.06 -25.81
N LEU H 118 2.37 15.36 -27.10
CA LEU H 118 3.47 16.19 -27.58
C LEU H 118 3.28 17.66 -27.19
N LEU H 119 2.03 18.12 -27.19
CA LEU H 119 1.73 19.49 -26.81
C LEU H 119 1.79 19.68 -25.28
N ASP H 120 1.64 18.60 -24.54
CA ASP H 120 1.81 18.61 -23.08
C ASP H 120 3.25 18.97 -22.70
N GLN H 121 4.20 18.49 -23.48
CA GLN H 121 5.62 18.66 -23.20
C GLN H 121 6.10 20.10 -23.34
N VAL H 122 5.31 20.92 -24.03
CA VAL H 122 5.69 22.29 -24.35
C VAL H 122 4.68 23.33 -23.89
N GLN H 123 3.55 22.85 -23.35
CA GLN H 123 2.44 23.74 -22.99
C GLN H 123 2.85 24.87 -22.06
N GLY H 124 3.75 24.58 -21.13
CA GLY H 124 4.16 25.55 -20.12
C GLY H 124 5.34 26.42 -20.53
N LYS H 125 5.90 26.14 -21.70
CA LYS H 125 7.14 26.80 -22.13
C LYS H 125 6.90 28.09 -22.91
N LYS H 126 5.66 28.32 -23.33
CA LYS H 126 5.26 29.55 -24.03
C LYS H 126 5.95 29.72 -25.39
N LYS H 127 6.76 28.73 -25.77
CA LYS H 127 7.40 28.71 -27.08
C LYS H 127 7.69 27.28 -27.54
N MET H 128 7.81 27.09 -28.85
CA MET H 128 8.13 25.79 -29.42
C MET H 128 8.68 25.90 -30.85
N GLU H 129 9.42 24.88 -31.27
CA GLU H 129 9.79 24.71 -32.66
C GLU H 129 8.86 23.68 -33.30
N VAL H 130 7.98 24.15 -34.17
CA VAL H 130 6.88 23.33 -34.69
C VAL H 130 7.34 21.99 -35.28
N ILE H 131 8.51 21.99 -35.93
CA ILE H 131 9.03 20.79 -36.58
C ILE H 131 9.61 19.80 -35.58
N SER H 132 10.58 20.26 -34.77
CA SER H 132 11.29 19.38 -33.84
C SER H 132 10.43 18.92 -32.68
N ASP H 133 9.52 19.78 -32.24
CA ASP H 133 8.75 19.52 -31.03
C ASP H 133 7.38 18.90 -31.29
N PHE H 134 6.91 18.99 -32.54
CA PHE H 134 5.52 18.66 -32.84
C PHE H 134 5.35 17.87 -34.14
N ALA H 135 5.64 18.51 -35.27
CA ALA H 135 5.36 17.95 -36.59
C ALA H 135 6.10 16.63 -36.82
N PHE H 136 7.40 16.62 -36.55
CA PHE H 136 8.21 15.43 -36.80
C PHE H 136 7.89 14.26 -35.85
N PRO H 137 7.90 14.51 -34.53
CA PRO H 137 7.60 13.43 -33.59
C PRO H 137 6.28 12.73 -33.88
N LEU H 138 5.23 13.50 -34.17
CA LEU H 138 3.93 12.93 -34.52
C LEU H 138 4.00 12.01 -35.73
N ALA H 139 4.50 12.55 -36.84
CA ALA H 139 4.61 11.80 -38.09
C ALA H 139 5.49 10.56 -37.94
N SER H 140 6.57 10.71 -37.17
CA SER H 140 7.48 9.59 -36.88
C SER H 140 6.80 8.50 -36.06
N PHE H 141 6.12 8.90 -34.98
CA PHE H 141 5.38 7.97 -34.12
C PHE H 141 4.35 7.17 -34.91
N VAL H 142 3.56 7.89 -35.73
CA VAL H 142 2.45 7.29 -36.46
C VAL H 142 2.92 6.22 -37.45
N ILE H 143 3.87 6.57 -38.31
CA ILE H 143 4.32 5.67 -39.37
C ILE H 143 5.14 4.48 -38.83
N ALA H 144 5.91 4.72 -37.77
CA ALA H 144 6.64 3.65 -37.11
C ALA H 144 5.69 2.63 -36.50
N ASN H 145 4.59 3.11 -35.94
CA ASN H 145 3.56 2.24 -35.37
C ASN H 145 2.81 1.43 -36.42
N ILE H 146 2.55 2.06 -37.57
CA ILE H 146 1.85 1.41 -38.68
C ILE H 146 2.72 0.32 -39.33
N ILE H 147 3.98 0.66 -39.59
CA ILE H 147 4.92 -0.29 -40.18
C ILE H 147 5.24 -1.43 -39.21
N GLY H 148 5.47 -1.08 -37.95
CA GLY H 148 5.78 -2.06 -36.93
C GLY H 148 7.21 -1.95 -36.42
N VAL H 149 7.74 -0.74 -36.47
CA VAL H 149 9.09 -0.47 -36.00
C VAL H 149 9.07 -0.17 -34.50
N PRO H 150 9.83 -0.96 -33.72
CA PRO H 150 9.96 -0.75 -32.27
C PRO H 150 10.35 0.68 -31.90
N GLU H 151 9.89 1.13 -30.74
CA GLU H 151 10.14 2.49 -30.25
C GLU H 151 11.63 2.79 -30.11
N GLU H 152 12.41 1.74 -29.87
CA GLU H 152 13.85 1.88 -29.64
C GLU H 152 14.60 2.18 -30.94
N ASP H 153 14.02 1.79 -32.06
CA ASP H 153 14.68 1.94 -33.37
C ASP H 153 14.11 3.10 -34.17
N ARG H 154 13.34 3.95 -33.51
CA ARG H 154 12.63 5.04 -34.19
C ARG H 154 13.57 6.16 -34.63
N GLU H 155 14.60 6.43 -33.83
CA GLU H 155 15.53 7.51 -34.13
C GLU H 155 16.48 7.17 -35.29
N GLN H 156 16.73 5.88 -35.47
CA GLN H 156 17.54 5.42 -36.60
C GLN H 156 16.79 5.56 -37.91
N LEU H 157 15.47 5.41 -37.86
CA LEU H 157 14.60 5.63 -39.02
C LEU H 157 14.65 7.06 -39.51
N LYS H 158 14.71 8.00 -38.56
CA LYS H 158 14.78 9.42 -38.87
C LYS H 158 15.98 9.75 -39.75
N GLU H 159 17.14 9.21 -39.39
CA GLU H 159 18.38 9.48 -40.10
C GLU H 159 18.37 8.89 -41.51
N TRP H 160 17.83 7.68 -41.63
CA TRP H 160 17.71 7.02 -42.94
C TRP H 160 16.81 7.83 -43.88
N ALA H 161 15.66 8.27 -43.37
CA ALA H 161 14.68 8.99 -44.17
C ALA H 161 15.24 10.32 -44.70
N ALA H 162 15.89 11.08 -43.82
CA ALA H 162 16.43 12.39 -44.18
C ALA H 162 17.56 12.29 -45.20
N SER H 163 18.31 11.20 -45.14
CA SER H 163 19.42 10.98 -46.05
C SER H 163 18.96 10.44 -47.41
N LEU H 164 17.96 9.58 -47.39
CA LEU H 164 17.49 8.91 -48.60
C LEU H 164 16.60 9.81 -49.46
N ILE H 165 15.88 10.75 -48.83
CA ILE H 165 15.04 11.68 -49.56
C ILE H 165 15.87 12.59 -50.48
N GLN H 166 17.10 12.87 -50.06
CA GLN H 166 18.01 13.74 -50.82
C GLN H 166 18.48 13.08 -52.13
N THR H 167 18.49 11.75 -52.15
CA THR H 167 19.06 10.99 -53.28
C THR H 167 18.23 11.07 -54.56
N ILE H 168 17.01 11.58 -54.46
CA ILE H 168 16.13 11.71 -55.63
C ILE H 168 15.96 13.16 -56.08
N ASP H 169 16.44 14.09 -55.27
CA ASP H 169 16.27 15.52 -55.53
C ASP H 169 17.31 16.05 -56.52
N PHE H 170 16.95 17.10 -57.25
CA PHE H 170 17.84 17.77 -58.19
C PHE H 170 19.12 18.27 -57.50
N THR H 171 18.99 18.63 -56.23
CA THR H 171 20.09 19.23 -55.47
C THR H 171 21.10 18.21 -54.94
N ARG H 172 20.91 16.94 -55.29
CA ARG H 172 21.80 15.88 -54.80
C ARG H 172 23.23 16.06 -55.29
N SER H 173 24.19 15.64 -54.47
CA SER H 173 25.59 15.68 -54.83
C SER H 173 26.20 14.28 -54.74
N ARG H 174 27.45 14.15 -55.18
CA ARG H 174 28.18 12.90 -55.06
C ARG H 174 28.25 12.45 -53.60
N LYS H 175 28.41 13.41 -52.70
CA LYS H 175 28.48 13.15 -51.26
C LYS H 175 27.15 12.63 -50.72
N ALA H 176 26.06 13.21 -51.19
CA ALA H 176 24.72 12.81 -50.77
C ALA H 176 24.40 11.39 -51.22
N LEU H 177 24.86 11.02 -52.41
CA LEU H 177 24.58 9.70 -52.98
C LEU H 177 25.46 8.62 -52.35
N THR H 178 26.67 8.98 -51.94
CA THR H 178 27.54 8.06 -51.23
C THR H 178 27.01 7.78 -49.83
N GLU H 179 26.56 8.83 -49.15
CA GLU H 179 25.88 8.68 -47.86
C GLU H 179 24.58 7.89 -48.00
N GLY H 180 23.85 8.15 -49.09
CA GLY H 180 22.62 7.42 -49.39
C GLY H 180 22.83 5.92 -49.54
N ASN H 181 23.91 5.55 -50.21
CA ASN H 181 24.26 4.13 -50.38
C ASN H 181 24.52 3.42 -49.06
N ILE H 182 25.16 4.12 -48.12
CA ILE H 182 25.42 3.59 -46.78
C ILE H 182 24.12 3.40 -46.00
N MET H 183 23.23 4.39 -46.08
CA MET H 183 21.94 4.33 -45.41
C MET H 183 21.06 3.23 -46.02
N ALA H 184 21.20 3.01 -47.32
CA ALA H 184 20.47 1.96 -48.02
C ALA H 184 20.86 0.57 -47.51
N VAL H 185 22.16 0.37 -47.33
CA VAL H 185 22.68 -0.87 -46.73
C VAL H 185 22.10 -1.09 -45.34
N GLN H 186 22.15 -0.04 -44.51
CA GLN H 186 21.71 -0.13 -43.13
C GLN H 186 20.21 -0.39 -43.01
N ALA H 187 19.41 0.37 -43.76
CA ALA H 187 17.96 0.24 -43.72
C ALA H 187 17.49 -1.13 -44.21
N MET H 188 18.10 -1.61 -45.29
CA MET H 188 17.75 -2.90 -45.86
C MET H 188 18.11 -4.04 -44.93
N ALA H 189 19.24 -3.93 -44.25
CA ALA H 189 19.68 -4.94 -43.28
C ALA H 189 18.75 -4.96 -42.06
N TYR H 190 18.31 -3.79 -41.63
CA TYR H 190 17.43 -3.68 -40.47
C TYR H 190 16.06 -4.29 -40.74
N PHE H 191 15.48 -3.98 -41.89
CA PHE H 191 14.13 -4.44 -42.22
C PHE H 191 14.10 -5.93 -42.56
N LYS H 192 15.20 -6.44 -43.11
CA LYS H 192 15.35 -7.88 -43.32
C LYS H 192 15.32 -8.64 -42.00
N GLU H 193 16.03 -8.11 -41.01
CA GLU H 193 16.03 -8.67 -39.66
C GLU H 193 14.64 -8.61 -39.04
N LEU H 194 13.99 -7.46 -39.17
CA LEU H 194 12.65 -7.26 -38.62
C LEU H 194 11.63 -8.17 -39.30
N ILE H 195 11.84 -8.45 -40.59
CA ILE H 195 10.98 -9.36 -41.33
C ILE H 195 11.14 -10.81 -40.84
N GLN H 196 12.36 -11.19 -40.49
CA GLN H 196 12.63 -12.54 -39.98
C GLN H 196 11.91 -12.80 -38.65
N LYS H 197 11.85 -11.76 -37.80
CA LYS H 197 11.15 -11.86 -36.52
C LYS H 197 9.63 -11.92 -36.70
N ARG H 198 9.13 -11.18 -37.68
CA ARG H 198 7.70 -11.16 -37.99
C ARG H 198 7.26 -12.44 -38.71
N LYS H 199 8.21 -13.08 -39.40
CA LYS H 199 7.98 -14.39 -40.02
C LYS H 199 7.70 -15.44 -38.96
N ARG H 200 8.49 -15.43 -37.88
CA ARG H 200 8.32 -16.36 -36.78
C ARG H 200 7.16 -15.96 -35.88
N HIS H 201 7.10 -14.67 -35.55
CA HIS H 201 6.05 -14.15 -34.67
C HIS H 201 5.37 -12.93 -35.31
N PRO H 202 4.31 -13.19 -36.11
CA PRO H 202 3.52 -12.12 -36.74
C PRO H 202 2.88 -11.20 -35.70
N GLN H 203 2.84 -9.91 -36.00
CA GLN H 203 2.24 -8.92 -35.12
C GLN H 203 1.13 -8.15 -35.83
N GLN H 204 0.52 -7.20 -35.15
CA GLN H 204 -0.53 -6.38 -35.74
C GLN H 204 0.06 -5.16 -36.45
N ASP H 205 0.82 -5.41 -37.51
CA ASP H 205 1.49 -4.35 -38.24
C ASP H 205 1.56 -4.61 -39.74
N MET H 206 2.10 -3.65 -40.48
CA MET H 206 2.18 -3.70 -41.94
C MET H 206 3.10 -4.80 -42.44
N ILE H 207 4.26 -4.93 -41.81
CA ILE H 207 5.25 -5.94 -42.18
C ILE H 207 4.62 -7.34 -42.23
N SER H 208 3.88 -7.68 -41.17
CA SER H 208 3.19 -8.96 -41.09
C SER H 208 2.14 -9.10 -42.19
N MET H 209 1.40 -8.01 -42.43
CA MET H 209 0.39 -7.97 -43.50
C MET H 209 1.01 -8.23 -44.87
N LEU H 210 2.19 -7.66 -45.09
CA LEU H 210 2.93 -7.87 -46.33
C LEU H 210 3.39 -9.33 -46.48
N LEU H 211 3.81 -9.92 -45.36
CA LEU H 211 4.31 -11.30 -45.36
C LEU H 211 3.20 -12.31 -45.60
N LYS H 212 1.99 -11.96 -45.19
CA LYS H 212 0.81 -12.79 -45.45
C LYS H 212 0.48 -12.81 -46.94
N LYS H 216 -4.06 -14.07 -55.42
CA LYS H 216 -3.03 -14.33 -54.42
C LYS H 216 -1.71 -13.64 -54.79
N ASP H 217 -1.59 -12.37 -54.44
CA ASP H 217 -0.39 -11.58 -54.75
C ASP H 217 0.75 -11.87 -53.78
N LYS H 218 1.96 -11.94 -54.31
CA LYS H 218 3.14 -12.39 -53.57
C LYS H 218 4.27 -11.37 -53.70
N LEU H 219 5.15 -11.36 -52.70
CA LEU H 219 6.26 -10.41 -52.63
C LEU H 219 7.49 -11.07 -52.03
N THR H 220 8.66 -10.74 -52.57
CA THR H 220 9.92 -11.18 -51.96
C THR H 220 10.19 -10.42 -50.66
N GLU H 221 11.07 -10.97 -49.83
CA GLU H 221 11.40 -10.34 -48.56
C GLU H 221 12.17 -9.03 -48.75
N GLU H 222 12.81 -8.89 -49.90
CA GLU H 222 13.49 -7.65 -50.26
C GLU H 222 12.51 -6.59 -50.77
N GLU H 223 11.49 -7.03 -51.50
CA GLU H 223 10.43 -6.12 -51.96
C GLU H 223 9.63 -5.59 -50.79
N ALA H 224 9.45 -6.40 -49.76
CA ALA H 224 8.77 -5.99 -48.54
C ALA H 224 9.61 -4.98 -47.76
N ALA H 225 10.91 -5.19 -47.74
CA ALA H 225 11.83 -4.27 -47.07
C ALA H 225 11.87 -2.90 -47.74
N SER H 226 11.93 -2.91 -49.08
CA SER H 226 11.94 -1.67 -49.86
C SER H 226 10.62 -0.91 -49.73
N THR H 227 9.52 -1.66 -49.65
CA THR H 227 8.20 -1.07 -49.42
C THR H 227 8.16 -0.37 -48.06
N CYS H 228 8.70 -1.03 -47.04
CA CYS H 228 8.77 -0.45 -45.70
C CYS H 228 9.60 0.83 -45.68
N ILE H 229 10.74 0.80 -46.37
CA ILE H 229 11.61 1.96 -46.46
C ILE H 229 10.90 3.14 -47.15
N LEU H 230 10.22 2.85 -48.27
CA LEU H 230 9.47 3.87 -49.01
C LEU H 230 8.45 4.55 -48.11
N LEU H 231 7.64 3.74 -47.43
CA LEU H 231 6.58 4.25 -46.57
C LEU H 231 7.14 5.02 -45.37
N ALA H 232 8.29 4.58 -44.87
CA ALA H 232 8.97 5.26 -43.77
C ALA H 232 9.44 6.66 -44.17
N ILE H 233 10.02 6.78 -45.36
CA ILE H 233 10.47 8.07 -45.87
C ILE H 233 9.29 9.00 -46.13
N ALA H 234 8.27 8.48 -46.81
CA ALA H 234 7.07 9.25 -47.12
C ALA H 234 6.37 9.72 -45.84
N GLY H 235 6.30 8.83 -44.85
CA GLY H 235 5.67 9.13 -43.56
C GLY H 235 6.40 10.20 -42.77
N HIS H 236 7.72 10.20 -42.85
CA HIS H 236 8.51 11.24 -42.22
C HIS H 236 8.46 12.54 -43.01
N GLU H 237 9.16 12.56 -44.15
CA GLU H 237 9.47 13.81 -44.85
C GLU H 237 8.25 14.65 -45.24
N THR H 238 7.38 14.09 -46.06
CA THR H 238 6.30 14.87 -46.69
C THR H 238 5.21 15.30 -45.72
N THR H 239 4.84 14.41 -44.80
CA THR H 239 3.80 14.68 -43.82
C THR H 239 4.21 15.79 -42.85
N VAL H 240 5.47 15.75 -42.44
CA VAL H 240 6.05 16.80 -41.58
C VAL H 240 5.97 18.16 -42.29
N ASN H 241 6.28 18.17 -43.58
CA ASN H 241 6.22 19.38 -44.39
C ASN H 241 4.81 19.95 -44.51
N LEU H 242 3.83 19.06 -44.70
CA LEU H 242 2.43 19.47 -44.79
C LEU H 242 1.99 20.19 -43.52
N ILE H 243 2.27 19.59 -42.37
CA ILE H 243 1.91 20.18 -41.08
C ILE H 243 2.57 21.55 -40.88
N SER H 244 3.89 21.61 -41.07
CA SER H 244 4.65 22.84 -40.82
C SER H 244 4.37 23.95 -41.85
N ASN H 245 4.22 23.58 -43.11
CA ASN H 245 3.81 24.52 -44.15
C ASN H 245 2.42 25.12 -43.87
N SER H 246 1.53 24.27 -43.39
CA SER H 246 0.16 24.69 -43.07
C SER H 246 0.12 25.69 -41.92
N VAL H 247 0.91 25.41 -40.87
CA VAL H 247 1.02 26.30 -39.72
C VAL H 247 1.56 27.67 -40.14
N LEU H 248 2.61 27.68 -40.95
CA LEU H 248 3.19 28.92 -41.46
C LEU H 248 2.18 29.68 -42.34
N CYS H 249 1.51 28.94 -43.23
CA CYS H 249 0.46 29.50 -44.08
C CYS H 249 -0.57 30.28 -43.26
N LEU H 250 -1.13 29.60 -42.25
CA LEU H 250 -2.20 30.16 -41.45
C LEU H 250 -1.75 31.38 -40.63
N LEU H 251 -0.52 31.32 -40.14
CA LEU H 251 0.03 32.42 -39.34
C LEU H 251 0.37 33.64 -40.18
N GLN H 252 0.74 33.41 -41.44
CA GLN H 252 0.98 34.50 -42.40
C GLN H 252 -0.33 35.11 -42.88
N HIS H 253 -1.43 34.41 -42.66
CA HIS H 253 -2.77 34.90 -43.02
C HIS H 253 -3.68 34.82 -41.81
N PRO H 254 -3.57 35.79 -40.87
CA PRO H 254 -4.29 35.76 -39.60
C PRO H 254 -5.81 35.83 -39.78
N GLU H 255 -6.25 36.25 -40.96
CA GLU H 255 -7.67 36.39 -41.26
C GLU H 255 -8.35 35.03 -41.41
N GLN H 256 -7.75 34.20 -42.26
CA GLN H 256 -8.09 32.77 -42.37
C GLN H 256 -7.92 32.04 -41.04
N LEU H 257 -6.85 32.36 -40.32
CA LEU H 257 -6.46 31.59 -39.15
C LEU H 257 -7.47 31.79 -38.01
N LEU H 258 -7.87 33.04 -37.80
CA LEU H 258 -8.98 33.33 -36.89
C LEU H 258 -10.22 32.52 -37.26
N LYS H 259 -10.50 32.43 -38.56
CA LYS H 259 -11.76 31.88 -39.03
C LYS H 259 -11.78 30.36 -38.90
N LEU H 260 -10.62 29.74 -39.14
CA LEU H 260 -10.36 28.40 -38.63
C LEU H 260 -10.68 28.29 -37.15
N ARG H 261 -10.00 29.11 -36.35
CA ARG H 261 -10.08 29.00 -34.89
C ARG H 261 -11.53 28.94 -34.41
N GLU H 262 -12.35 29.84 -34.92
CA GLU H 262 -13.73 29.98 -34.49
C GLU H 262 -14.62 28.85 -35.00
N ASN H 263 -14.13 28.14 -36.02
CA ASN H 263 -14.90 27.08 -36.66
C ASN H 263 -13.99 25.92 -37.10
N PRO H 264 -13.74 24.96 -36.19
CA PRO H 264 -12.84 23.82 -36.43
C PRO H 264 -13.33 22.88 -37.53
N ASP H 265 -14.60 22.99 -37.91
CA ASP H 265 -15.16 22.18 -38.99
C ASP H 265 -14.66 22.61 -40.37
N LEU H 266 -13.99 23.76 -40.41
CA LEU H 266 -13.37 24.26 -41.64
C LEU H 266 -12.01 23.63 -41.91
N ILE H 267 -11.58 22.72 -41.02
CA ILE H 267 -10.25 22.12 -41.09
C ILE H 267 -10.02 21.32 -42.37
N GLY H 268 -11.08 20.68 -42.86
CA GLY H 268 -11.00 19.86 -44.07
C GLY H 268 -10.65 20.69 -45.29
N THR H 269 -11.40 21.75 -45.53
CA THR H 269 -11.18 22.61 -46.68
C THR H 269 -9.94 23.50 -46.52
N ALA H 270 -9.56 23.75 -45.27
CA ALA H 270 -8.36 24.52 -44.97
C ALA H 270 -7.09 23.74 -45.27
N VAL H 271 -7.09 22.45 -44.92
CA VAL H 271 -5.95 21.58 -45.20
C VAL H 271 -5.76 21.36 -46.70
N GLU H 272 -6.86 21.30 -47.45
CA GLU H 272 -6.79 21.17 -48.90
C GLU H 272 -6.19 22.40 -49.57
N GLU H 273 -6.53 23.58 -49.05
CA GLU H 273 -5.97 24.84 -49.55
C GLU H 273 -4.50 24.99 -49.17
N CYS H 274 -4.11 24.45 -48.03
CA CYS H 274 -2.71 24.40 -47.64
C CYS H 274 -1.92 23.50 -48.60
N LEU H 275 -2.51 22.36 -48.95
CA LEU H 275 -1.94 21.44 -49.92
C LEU H 275 -1.76 22.10 -51.30
N ARG H 276 -2.75 22.89 -51.72
CA ARG H 276 -2.68 23.58 -53.00
C ARG H 276 -1.63 24.70 -52.99
N TYR H 277 -1.60 25.47 -51.90
CA TYR H 277 -0.86 26.73 -51.85
C TYR H 277 0.64 26.52 -51.58
N GLU H 278 0.96 25.61 -50.66
CA GLU H 278 2.35 25.27 -50.35
C GLU H 278 2.55 23.76 -50.38
N SER H 279 2.57 23.20 -51.59
CA SER H 279 2.63 21.76 -51.78
CA SER H 279 2.63 21.76 -51.78
C SER H 279 3.94 21.16 -51.25
N PRO H 280 3.84 20.20 -50.32
CA PRO H 280 5.03 19.53 -49.78
C PRO H 280 5.89 18.90 -50.88
N THR H 281 5.25 18.30 -51.88
CA THR H 281 5.95 17.80 -53.06
C THR H 281 5.81 18.79 -54.22
N GLN H 282 6.93 19.29 -54.70
CA GLN H 282 6.94 20.29 -55.76
C GLN H 282 7.11 19.68 -57.14
N MET H 283 7.71 18.49 -57.19
CA MET H 283 8.04 17.86 -58.45
C MET H 283 7.89 16.34 -58.43
N THR H 284 7.34 15.80 -59.51
CA THR H 284 7.57 14.41 -59.88
C THR H 284 8.01 14.33 -61.35
N ALA H 285 8.30 13.12 -61.82
CA ALA H 285 8.94 12.95 -63.12
C ALA H 285 8.42 11.74 -63.88
N ARG H 286 8.45 11.84 -65.22
CA ARG H 286 8.12 10.73 -66.10
C ARG H 286 9.10 10.67 -67.27
N VAL H 287 9.22 9.48 -67.89
CA VAL H 287 9.94 9.33 -69.15
C VAL H 287 8.99 8.86 -70.26
N ALA H 288 9.12 9.45 -71.44
CA ALA H 288 8.31 9.06 -72.59
C ALA H 288 8.79 7.75 -73.19
N SER H 289 7.91 6.75 -73.19
CA SER H 289 8.24 5.43 -73.72
C SER H 289 8.08 5.38 -75.24
N GLU H 290 7.49 6.44 -75.81
CA GLU H 290 7.38 6.60 -77.25
C GLU H 290 7.16 8.08 -77.58
N ASP H 291 7.11 8.39 -78.87
CA ASP H 291 6.82 9.75 -79.31
C ASP H 291 5.37 10.12 -79.02
N ILE H 292 5.18 11.21 -78.29
CA ILE H 292 3.86 11.63 -77.83
C ILE H 292 3.59 13.10 -78.16
N ASP H 293 2.47 13.35 -78.82
CA ASP H 293 2.02 14.72 -79.12
C ASP H 293 1.05 15.21 -78.05
N ILE H 294 1.37 16.34 -77.44
CA ILE H 294 0.51 16.97 -76.44
C ILE H 294 0.67 18.48 -76.45
N CYS H 295 -0.45 19.19 -76.28
CA CYS H 295 -0.44 20.66 -76.14
C CYS H 295 0.42 21.37 -77.18
N GLY H 296 0.39 20.85 -78.41
CA GLY H 296 1.07 21.50 -79.54
C GLY H 296 2.57 21.32 -79.55
N VAL H 297 3.07 20.35 -78.78
CA VAL H 297 4.47 19.95 -78.85
C VAL H 297 4.62 18.44 -78.99
N THR H 298 5.79 18.00 -79.42
CA THR H 298 6.09 16.57 -79.50
C THR H 298 7.20 16.19 -78.55
N ILE H 299 6.88 15.30 -77.61
CA ILE H 299 7.89 14.74 -76.71
C ILE H 299 8.34 13.39 -77.23
N ARG H 300 9.63 13.29 -77.55
CA ARG H 300 10.17 12.11 -78.22
C ARG H 300 10.56 11.02 -77.22
N GLN H 301 10.59 9.78 -77.70
CA GLN H 301 10.95 8.64 -76.88
C GLN H 301 12.26 8.87 -76.15
N GLY H 302 12.26 8.64 -74.83
CA GLY H 302 13.48 8.71 -74.03
C GLY H 302 13.68 10.03 -73.31
N GLU H 303 12.95 11.06 -73.74
CA GLU H 303 13.05 12.39 -73.14
C GLU H 303 12.39 12.44 -71.76
N GLN H 304 12.98 13.26 -70.88
CA GLN H 304 12.51 13.36 -69.49
C GLN H 304 11.46 14.46 -69.34
N VAL H 305 10.44 14.17 -68.54
CA VAL H 305 9.35 15.11 -68.31
C VAL H 305 9.22 15.41 -66.81
N TYR H 306 9.32 16.69 -66.46
CA TYR H 306 9.28 17.08 -65.06
C TYR H 306 8.03 17.87 -64.73
N LEU H 307 7.21 17.28 -63.86
CA LEU H 307 5.92 17.85 -63.53
C LEU H 307 5.98 18.67 -62.26
N LEU H 308 5.80 19.97 -62.39
CA LEU H 308 5.88 20.89 -61.27
C LEU H 308 4.50 21.07 -60.64
N LEU H 309 4.22 20.26 -59.63
CA LEU H 309 2.88 20.17 -59.06
C LEU H 309 2.45 21.46 -58.36
N GLY H 310 3.40 22.12 -57.70
CA GLY H 310 3.15 23.41 -57.08
C GLY H 310 2.79 24.47 -58.10
N ALA H 311 3.43 24.40 -59.27
CA ALA H 311 3.15 25.31 -60.38
C ALA H 311 1.76 25.07 -60.95
N ALA H 312 1.44 23.80 -61.18
CA ALA H 312 0.12 23.41 -61.69
C ALA H 312 -0.99 23.86 -60.74
N ASN H 313 -0.70 23.82 -59.44
CA ASN H 313 -1.65 24.25 -58.41
C ASN H 313 -1.88 25.77 -58.41
N ARG H 314 -1.10 26.49 -59.19
CA ARG H 314 -1.24 27.95 -59.30
C ARG H 314 -1.69 28.37 -60.71
N ASP H 315 -2.23 27.42 -61.47
CA ASP H 315 -2.69 27.66 -62.83
C ASP H 315 -3.98 28.49 -62.81
N PRO H 316 -3.93 29.73 -63.33
CA PRO H 316 -5.04 30.69 -63.25
C PRO H 316 -6.27 30.26 -64.05
N SER H 317 -6.12 29.25 -64.90
CA SER H 317 -7.23 28.76 -65.70
C SER H 317 -8.05 27.70 -64.97
N ILE H 318 -7.57 27.28 -63.80
CA ILE H 318 -8.28 26.33 -62.96
C ILE H 318 -8.66 26.97 -61.62
N PHE H 319 -7.72 27.72 -61.05
CA PHE H 319 -7.92 28.37 -59.77
C PHE H 319 -7.91 29.89 -59.93
N THR H 320 -9.08 30.51 -59.75
CA THR H 320 -9.20 31.97 -59.82
C THR H 320 -8.39 32.62 -58.72
N ASN H 321 -7.67 33.69 -59.06
CA ASN H 321 -6.75 34.34 -58.13
C ASN H 321 -5.86 33.30 -57.43
N PRO H 322 -5.02 32.61 -58.22
CA PRO H 322 -4.33 31.40 -57.74
C PRO H 322 -3.30 31.68 -56.65
N ASP H 323 -2.85 32.93 -56.54
CA ASP H 323 -1.86 33.31 -55.54
C ASP H 323 -2.53 33.81 -54.25
N VAL H 324 -3.86 33.73 -54.20
CA VAL H 324 -4.61 34.07 -53.00
C VAL H 324 -4.87 32.82 -52.15
N PHE H 325 -4.50 32.90 -50.88
CA PHE H 325 -4.75 31.82 -49.93
C PHE H 325 -6.15 31.95 -49.34
N ASP H 326 -7.07 31.08 -49.81
CA ASP H 326 -8.47 31.14 -49.39
C ASP H 326 -8.95 29.77 -48.93
N ILE H 327 -9.10 29.61 -47.62
CA ILE H 327 -9.42 28.31 -47.03
C ILE H 327 -10.86 27.84 -47.30
N THR H 328 -11.66 28.71 -47.91
CA THR H 328 -13.05 28.37 -48.27
C THR H 328 -13.17 27.87 -49.71
N ARG H 329 -12.04 27.80 -50.41
CA ARG H 329 -11.99 27.33 -51.79
C ARG H 329 -12.65 25.95 -51.95
N SER H 330 -13.67 25.88 -52.80
CA SER H 330 -14.44 24.64 -52.99
C SER H 330 -15.01 24.55 -54.41
N PRO H 331 -14.70 23.43 -55.10
CA PRO H 331 -13.82 22.38 -54.63
C PRO H 331 -12.36 22.75 -54.85
N ASN H 332 -11.46 21.82 -54.52
CA ASN H 332 -10.03 22.08 -54.62
C ASN H 332 -9.30 20.91 -55.28
N PRO H 333 -9.37 20.82 -56.62
CA PRO H 333 -8.79 19.68 -57.33
C PRO H 333 -7.28 19.84 -57.55
N HIS H 334 -6.56 20.19 -56.50
CA HIS H 334 -5.10 20.32 -56.55
C HIS H 334 -4.45 18.97 -56.90
N LEU H 335 -3.19 19.03 -57.34
CA LEU H 335 -2.46 17.83 -57.75
C LEU H 335 -1.30 17.51 -56.82
N SER H 336 -1.42 17.95 -55.56
CA SER H 336 -0.35 17.78 -54.59
C SER H 336 -0.05 16.31 -54.28
N PHE H 337 -1.08 15.46 -54.43
CA PHE H 337 -0.93 14.02 -54.21
C PHE H 337 -0.75 13.27 -55.52
N GLY H 338 -0.55 14.01 -56.61
CA GLY H 338 -0.38 13.41 -57.92
C GLY H 338 -1.70 13.11 -58.60
N HIS H 339 -1.67 12.13 -59.51
CA HIS H 339 -2.81 11.83 -60.37
C HIS H 339 -2.54 10.53 -61.14
N GLY H 340 -3.60 9.75 -61.35
CA GLY H 340 -3.49 8.52 -62.13
C GLY H 340 -3.07 7.31 -61.32
N HIS H 341 -2.34 6.40 -61.95
CA HIS H 341 -2.02 5.11 -61.37
C HIS H 341 -1.12 5.19 -60.13
N HIS H 342 -0.28 6.22 -60.08
CA HIS H 342 0.70 6.35 -59.00
C HIS H 342 0.26 7.34 -57.92
N VAL H 343 -1.00 7.76 -57.98
CA VAL H 343 -1.55 8.72 -57.03
C VAL H 343 -1.29 8.27 -55.59
N CYS H 344 -0.96 9.25 -54.73
CA CYS H 344 -0.50 8.97 -53.37
C CYS H 344 -1.31 7.88 -52.67
N LEU H 345 -0.61 6.86 -52.17
CA LEU H 345 -1.24 5.77 -51.46
C LEU H 345 -1.67 6.17 -50.04
N GLY H 346 -0.93 7.08 -49.44
CA GLY H 346 -1.16 7.46 -48.05
C GLY H 346 -1.83 8.80 -47.85
N SER H 347 -2.57 9.25 -48.86
CA SER H 347 -3.16 10.60 -48.85
C SER H 347 -4.18 10.80 -47.73
N SER H 348 -4.94 9.75 -47.43
CA SER H 348 -5.93 9.81 -46.35
C SER H 348 -5.27 9.95 -44.98
N LEU H 349 -4.18 9.20 -44.78
CA LEU H 349 -3.41 9.27 -43.54
C LEU H 349 -2.79 10.66 -43.36
N ALA H 350 -2.17 11.16 -44.42
CA ALA H 350 -1.53 12.48 -44.41
C ALA H 350 -2.52 13.58 -44.05
N ARG H 351 -3.70 13.53 -44.67
CA ARG H 351 -4.77 14.48 -44.39
C ARG H 351 -5.22 14.42 -42.94
N LEU H 352 -5.38 13.20 -42.42
CA LEU H 352 -5.86 13.00 -41.05
C LEU H 352 -4.87 13.49 -40.01
N GLU H 353 -3.58 13.18 -40.22
CA GLU H 353 -2.53 13.66 -39.34
C GLU H 353 -2.50 15.19 -39.28
N ALA H 354 -2.60 15.83 -40.44
CA ALA H 354 -2.57 17.29 -40.54
C ALA H 354 -3.82 17.94 -39.92
N GLN H 355 -4.98 17.36 -40.20
CA GLN H 355 -6.24 17.88 -39.67
C GLN H 355 -6.27 17.88 -38.14
N ILE H 356 -5.86 16.75 -37.55
CA ILE H 356 -5.85 16.60 -36.10
C ILE H 356 -4.79 17.49 -35.47
N ALA H 357 -3.59 17.50 -36.04
CA ALA H 357 -2.48 18.28 -35.51
C ALA H 357 -2.77 19.77 -35.48
N ILE H 358 -3.33 20.28 -36.58
CA ILE H 358 -3.58 21.72 -36.72
C ILE H 358 -4.75 22.19 -35.86
N ASN H 359 -5.86 21.47 -35.90
CA ASN H 359 -7.03 21.82 -35.10
C ASN H 359 -6.74 21.81 -33.60
N THR H 360 -6.00 20.80 -33.15
CA THR H 360 -5.65 20.66 -31.74
C THR H 360 -4.68 21.76 -31.31
N LEU H 361 -3.68 22.05 -32.14
CA LEU H 361 -2.74 23.12 -31.89
C LEU H 361 -3.44 24.46 -31.68
N LEU H 362 -4.38 24.77 -32.56
CA LEU H 362 -5.11 26.03 -32.50
C LEU H 362 -6.05 26.08 -31.30
N GLN H 363 -6.54 24.91 -30.88
CA GLN H 363 -7.41 24.81 -29.71
C GLN H 363 -6.62 25.00 -28.42
N ARG H 364 -5.40 24.45 -28.38
CA ARG H 364 -4.60 24.42 -27.15
C ARG H 364 -3.68 25.64 -27.03
N MET H 365 -3.41 26.31 -28.13
CA MET H 365 -2.60 27.53 -28.13
C MET H 365 -3.38 28.72 -28.68
N PRO H 366 -4.28 29.30 -27.87
CA PRO H 366 -5.19 30.37 -28.28
C PRO H 366 -4.50 31.64 -28.81
N SER H 367 -3.25 31.87 -28.41
CA SER H 367 -2.54 33.09 -28.78
C SER H 367 -1.27 32.79 -29.60
N LEU H 368 -1.38 31.83 -30.51
CA LEU H 368 -0.23 31.39 -31.31
C LEU H 368 0.27 32.48 -32.25
N ASN H 369 1.57 32.74 -32.17
CA ASN H 369 2.21 33.79 -32.98
C ASN H 369 3.53 33.31 -33.58
N LEU H 370 3.93 33.93 -34.67
CA LEU H 370 5.21 33.64 -35.30
C LEU H 370 6.35 34.36 -34.57
N ALA H 371 7.46 33.65 -34.38
CA ALA H 371 8.69 34.27 -33.89
C ALA H 371 9.44 34.92 -35.05
N TRP H 375 12.30 32.98 -42.19
CA TRP H 375 12.20 31.54 -42.33
C TRP H 375 13.17 31.01 -43.38
N ARG H 376 13.65 29.79 -43.18
CA ARG H 376 14.59 29.16 -44.10
C ARG H 376 14.03 27.85 -44.64
N TYR H 377 14.15 27.65 -45.94
CA TYR H 377 13.76 26.39 -46.56
C TYR H 377 14.98 25.49 -46.79
N ARG H 378 14.80 24.19 -46.58
CA ARG H 378 15.83 23.20 -46.90
C ARG H 378 16.18 23.23 -48.38
N PRO H 379 17.45 22.99 -48.72
CA PRO H 379 17.91 23.05 -50.12
C PRO H 379 17.41 21.86 -50.93
N LEU H 380 16.09 21.73 -51.05
CA LEU H 380 15.47 20.71 -51.89
C LEU H 380 14.55 21.38 -52.89
N PHE H 381 14.69 21.01 -54.17
CA PHE H 381 13.88 21.63 -55.21
C PHE H 381 12.61 20.83 -55.51
N GLY H 382 12.65 19.53 -55.27
CA GLY H 382 11.49 18.66 -55.48
C GLY H 382 10.52 18.67 -54.31
N PHE H 383 10.92 19.31 -53.21
CA PHE H 383 10.10 19.37 -52.01
C PHE H 383 10.13 20.75 -51.39
N ARG H 384 9.01 21.17 -50.81
CA ARG H 384 8.94 22.44 -50.10
C ARG H 384 8.98 22.20 -48.59
N ALA H 385 10.18 22.27 -48.01
CA ALA H 385 10.40 21.87 -46.63
C ALA H 385 11.13 22.95 -45.84
N LEU H 386 10.53 23.36 -44.73
CA LEU H 386 11.13 24.37 -43.85
C LEU H 386 12.27 23.77 -43.03
N GLU H 387 13.28 24.59 -42.74
CA GLU H 387 14.36 24.21 -41.85
C GLU H 387 13.84 24.14 -40.41
N GLU H 388 13.20 25.22 -39.97
CA GLU H 388 12.60 25.29 -38.65
C GLU H 388 11.44 26.27 -38.64
N LEU H 389 10.54 26.12 -37.67
CA LEU H 389 9.42 27.02 -37.51
C LEU H 389 9.18 27.35 -36.03
N PRO H 390 9.95 28.32 -35.49
CA PRO H 390 9.78 28.75 -34.11
C PRO H 390 8.52 29.61 -33.92
N VAL H 391 7.74 29.27 -32.90
CA VAL H 391 6.51 30.01 -32.60
C VAL H 391 6.41 30.32 -31.10
N THR H 392 5.55 31.28 -30.75
CA THR H 392 5.26 31.60 -29.36
C THR H 392 3.75 31.55 -29.10
N PHE H 393 3.38 31.31 -27.84
CA PHE H 393 1.97 31.18 -27.46
C PHE H 393 1.70 31.56 -26.00
N GLU H 394 0.45 31.91 -25.72
CA GLU H 394 0.01 32.23 -24.35
C GLU H 394 0.72 33.43 -23.73
#